data_4P7U
# 
_entry.id   4P7U 
# 
_audit_conform.dict_name       mmcif_pdbx.dic 
_audit_conform.dict_version    5.398 
_audit_conform.dict_location   http://mmcif.pdb.org/dictionaries/ascii/mmcif_pdbx.dic 
# 
loop_
_database_2.database_id 
_database_2.database_code 
_database_2.pdbx_database_accession 
_database_2.pdbx_DOI 
PDB   4P7U         pdb_00004p7u 10.2210/pdb4p7u/pdb 
WWPDB D_1000200841 ?            ?                   
# 
loop_
_pdbx_audit_revision_history.ordinal 
_pdbx_audit_revision_history.data_content_type 
_pdbx_audit_revision_history.major_revision 
_pdbx_audit_revision_history.minor_revision 
_pdbx_audit_revision_history.revision_date 
1 'Structure model' 1 0 2015-06-24 
2 'Structure model' 1 1 2015-09-30 
3 'Structure model' 1 2 2017-09-13 
4 'Structure model' 1 3 2019-12-25 
5 'Structure model' 1 4 2023-09-27 
6 'Structure model' 1 5 2024-11-13 
# 
_pdbx_audit_revision_details.ordinal             1 
_pdbx_audit_revision_details.revision_ordinal    1 
_pdbx_audit_revision_details.data_content_type   'Structure model' 
_pdbx_audit_revision_details.provider            repository 
_pdbx_audit_revision_details.type                'Initial release' 
_pdbx_audit_revision_details.description         ? 
_pdbx_audit_revision_details.details             ? 
# 
loop_
_pdbx_audit_revision_group.ordinal 
_pdbx_audit_revision_group.revision_ordinal 
_pdbx_audit_revision_group.data_content_type 
_pdbx_audit_revision_group.group 
1  2 'Structure model' 'Database references'        
2  3 'Structure model' 'Author supporting evidence' 
3  3 'Structure model' 'Derived calculations'       
4  3 'Structure model' 'Refinement description'     
5  4 'Structure model' 'Author supporting evidence' 
6  5 'Structure model' 'Data collection'            
7  5 'Structure model' 'Database references'        
8  5 'Structure model' 'Refinement description'     
9  5 'Structure model' 'Structure summary'          
10 6 'Structure model' 'Structure summary'          
# 
loop_
_pdbx_audit_revision_category.ordinal 
_pdbx_audit_revision_category.revision_ordinal 
_pdbx_audit_revision_category.data_content_type 
_pdbx_audit_revision_category.category 
1  3 'Structure model' pdbx_audit_support            
2  3 'Structure model' pdbx_struct_oper_list         
3  3 'Structure model' software                      
4  4 'Structure model' pdbx_audit_support            
5  5 'Structure model' chem_comp                     
6  5 'Structure model' chem_comp_atom                
7  5 'Structure model' chem_comp_bond                
8  5 'Structure model' database_2                    
9  5 'Structure model' diffrn_radiation_wavelength   
10 5 'Structure model' pdbx_initial_refinement_model 
11 6 'Structure model' pdbx_entry_details            
12 6 'Structure model' pdbx_modification_feature     
# 
loop_
_pdbx_audit_revision_item.ordinal 
_pdbx_audit_revision_item.revision_ordinal 
_pdbx_audit_revision_item.data_content_type 
_pdbx_audit_revision_item.item 
1 3 'Structure model' '_pdbx_audit_support.funding_organization'  
2 3 'Structure model' '_pdbx_struct_oper_list.symmetry_operation' 
3 3 'Structure model' '_software.name'                            
4 4 'Structure model' '_pdbx_audit_support.funding_organization'  
5 5 'Structure model' '_chem_comp.pdbx_synonyms'                  
6 5 'Structure model' '_database_2.pdbx_DOI'                      
7 5 'Structure model' '_database_2.pdbx_database_accession'       
# 
_pdbx_database_status.status_code                     REL 
_pdbx_database_status.status_code_sf                  REL 
_pdbx_database_status.status_code_mr                  . 
_pdbx_database_status.entry_id                        4P7U 
_pdbx_database_status.recvd_initial_deposition_date   2014-03-27 
_pdbx_database_status.SG_entry                        N 
_pdbx_database_status.deposit_site                    RCSB 
_pdbx_database_status.process_site                    RCSB 
_pdbx_database_status.status_code_cs                  . 
_pdbx_database_status.methods_development_category    . 
_pdbx_database_status.pdb_format_compatible           Y 
_pdbx_database_status.status_code_nmr_data            ? 
# 
loop_
_pdbx_database_related.db_name 
_pdbx_database_related.details 
_pdbx_database_related.db_id 
_pdbx_database_related.content_type 
PDB '1M9Z contains the same protein without NDSB-201'                               1M9Z unspecified 
PDB '1PLO contains the solution NMR structure of the same protein without NDSB-201' 1PLO unspecified 
PDB .                                                                               4XJJ unspecified 
# 
loop_
_audit_author.name 
_audit_author.pdbx_ordinal 
'Wangkanont, K.' 1 
'Forest, K.T.'   2 
# 
_citation.abstract                  . 
_citation.abstract_id_CAS           . 
_citation.book_id_ISBN              . 
_citation.book_publisher            ? 
_citation.book_publisher_city       . 
_citation.book_title                . 
_citation.coordinate_linkage        . 
_citation.country                   US 
_citation.database_id_Medline       . 
_citation.details                   . 
_citation.id                        primary 
_citation.journal_abbrev            'Protein Expr.Purif.' 
_citation.journal_id_ASTM           PEXPEJ 
_citation.journal_id_CSD            0757 
_citation.journal_id_ISSN           1096-0279 
_citation.journal_full              . 
_citation.journal_issue             . 
_citation.journal_volume            115 
_citation.language                  . 
_citation.page_first                19 
_citation.page_last                 25 
_citation.title                     
;The non-detergent sulfobetaine-201 acts as a pharmacological chaperone to promote folding and crystallization of the type II TGF-beta receptor extracellular domain.
;
_citation.year                      2015 
_citation.database_id_CSD           . 
_citation.pdbx_database_id_DOI      10.1016/j.pep.2015.06.001 
_citation.pdbx_database_id_PubMed   26073093 
_citation.unpublished_flag          . 
# 
loop_
_citation_author.citation_id 
_citation_author.name 
_citation_author.ordinal 
_citation_author.identifier_ORCID 
primary 'Wangkanont, K.'  1 ? 
primary 'Forest, K.T.'    2 ? 
primary 'Kiessling, L.L.' 3 ? 
# 
loop_
_entity.id 
_entity.type 
_entity.src_method 
_entity.pdbx_description 
_entity.formula_weight 
_entity.pdbx_number_of_molecules 
_entity.pdbx_ec 
_entity.pdbx_mutation 
_entity.pdbx_fragment 
_entity.details 
1 polymer     man 'TGF-beta receptor type-2'           12755.442 1  2.7.11.30 'Q26A K97T' 
'extracellular domain, UNP residues 74-175' ? 
2 non-polymer syn 3-PYRIDINIUM-1-YLPROPANE-1-SULFONATE 201.243   1  ?         ?           ? ? 
3 water       nat water                                18.015    90 ?         ?           ? ? 
# 
_entity_name_com.entity_id   1 
_entity_name_com.name        'TGFR-2,TGF-beta type II receptor,Transforming growth factor-beta receptor type II,TbetaR-II' 
# 
_entity_poly.entity_id                      1 
_entity_poly.type                           'polypeptide(L)' 
_entity_poly.nstd_linkage                   no 
_entity_poly.nstd_monomer                   no 
_entity_poly.pdbx_seq_one_letter_code       
;MALCKFCDVRFSTCDNQKSCMSNCSITSICEKPQEVCVAVWRKNDENITLETVCHDPKLPYHDFILEDAASPTCIMKEKK
KPGETFFMCSCSSDECNDNIIFSEEYNTSNPD
;
_entity_poly.pdbx_seq_one_letter_code_can   
;MALCKFCDVRFSTCDNQKSCMSNCSITSICEKPQEVCVAVWRKNDENITLETVCHDPKLPYHDFILEDAASPTCIMKEKK
KPGETFFMCSCSSDECNDNIIFSEEYNTSNPD
;
_entity_poly.pdbx_strand_id                 A 
_entity_poly.pdbx_target_identifier         ? 
# 
loop_
_pdbx_entity_nonpoly.entity_id 
_pdbx_entity_nonpoly.name 
_pdbx_entity_nonpoly.comp_id 
2 3-PYRIDINIUM-1-YLPROPANE-1-SULFONATE 1PS 
3 water                                HOH 
# 
loop_
_entity_poly_seq.entity_id 
_entity_poly_seq.num 
_entity_poly_seq.mon_id 
_entity_poly_seq.hetero 
1 1   MET n 
1 2   ALA n 
1 3   LEU n 
1 4   CYS n 
1 5   LYS n 
1 6   PHE n 
1 7   CYS n 
1 8   ASP n 
1 9   VAL n 
1 10  ARG n 
1 11  PHE n 
1 12  SER n 
1 13  THR n 
1 14  CYS n 
1 15  ASP n 
1 16  ASN n 
1 17  GLN n 
1 18  LYS n 
1 19  SER n 
1 20  CYS n 
1 21  MET n 
1 22  SER n 
1 23  ASN n 
1 24  CYS n 
1 25  SER n 
1 26  ILE n 
1 27  THR n 
1 28  SER n 
1 29  ILE n 
1 30  CYS n 
1 31  GLU n 
1 32  LYS n 
1 33  PRO n 
1 34  GLN n 
1 35  GLU n 
1 36  VAL n 
1 37  CYS n 
1 38  VAL n 
1 39  ALA n 
1 40  VAL n 
1 41  TRP n 
1 42  ARG n 
1 43  LYS n 
1 44  ASN n 
1 45  ASP n 
1 46  GLU n 
1 47  ASN n 
1 48  ILE n 
1 49  THR n 
1 50  LEU n 
1 51  GLU n 
1 52  THR n 
1 53  VAL n 
1 54  CYS n 
1 55  HIS n 
1 56  ASP n 
1 57  PRO n 
1 58  LYS n 
1 59  LEU n 
1 60  PRO n 
1 61  TYR n 
1 62  HIS n 
1 63  ASP n 
1 64  PHE n 
1 65  ILE n 
1 66  LEU n 
1 67  GLU n 
1 68  ASP n 
1 69  ALA n 
1 70  ALA n 
1 71  SER n 
1 72  PRO n 
1 73  THR n 
1 74  CYS n 
1 75  ILE n 
1 76  MET n 
1 77  LYS n 
1 78  GLU n 
1 79  LYS n 
1 80  LYS n 
1 81  LYS n 
1 82  PRO n 
1 83  GLY n 
1 84  GLU n 
1 85  THR n 
1 86  PHE n 
1 87  PHE n 
1 88  MET n 
1 89  CYS n 
1 90  SER n 
1 91  CYS n 
1 92  SER n 
1 93  SER n 
1 94  ASP n 
1 95  GLU n 
1 96  CYS n 
1 97  ASN n 
1 98  ASP n 
1 99  ASN n 
1 100 ILE n 
1 101 ILE n 
1 102 PHE n 
1 103 SER n 
1 104 GLU n 
1 105 GLU n 
1 106 TYR n 
1 107 ASN n 
1 108 THR n 
1 109 SER n 
1 110 ASN n 
1 111 PRO n 
1 112 ASP n 
# 
_entity_src_gen.entity_id                          1 
_entity_src_gen.pdbx_src_id                        1 
_entity_src_gen.pdbx_alt_source_flag               sample 
_entity_src_gen.pdbx_seq_type                      'Biological sequence' 
_entity_src_gen.pdbx_beg_seq_num                   1 
_entity_src_gen.pdbx_end_seq_num                   112 
_entity_src_gen.gene_src_common_name               Human 
_entity_src_gen.gene_src_genus                     ? 
_entity_src_gen.pdbx_gene_src_gene                 TGFBR2 
_entity_src_gen.gene_src_species                   ? 
_entity_src_gen.gene_src_strain                    ? 
_entity_src_gen.gene_src_tissue                    ? 
_entity_src_gen.gene_src_tissue_fraction           ? 
_entity_src_gen.gene_src_details                   ? 
_entity_src_gen.pdbx_gene_src_fragment             ? 
_entity_src_gen.pdbx_gene_src_scientific_name      'Homo sapiens' 
_entity_src_gen.pdbx_gene_src_ncbi_taxonomy_id     9606 
_entity_src_gen.pdbx_gene_src_variant              ? 
_entity_src_gen.pdbx_gene_src_cell_line            ? 
_entity_src_gen.pdbx_gene_src_atcc                 ? 
_entity_src_gen.pdbx_gene_src_organ                ? 
_entity_src_gen.pdbx_gene_src_organelle            ? 
_entity_src_gen.pdbx_gene_src_cell                 ? 
_entity_src_gen.pdbx_gene_src_cellular_location    ? 
_entity_src_gen.host_org_common_name               ? 
_entity_src_gen.pdbx_host_org_scientific_name      'Escherichia coli' 
_entity_src_gen.pdbx_host_org_ncbi_taxonomy_id     469008 
_entity_src_gen.host_org_genus                     ? 
_entity_src_gen.pdbx_host_org_gene                 ? 
_entity_src_gen.pdbx_host_org_organ                ? 
_entity_src_gen.host_org_species                   ? 
_entity_src_gen.pdbx_host_org_tissue               ? 
_entity_src_gen.pdbx_host_org_tissue_fraction      ? 
_entity_src_gen.pdbx_host_org_strain               'BL21 (DE3)' 
_entity_src_gen.pdbx_host_org_variant              ? 
_entity_src_gen.pdbx_host_org_cell_line            ? 
_entity_src_gen.pdbx_host_org_atcc                 ? 
_entity_src_gen.pdbx_host_org_culture_collection   ? 
_entity_src_gen.pdbx_host_org_cell                 ? 
_entity_src_gen.pdbx_host_org_organelle            ? 
_entity_src_gen.pdbx_host_org_cellular_location    ? 
_entity_src_gen.pdbx_host_org_vector_type          plasmid 
_entity_src_gen.pdbx_host_org_vector               ? 
_entity_src_gen.host_org_details                   ? 
_entity_src_gen.expression_system_id               ? 
_entity_src_gen.plasmid_name                       pET24 
_entity_src_gen.plasmid_details                    ? 
_entity_src_gen.pdbx_description                   ? 
# 
loop_
_chem_comp.id 
_chem_comp.type 
_chem_comp.mon_nstd_flag 
_chem_comp.name 
_chem_comp.pdbx_synonyms 
_chem_comp.formula 
_chem_comp.formula_weight 
1PS non-polymer         . 3-PYRIDINIUM-1-YLPROPANE-1-SULFONATE '1-(3-SULFOPROPYL) PYRIDINIUM; PPS' 'C8 H11 N O3 S'  201.243 
ALA 'L-peptide linking' y ALANINE                              ?                                   'C3 H7 N O2'     89.093  
ARG 'L-peptide linking' y ARGININE                             ?                                   'C6 H15 N4 O2 1' 175.209 
ASN 'L-peptide linking' y ASPARAGINE                           ?                                   'C4 H8 N2 O3'    132.118 
ASP 'L-peptide linking' y 'ASPARTIC ACID'                      ?                                   'C4 H7 N O4'     133.103 
CYS 'L-peptide linking' y CYSTEINE                             ?                                   'C3 H7 N O2 S'   121.158 
GLN 'L-peptide linking' y GLUTAMINE                            ?                                   'C5 H10 N2 O3'   146.144 
GLU 'L-peptide linking' y 'GLUTAMIC ACID'                      ?                                   'C5 H9 N O4'     147.129 
GLY 'peptide linking'   y GLYCINE                              ?                                   'C2 H5 N O2'     75.067  
HIS 'L-peptide linking' y HISTIDINE                            ?                                   'C6 H10 N3 O2 1' 156.162 
HOH non-polymer         . WATER                                ?                                   'H2 O'           18.015  
ILE 'L-peptide linking' y ISOLEUCINE                           ?                                   'C6 H13 N O2'    131.173 
LEU 'L-peptide linking' y LEUCINE                              ?                                   'C6 H13 N O2'    131.173 
LYS 'L-peptide linking' y LYSINE                               ?                                   'C6 H15 N2 O2 1' 147.195 
MET 'L-peptide linking' y METHIONINE                           ?                                   'C5 H11 N O2 S'  149.211 
PHE 'L-peptide linking' y PHENYLALANINE                        ?                                   'C9 H11 N O2'    165.189 
PRO 'L-peptide linking' y PROLINE                              ?                                   'C5 H9 N O2'     115.130 
SER 'L-peptide linking' y SERINE                               ?                                   'C3 H7 N O3'     105.093 
THR 'L-peptide linking' y THREONINE                            ?                                   'C4 H9 N O3'     119.119 
TRP 'L-peptide linking' y TRYPTOPHAN                           ?                                   'C11 H12 N2 O2'  204.225 
TYR 'L-peptide linking' y TYROSINE                             ?                                   'C9 H11 N O3'    181.189 
VAL 'L-peptide linking' y VALINE                               ?                                   'C5 H11 N O2'    117.146 
# 
loop_
_pdbx_poly_seq_scheme.asym_id 
_pdbx_poly_seq_scheme.entity_id 
_pdbx_poly_seq_scheme.seq_id 
_pdbx_poly_seq_scheme.mon_id 
_pdbx_poly_seq_scheme.ndb_seq_num 
_pdbx_poly_seq_scheme.pdb_seq_num 
_pdbx_poly_seq_scheme.auth_seq_num 
_pdbx_poly_seq_scheme.pdb_mon_id 
_pdbx_poly_seq_scheme.auth_mon_id 
_pdbx_poly_seq_scheme.pdb_strand_id 
_pdbx_poly_seq_scheme.pdb_ins_code 
_pdbx_poly_seq_scheme.hetero 
A 1 1   MET 1   25  ?   ?   ?   A . n 
A 1 2   ALA 2   26  26  ALA ALA A . n 
A 1 3   LEU 3   27  27  LEU LEU A . n 
A 1 4   CYS 4   28  28  CYS CYS A . n 
A 1 5   LYS 5   29  29  LYS LYS A . n 
A 1 6   PHE 6   30  30  PHE PHE A . n 
A 1 7   CYS 7   31  31  CYS CYS A . n 
A 1 8   ASP 8   32  32  ASP ASP A . n 
A 1 9   VAL 9   33  33  VAL VAL A . n 
A 1 10  ARG 10  34  34  ARG ARG A . n 
A 1 11  PHE 11  35  35  PHE PHE A . n 
A 1 12  SER 12  36  36  SER SER A . n 
A 1 13  THR 13  37  37  THR THR A . n 
A 1 14  CYS 14  38  38  CYS CYS A . n 
A 1 15  ASP 15  39  39  ASP ASP A . n 
A 1 16  ASN 16  40  40  ASN ASN A . n 
A 1 17  GLN 17  41  41  GLN GLN A . n 
A 1 18  LYS 18  42  42  LYS LYS A . n 
A 1 19  SER 19  43  43  SER SER A . n 
A 1 20  CYS 20  44  44  CYS CYS A . n 
A 1 21  MET 21  45  45  MET MET A . n 
A 1 22  SER 22  46  46  SER SER A . n 
A 1 23  ASN 23  47  47  ASN ASN A . n 
A 1 24  CYS 24  48  48  CYS CYS A . n 
A 1 25  SER 25  49  49  SER SER A . n 
A 1 26  ILE 26  50  50  ILE ILE A . n 
A 1 27  THR 27  51  51  THR THR A . n 
A 1 28  SER 28  52  52  SER SER A . n 
A 1 29  ILE 29  53  53  ILE ILE A . n 
A 1 30  CYS 30  54  54  CYS CYS A . n 
A 1 31  GLU 31  55  55  GLU GLU A . n 
A 1 32  LYS 32  56  56  LYS LYS A . n 
A 1 33  PRO 33  57  57  PRO PRO A . n 
A 1 34  GLN 34  58  58  GLN GLN A . n 
A 1 35  GLU 35  59  59  GLU GLU A . n 
A 1 36  VAL 36  60  60  VAL VAL A . n 
A 1 37  CYS 37  61  61  CYS CYS A . n 
A 1 38  VAL 38  62  62  VAL VAL A . n 
A 1 39  ALA 39  63  63  ALA ALA A . n 
A 1 40  VAL 40  64  64  VAL VAL A . n 
A 1 41  TRP 41  65  65  TRP TRP A . n 
A 1 42  ARG 42  66  66  ARG ARG A . n 
A 1 43  LYS 43  67  67  LYS LYS A . n 
A 1 44  ASN 44  68  68  ASN ASN A . n 
A 1 45  ASP 45  69  69  ASP ASP A . n 
A 1 46  GLU 46  70  70  GLU GLU A . n 
A 1 47  ASN 47  71  71  ASN ASN A . n 
A 1 48  ILE 48  72  72  ILE ILE A . n 
A 1 49  THR 49  73  73  THR THR A . n 
A 1 50  LEU 50  74  74  LEU LEU A . n 
A 1 51  GLU 51  75  75  GLU GLU A . n 
A 1 52  THR 52  76  76  THR THR A . n 
A 1 53  VAL 53  77  77  VAL VAL A . n 
A 1 54  CYS 54  78  78  CYS CYS A . n 
A 1 55  HIS 55  79  79  HIS HIS A . n 
A 1 56  ASP 56  80  80  ASP ASP A . n 
A 1 57  PRO 57  81  81  PRO PRO A . n 
A 1 58  LYS 58  82  82  LYS LYS A . n 
A 1 59  LEU 59  83  83  LEU LEU A . n 
A 1 60  PRO 60  84  84  PRO PRO A . n 
A 1 61  TYR 61  85  85  TYR TYR A . n 
A 1 62  HIS 62  86  86  HIS HIS A . n 
A 1 63  ASP 63  87  87  ASP ASP A . n 
A 1 64  PHE 64  88  88  PHE PHE A . n 
A 1 65  ILE 65  89  89  ILE ILE A . n 
A 1 66  LEU 66  90  90  LEU LEU A . n 
A 1 67  GLU 67  91  91  GLU GLU A . n 
A 1 68  ASP 68  92  92  ASP ASP A . n 
A 1 69  ALA 69  93  93  ALA ALA A . n 
A 1 70  ALA 70  94  94  ALA ALA A . n 
A 1 71  SER 71  95  95  SER SER A . n 
A 1 72  PRO 72  96  96  PRO PRO A . n 
A 1 73  THR 73  97  97  THR THR A . n 
A 1 74  CYS 74  98  98  CYS CYS A . n 
A 1 75  ILE 75  99  99  ILE ILE A . n 
A 1 76  MET 76  100 100 MET MET A . n 
A 1 77  LYS 77  101 101 LYS LYS A . n 
A 1 78  GLU 78  102 102 GLU GLU A . n 
A 1 79  LYS 79  103 103 LYS LYS A . n 
A 1 80  LYS 80  104 104 LYS LYS A . n 
A 1 81  LYS 81  105 105 LYS LYS A . n 
A 1 82  PRO 82  106 106 PRO PRO A . n 
A 1 83  GLY 83  107 107 GLY GLY A . n 
A 1 84  GLU 84  108 108 GLU GLU A . n 
A 1 85  THR 85  109 109 THR THR A . n 
A 1 86  PHE 86  110 110 PHE PHE A . n 
A 1 87  PHE 87  111 111 PHE PHE A . n 
A 1 88  MET 88  112 112 MET MET A . n 
A 1 89  CYS 89  113 113 CYS CYS A . n 
A 1 90  SER 90  114 114 SER SER A . n 
A 1 91  CYS 91  115 115 CYS CYS A . n 
A 1 92  SER 92  116 116 SER SER A . n 
A 1 93  SER 93  117 117 SER SER A . n 
A 1 94  ASP 94  118 118 ASP ASP A . n 
A 1 95  GLU 95  119 119 GLU GLU A . n 
A 1 96  CYS 96  120 120 CYS CYS A . n 
A 1 97  ASN 97  121 121 ASN ASN A . n 
A 1 98  ASP 98  122 122 ASP ASP A . n 
A 1 99  ASN 99  123 123 ASN ASN A . n 
A 1 100 ILE 100 124 124 ILE ILE A . n 
A 1 101 ILE 101 125 125 ILE ILE A . n 
A 1 102 PHE 102 126 126 PHE PHE A . n 
A 1 103 SER 103 127 127 SER SER A . n 
A 1 104 GLU 104 128 ?   ?   ?   A . n 
A 1 105 GLU 105 129 ?   ?   ?   A . n 
A 1 106 TYR 106 130 ?   ?   ?   A . n 
A 1 107 ASN 107 131 ?   ?   ?   A . n 
A 1 108 THR 108 132 ?   ?   ?   A . n 
A 1 109 SER 109 133 ?   ?   ?   A . n 
A 1 110 ASN 110 134 ?   ?   ?   A . n 
A 1 111 PRO 111 135 ?   ?   ?   A . n 
A 1 112 ASP 112 136 ?   ?   ?   A . n 
# 
loop_
_pdbx_nonpoly_scheme.asym_id 
_pdbx_nonpoly_scheme.entity_id 
_pdbx_nonpoly_scheme.mon_id 
_pdbx_nonpoly_scheme.ndb_seq_num 
_pdbx_nonpoly_scheme.pdb_seq_num 
_pdbx_nonpoly_scheme.auth_seq_num 
_pdbx_nonpoly_scheme.pdb_mon_id 
_pdbx_nonpoly_scheme.auth_mon_id 
_pdbx_nonpoly_scheme.pdb_strand_id 
_pdbx_nonpoly_scheme.pdb_ins_code 
B 2 1PS 1  201 1  1PS 1PS A . 
C 3 HOH 1  301 80 HOH HOH A . 
C 3 HOH 2  302 76 HOH HOH A . 
C 3 HOH 3  303 67 HOH HOH A . 
C 3 HOH 4  304 23 HOH HOH A . 
C 3 HOH 5  305 44 HOH HOH A . 
C 3 HOH 6  306 83 HOH HOH A . 
C 3 HOH 7  307 17 HOH HOH A . 
C 3 HOH 8  308 90 HOH HOH A . 
C 3 HOH 9  309 38 HOH HOH A . 
C 3 HOH 10 310 69 HOH HOH A . 
C 3 HOH 11 311 55 HOH HOH A . 
C 3 HOH 12 312 47 HOH HOH A . 
C 3 HOH 13 313 11 HOH HOH A . 
C 3 HOH 14 314 45 HOH HOH A . 
C 3 HOH 15 315 21 HOH HOH A . 
C 3 HOH 16 316 39 HOH HOH A . 
C 3 HOH 17 317 59 HOH HOH A . 
C 3 HOH 18 318 61 HOH HOH A . 
C 3 HOH 19 319 20 HOH HOH A . 
C 3 HOH 20 320 71 HOH HOH A . 
C 3 HOH 21 321 30 HOH HOH A . 
C 3 HOH 22 322 28 HOH HOH A . 
C 3 HOH 23 323 8  HOH HOH A . 
C 3 HOH 24 324 10 HOH HOH A . 
C 3 HOH 25 325 58 HOH HOH A . 
C 3 HOH 26 326 50 HOH HOH A . 
C 3 HOH 27 327 53 HOH HOH A . 
C 3 HOH 28 328 13 HOH HOH A . 
C 3 HOH 29 329 33 HOH HOH A . 
C 3 HOH 30 330 16 HOH HOH A . 
C 3 HOH 31 331 32 HOH HOH A . 
C 3 HOH 32 332 9  HOH HOH A . 
C 3 HOH 33 333 19 HOH HOH A . 
C 3 HOH 34 334 24 HOH HOH A . 
C 3 HOH 35 335 57 HOH HOH A . 
C 3 HOH 36 336 25 HOH HOH A . 
C 3 HOH 37 337 29 HOH HOH A . 
C 3 HOH 38 338 22 HOH HOH A . 
C 3 HOH 39 339 49 HOH HOH A . 
C 3 HOH 40 340 87 HOH HOH A . 
C 3 HOH 41 341 78 HOH HOH A . 
C 3 HOH 42 342 27 HOH HOH A . 
C 3 HOH 43 343 86 HOH HOH A . 
C 3 HOH 44 344 88 HOH HOH A . 
C 3 HOH 45 345 1  HOH HOH A . 
C 3 HOH 46 346 2  HOH HOH A . 
C 3 HOH 47 347 3  HOH HOH A . 
C 3 HOH 48 348 4  HOH HOH A . 
C 3 HOH 49 349 5  HOH HOH A . 
C 3 HOH 50 350 6  HOH HOH A . 
C 3 HOH 51 351 7  HOH HOH A . 
C 3 HOH 52 352 12 HOH HOH A . 
C 3 HOH 53 353 14 HOH HOH A . 
C 3 HOH 54 354 15 HOH HOH A . 
C 3 HOH 55 355 18 HOH HOH A . 
C 3 HOH 56 356 26 HOH HOH A . 
C 3 HOH 57 357 31 HOH HOH A . 
C 3 HOH 58 358 34 HOH HOH A . 
C 3 HOH 59 359 35 HOH HOH A . 
C 3 HOH 60 360 36 HOH HOH A . 
C 3 HOH 61 361 37 HOH HOH A . 
C 3 HOH 62 362 40 HOH HOH A . 
C 3 HOH 63 363 41 HOH HOH A . 
C 3 HOH 64 364 42 HOH HOH A . 
C 3 HOH 65 365 43 HOH HOH A . 
C 3 HOH 66 366 46 HOH HOH A . 
C 3 HOH 67 367 48 HOH HOH A . 
C 3 HOH 68 368 51 HOH HOH A . 
C 3 HOH 69 369 52 HOH HOH A . 
C 3 HOH 70 370 54 HOH HOH A . 
C 3 HOH 71 371 56 HOH HOH A . 
C 3 HOH 72 372 60 HOH HOH A . 
C 3 HOH 73 373 62 HOH HOH A . 
C 3 HOH 74 374 63 HOH HOH A . 
C 3 HOH 75 375 64 HOH HOH A . 
C 3 HOH 76 376 65 HOH HOH A . 
C 3 HOH 77 377 66 HOH HOH A . 
C 3 HOH 78 378 68 HOH HOH A . 
C 3 HOH 79 379 70 HOH HOH A . 
C 3 HOH 80 380 72 HOH HOH A . 
C 3 HOH 81 381 73 HOH HOH A . 
C 3 HOH 82 382 74 HOH HOH A . 
C 3 HOH 83 383 75 HOH HOH A . 
C 3 HOH 84 384 77 HOH HOH A . 
C 3 HOH 85 385 79 HOH HOH A . 
C 3 HOH 86 386 81 HOH HOH A . 
C 3 HOH 87 387 82 HOH HOH A . 
C 3 HOH 88 388 84 HOH HOH A . 
C 3 HOH 89 389 85 HOH HOH A . 
C 3 HOH 90 390 89 HOH HOH A . 
# 
loop_
_software.citation_id 
_software.classification 
_software.compiler_name 
_software.compiler_version 
_software.contact_author 
_software.contact_author_email 
_software.date 
_software.description 
_software.dependencies 
_software.hardware 
_software.language 
_software.location 
_software.mods 
_software.name 
_software.os 
_software.os_version 
_software.type 
_software.version 
_software.pdbx_ordinal 
? refinement        ? ? ? ? ? ? ? ? ? ? ? PHENIX      ? ? ? 1.8.1_1168 1 
? 'data reduction'  . . . . . . . . . . . DENZO       . . . .          2 
? 'data extraction' . . . . . . . . . . . PDB_EXTRACT . . . 3.14       3 
? 'data scaling'    ? ? ? ? ? ? ? ? ? ? ? SCALEPACK   ? ? ? .          4 
? phasing           ? ? ? ? ? ? ? ? ? ? ? PHASER      ? ? ? .          5 
# 
_cell.length_a           33.574 
_cell.length_b           40.463 
_cell.length_c           75.837 
_cell.angle_alpha        90.000 
_cell.angle_beta         90.000 
_cell.angle_gamma        90.000 
_cell.entry_id           4P7U 
_cell.Z_PDB              4 
_cell.pdbx_unique_axis   ? 
# 
_symmetry.space_group_name_H-M             'P 21 21 21' 
_symmetry.entry_id                         4P7U 
_symmetry.Int_Tables_number                19 
_symmetry.pdbx_full_space_group_name_H-M   ? 
_symmetry.cell_setting                     ? 
# 
_exptl.absorpt_coefficient_mu     . 
_exptl.absorpt_correction_T_max   . 
_exptl.absorpt_correction_T_min   . 
_exptl.absorpt_correction_type    . 
_exptl.absorpt_process_details    . 
_exptl.entry_id                   4P7U 
_exptl.crystals_number            1 
_exptl.details                    . 
_exptl.method                     'X-RAY DIFFRACTION' 
_exptl.method_details             . 
# 
_exptl_crystal.colour                      . 
_exptl_crystal.density_diffrn              . 
_exptl_crystal.density_Matthews            2.044 
_exptl_crystal.density_method              . 
_exptl_crystal.density_percent_sol         39.9 
_exptl_crystal.description                 . 
_exptl_crystal.F_000                       . 
_exptl_crystal.id                          1 
_exptl_crystal.preparation                 . 
_exptl_crystal.size_max                    . 
_exptl_crystal.size_mid                    . 
_exptl_crystal.size_min                    . 
_exptl_crystal.size_rad                    . 
_exptl_crystal.colour_lustre               . 
_exptl_crystal.colour_modifier             . 
_exptl_crystal.colour_primary              . 
_exptl_crystal.density_meas                . 
_exptl_crystal.density_meas_esd            . 
_exptl_crystal.density_meas_gt             . 
_exptl_crystal.density_meas_lt             . 
_exptl_crystal.density_meas_temp           . 
_exptl_crystal.density_meas_temp_esd       . 
_exptl_crystal.density_meas_temp_gt        . 
_exptl_crystal.density_meas_temp_lt        . 
_exptl_crystal.pdbx_crystal_image_url      . 
_exptl_crystal.pdbx_crystal_image_format   . 
_exptl_crystal.pdbx_mosaicity              . 
_exptl_crystal.pdbx_mosaicity_esd          . 
# 
_exptl_crystal_grow.apparatus       . 
_exptl_crystal_grow.atmosphere      . 
_exptl_crystal_grow.crystal_id      1 
_exptl_crystal_grow.details         . 
_exptl_crystal_grow.method          'VAPOR DIFFUSION, HANGING DROP' 
_exptl_crystal_grow.method_ref      . 
_exptl_crystal_grow.pH              5.0 
_exptl_crystal_grow.pressure        . 
_exptl_crystal_grow.pressure_esd    . 
_exptl_crystal_grow.seeding         . 
_exptl_crystal_grow.seeding_ref     . 
_exptl_crystal_grow.temp            298 
_exptl_crystal_grow.temp_details    . 
_exptl_crystal_grow.temp_esd        . 
_exptl_crystal_grow.time            . 
_exptl_crystal_grow.pdbx_details    '100 mM sodium citrate, 30% PEG 2000' 
_exptl_crystal_grow.pdbx_pH_range   . 
# 
_diffrn.ambient_environment    . 
_diffrn.ambient_temp           100 
_diffrn.ambient_temp_details   . 
_diffrn.ambient_temp_esd       . 
_diffrn.crystal_id             1 
_diffrn.crystal_support        . 
_diffrn.crystal_treatment      . 
_diffrn.details                . 
_diffrn.id                     1 
_diffrn.ambient_pressure       . 
_diffrn.ambient_pressure_esd   . 
_diffrn.ambient_pressure_gt    . 
_diffrn.ambient_pressure_lt    . 
_diffrn.ambient_temp_gt        . 
_diffrn.ambient_temp_lt        . 
# 
_diffrn_detector.details                      . 
_diffrn_detector.detector                     CCD 
_diffrn_detector.diffrn_id                    1 
_diffrn_detector.type                         'MARMOSAIC 300 mm CCD' 
_diffrn_detector.area_resol_mean              . 
_diffrn_detector.dtime                        . 
_diffrn_detector.pdbx_frames_total            . 
_diffrn_detector.pdbx_collection_time_total   . 
_diffrn_detector.pdbx_collection_date         2013-04-20 
# 
_diffrn_radiation.collimation                      . 
_diffrn_radiation.diffrn_id                        1 
_diffrn_radiation.filter_edge                      . 
_diffrn_radiation.inhomogeneity                    . 
_diffrn_radiation.monochromator                    'Si(111)' 
_diffrn_radiation.polarisn_norm                    . 
_diffrn_radiation.polarisn_ratio                   . 
_diffrn_radiation.probe                            . 
_diffrn_radiation.type                             . 
_diffrn_radiation.xray_symbol                      . 
_diffrn_radiation.wavelength_id                    1 
_diffrn_radiation.pdbx_monochromatic_or_laue_m_l   M 
_diffrn_radiation.pdbx_wavelength_list             . 
_diffrn_radiation.pdbx_wavelength                  . 
_diffrn_radiation.pdbx_diffrn_protocol             'SINGLE WAVELENGTH' 
_diffrn_radiation.pdbx_analyzer                    . 
_diffrn_radiation.pdbx_scattering_type             x-ray 
# 
_diffrn_radiation_wavelength.id           1 
_diffrn_radiation_wavelength.wavelength   0.9792 
_diffrn_radiation_wavelength.wt           1.0 
# 
_diffrn_source.current                     . 
_diffrn_source.details                     . 
_diffrn_source.diffrn_id                   1 
_diffrn_source.power                       . 
_diffrn_source.size                        . 
_diffrn_source.source                      SYNCHROTRON 
_diffrn_source.target                      . 
_diffrn_source.type                        'APS BEAMLINE 21-ID-D' 
_diffrn_source.voltage                     . 
_diffrn_source.take-off_angle              . 
_diffrn_source.pdbx_wavelength_list        0.9792 
_diffrn_source.pdbx_wavelength             . 
_diffrn_source.pdbx_synchrotron_beamline   21-ID-D 
_diffrn_source.pdbx_synchrotron_site       APS 
# 
_reflns.B_iso_Wilson_estimate            17.960 
_reflns.entry_id                         4P7U 
_reflns.data_reduction_details           . 
_reflns.data_reduction_method            . 
_reflns.d_resolution_high                1.500 
_reflns.d_resolution_low                 22.100 
_reflns.details                          . 
_reflns.limit_h_max                      . 
_reflns.limit_h_min                      . 
_reflns.limit_k_max                      . 
_reflns.limit_k_min                      . 
_reflns.limit_l_max                      . 
_reflns.limit_l_min                      . 
_reflns.number_all                       . 
_reflns.number_obs                       17064 
_reflns.observed_criterion               . 
_reflns.observed_criterion_F_max         . 
_reflns.observed_criterion_F_min         . 
_reflns.observed_criterion_I_max         . 
_reflns.observed_criterion_I_min         . 
_reflns.observed_criterion_sigma_F       . 
_reflns.observed_criterion_sigma_I       . 
_reflns.percent_possible_obs             99.500 
_reflns.R_free_details                   . 
_reflns.Rmerge_F_all                     . 
_reflns.Rmerge_F_obs                     . 
_reflns.Friedel_coverage                 . 
_reflns.number_gt                        . 
_reflns.threshold_expression             . 
_reflns.pdbx_redundancy                  6.100 
_reflns.pdbx_Rmerge_I_obs                0.054 
_reflns.pdbx_Rmerge_I_all                . 
_reflns.pdbx_Rsym_value                  . 
_reflns.pdbx_netI_over_av_sigmaI         33.320 
_reflns.pdbx_netI_over_sigmaI            11.900 
_reflns.pdbx_res_netI_over_av_sigmaI_2   . 
_reflns.pdbx_res_netI_over_sigmaI_2      . 
_reflns.pdbx_chi_squared                 1.063 
_reflns.pdbx_scaling_rejects             . 
_reflns.pdbx_d_res_high_opt              . 
_reflns.pdbx_d_res_low_opt               . 
_reflns.pdbx_d_res_opt_method            . 
_reflns.phase_calculation_details        . 
_reflns.pdbx_Rrim_I_all                  . 
_reflns.pdbx_Rpim_I_all                  . 
_reflns.pdbx_d_opt                       . 
_reflns.pdbx_number_measured_all         104863 
_reflns.pdbx_diffrn_id                   1 
_reflns.pdbx_ordinal                     1 
# 
loop_
_reflns_shell.d_res_high 
_reflns_shell.d_res_low 
_reflns_shell.meanI_over_sigI_all 
_reflns_shell.meanI_over_sigI_obs 
_reflns_shell.number_measured_all 
_reflns_shell.number_measured_obs 
_reflns_shell.number_possible 
_reflns_shell.number_unique_all 
_reflns_shell.number_unique_obs 
_reflns_shell.percent_possible_all 
_reflns_shell.percent_possible_obs 
_reflns_shell.Rmerge_F_all 
_reflns_shell.Rmerge_F_obs 
_reflns_shell.Rmerge_I_all 
_reflns_shell.Rmerge_I_obs 
_reflns_shell.meanI_over_sigI_gt 
_reflns_shell.meanI_over_uI_all 
_reflns_shell.meanI_over_uI_gt 
_reflns_shell.number_measured_gt 
_reflns_shell.number_unique_gt 
_reflns_shell.percent_possible_gt 
_reflns_shell.Rmerge_F_gt 
_reflns_shell.Rmerge_I_gt 
_reflns_shell.pdbx_redundancy 
_reflns_shell.pdbx_Rsym_value 
_reflns_shell.pdbx_chi_squared 
_reflns_shell.pdbx_netI_over_sigmaI_all 
_reflns_shell.pdbx_netI_over_sigmaI_obs 
_reflns_shell.pdbx_Rrim_I_all 
_reflns_shell.pdbx_Rpim_I_all 
_reflns_shell.pdbx_rejects 
_reflns_shell.pdbx_ordinal 
_reflns_shell.pdbx_diffrn_id 
1.500 1.550  . . . . . 1653 . 98.500  . . . . 0.419 . . . . . . . . 6.100 . 0.748 . . . . 0 1  1 
1.550 1.620  . . . . . 1651 . 98.800  . . . . 0.315 . . . . . . . . 6.200 . 0.813 . . . . 0 2  1 
1.620 1.690  . . . . . 1676 . 99.200  . . . . 0.233 . . . . . . . . 6.200 . 0.874 . . . . 0 3  1 
1.690 1.780  . . . . . 1676 . 99.400  . . . . 0.166 . . . . . . . . 6.300 . 0.925 . . . . 0 4  1 
1.780 1.890  . . . . . 1665 . 99.700  . . . . 0.122 . . . . . . . . 6.300 . 0.974 . . . . 0 5  1 
1.890 2.040  . . . . . 1706 . 99.800  . . . . 0.092 . . . . . . . . 6.100 . 1.294 . . . . 0 6  1 
2.040 2.240  . . . . . 1721 . 99.900  . . . . 0.074 . . . . . . . . 6.200 . 1.356 . . . . 0 7  1 
2.240 2.560  . . . . . 1707 . 100.000 . . . . 0.054 . . . . . . . . 6.300 . 1.125 . . . . 0 8  1 
2.560 3.230  . . . . . 1747 . 100.000 . . . . 0.044 . . . . . . . . 6.200 . 1.122 . . . . 0 9  1 
3.230 22.100 . . . . . 1862 . 99.900  . . . . 0.041 . . . . . . . . 5.700 . 1.373 . . . . 0 10 1 
# 
_refine.entry_id                                 4P7U 
_refine.pdbx_refine_id                           'X-RAY DIFFRACTION' 
_refine.ls_d_res_high                            1.5020 
_refine.ls_d_res_low                             21.4390 
_refine.pdbx_ls_sigma_F                          1.360 
_refine.pdbx_data_cutoff_high_absF               ? 
_refine.pdbx_data_cutoff_low_absF                ? 
_refine.ls_percent_reflns_obs                    99.4600 
_refine.ls_number_reflns_obs                     17020 
_refine.ls_number_reflns_all                     ? 
_refine.pdbx_ls_cross_valid_method               'FREE R-VALUE' 
_refine.ls_matrix_type                           ? 
_refine.pdbx_R_Free_selection_details            'random selection' 
_refine.details                                  ? 
_refine.ls_R_factor_all                          ? 
_refine.ls_R_factor_obs                          0.1740 
_refine.ls_R_factor_R_work                       0.1705 
_refine.ls_wR_factor_R_work                      ? 
_refine.ls_R_factor_R_free                       0.2058 
_refine.ls_wR_factor_R_free                      ? 
_refine.ls_percent_reflns_R_free                 10.0100 
_refine.ls_number_reflns_R_free                  1703 
_refine.ls_number_reflns_R_work                  15317 
_refine.ls_R_factor_R_free_error                 ? 
_refine.B_iso_mean                               22.3415 
_refine.solvent_model_param_bsol                 ? 
_refine.solvent_model_param_ksol                 ? 
_refine.pdbx_isotropic_thermal_model             ? 
_refine.aniso_B[1][1]                            ? 
_refine.aniso_B[2][2]                            ? 
_refine.aniso_B[3][3]                            ? 
_refine.aniso_B[1][2]                            ? 
_refine.aniso_B[1][3]                            ? 
_refine.aniso_B[2][3]                            ? 
_refine.correlation_coeff_Fo_to_Fc               ? 
_refine.correlation_coeff_Fo_to_Fc_free          ? 
_refine.overall_SU_R_Cruickshank_DPI             ? 
_refine.pdbx_overall_SU_R_free_Cruickshank_DPI   ? 
_refine.pdbx_overall_SU_R_Blow_DPI               ? 
_refine.pdbx_overall_SU_R_free_Blow_DPI          ? 
_refine.overall_SU_R_free                        ? 
_refine.pdbx_overall_ESU_R                       ? 
_refine.pdbx_overall_ESU_R_Free                  ? 
_refine.overall_SU_ML                            0.1200 
_refine.overall_SU_B                             ? 
_refine.solvent_model_details                    'FLAT BULK SOLVENT MODEL' 
_refine.pdbx_solvent_vdw_probe_radii             1.1100 
_refine.pdbx_solvent_ion_probe_radii             ? 
_refine.pdbx_solvent_shrinkage_radii             0.9000 
_refine.ls_number_parameters                     ? 
_refine.ls_number_restraints                     ? 
_refine.pdbx_starting_model                      1M9Z 
_refine.pdbx_method_to_determine_struct          'MOLECULAR REPLACEMENT' 
_refine.pdbx_stereochemistry_target_values       ML 
_refine.pdbx_stereochem_target_val_spec_case     ? 
_refine.overall_FOM_work_R_set                   ? 
_refine.B_iso_max                                69.730 
_refine.B_iso_min                                8.330 
_refine.pdbx_overall_phase_error                 19.1600 
_refine.occupancy_max                            ? 
_refine.occupancy_min                            ? 
_refine.pdbx_diffrn_id                           1 
_refine.pdbx_TLS_residual_ADP_flag               ? 
_refine.pdbx_ls_sigma_I                          ? 
_refine.pdbx_data_cutoff_high_rms_absF           ? 
_refine.ls_R_factor_R_free_error_details         ? 
# 
_refine_hist.cycle_id                         final 
_refine_hist.pdbx_refine_id                   'X-RAY DIFFRACTION' 
_refine_hist.d_res_high                       1.5020 
_refine_hist.d_res_low                        21.4390 
_refine_hist.pdbx_number_atoms_ligand         26 
_refine_hist.number_atoms_solvent             90 
_refine_hist.number_atoms_total               913 
_refine_hist.pdbx_number_residues_total       102 
_refine_hist.pdbx_B_iso_mean_ligand           36.20 
_refine_hist.pdbx_B_iso_mean_solvent          34.61 
_refine_hist.pdbx_number_atoms_protein        797 
_refine_hist.pdbx_number_atoms_nucleic_acid   0 
# 
loop_
_refine_ls_restr.pdbx_refine_id 
_refine_ls_restr.type 
_refine_ls_restr.number 
_refine_ls_restr.dev_ideal 
_refine_ls_restr.dev_ideal_target 
_refine_ls_restr.weight 
_refine_ls_restr.pdbx_restraint_function 
'X-RAY DIFFRACTION' f_bond_d           949  0.007  ? ? ? 
'X-RAY DIFFRACTION' f_angle_d          1286 1.181  ? ? ? 
'X-RAY DIFFRACTION' f_chiral_restr     136  0.081  ? ? ? 
'X-RAY DIFFRACTION' f_plane_restr      170  0.005  ? ? ? 
'X-RAY DIFFRACTION' f_dihedral_angle_d 370  14.485 ? ? ? 
# 
loop_
_refine_ls_shell.d_res_high 
_refine_ls_shell.d_res_low 
_refine_ls_shell.pdbx_total_number_of_bins_used 
_refine_ls_shell.percent_reflns_obs 
_refine_ls_shell.number_reflns_R_work 
_refine_ls_shell.R_factor_all 
_refine_ls_shell.R_factor_R_work 
_refine_ls_shell.R_factor_R_free 
_refine_ls_shell.percent_reflns_R_free 
_refine_ls_shell.number_reflns_R_free 
_refine_ls_shell.R_factor_R_free_error 
_refine_ls_shell.number_reflns_all 
_refine_ls_shell.number_reflns_obs 
_refine_ls_shell.pdbx_refine_id 
_refine_ls_shell.R_factor_obs 
1.502  1.5458  12 97.0000  1214 . 0.1944 0.2418 . 135 . 1349 . 'X-RAY DIFFRACTION' . 
1.5458 1.5956  12 99.0000  1277 . 0.1805 0.2246 . 141 . 1418 . 'X-RAY DIFFRACTION' . 
1.5956 1.6526  12 100.0000 1228 . 0.1644 0.1798 . 138 . 1366 . 'X-RAY DIFFRACTION' . 
1.6526 1.7188  12 99.0000  1239 . 0.1818 0.2278 . 137 . 1376 . 'X-RAY DIFFRACTION' . 
1.7188 1.7970  12 99.0000  1259 . 0.1720 0.2015 . 140 . 1399 . 'X-RAY DIFFRACTION' . 
1.7970 1.8917  12 100.0000 1262 . 0.1744 0.2220 . 139 . 1401 . 'X-RAY DIFFRACTION' . 
1.8917 2.0101  12 100.0000 1283 . 0.1614 0.2118 . 143 . 1426 . 'X-RAY DIFFRACTION' . 
2.0101 2.1652  12 100.0000 1269 . 0.1651 0.1962 . 142 . 1411 . 'X-RAY DIFFRACTION' . 
2.1652 2.3828  12 100.0000 1301 . 0.1709 0.2023 . 144 . 1445 . 'X-RAY DIFFRACTION' . 
2.3828 2.7270  12 100.0000 1282 . 0.1773 0.2245 . 142 . 1424 . 'X-RAY DIFFRACTION' . 
2.7270 3.4335  12 100.0000 1313 . 0.1737 0.2159 . 147 . 1460 . 'X-RAY DIFFRACTION' . 
3.4335 21.4412 12 100.0000 1390 . 0.1651 0.1893 . 155 . 1545 . 'X-RAY DIFFRACTION' . 
# 
_struct.entry_id                     4P7U 
_struct.title                        
'Extracellular domain of type II Transforming Growth Factor Beta receptor in complex with NDSB-201' 
_struct.pdbx_model_details           . 
_struct.pdbx_formula_weight          . 
_struct.pdbx_formula_weight_method   . 
_struct.pdbx_model_type_details      . 
_struct.pdbx_CASP_flag               . 
# 
_struct_keywords.entry_id        4P7U 
_struct_keywords.text            'NDSB-201, type II Transforming Growth Factor Beta receptor, SIGNALING PROTEIN' 
_struct_keywords.pdbx_keywords   'SIGNALING PROTEIN' 
# 
loop_
_struct_asym.id 
_struct_asym.pdbx_blank_PDB_chainid_flag 
_struct_asym.pdbx_modified 
_struct_asym.entity_id 
_struct_asym.details 
A N N 1 ? 
B N N 2 ? 
C N N 3 ? 
# 
_struct_ref.id                         1 
_struct_ref.db_name                    UNP 
_struct_ref.db_code                    TGFR2_HUMAN 
_struct_ref.pdbx_db_accession          P37173 
_struct_ref.entity_id                  1 
_struct_ref.pdbx_seq_one_letter_code   
;LCKFCDVRFSTCDNQKSCMSNCSITSICEKPQEVCVAVWRKNDENITLETVCHDPKLPYHDFILEDAASPKCIMKEKKKP
GETFFMCSCSSDECNDNIIFSEEYNTSNPD
;
_struct_ref.pdbx_align_begin           75 
_struct_ref.pdbx_db_isoform            ? 
# 
_struct_ref_seq.align_id                      1 
_struct_ref_seq.ref_id                        1 
_struct_ref_seq.pdbx_PDB_id_code              4P7U 
_struct_ref_seq.pdbx_strand_id                A 
_struct_ref_seq.seq_align_beg                 3 
_struct_ref_seq.pdbx_seq_align_beg_ins_code   ? 
_struct_ref_seq.seq_align_end                 112 
_struct_ref_seq.pdbx_seq_align_end_ins_code   ? 
_struct_ref_seq.pdbx_db_accession             P37173 
_struct_ref_seq.db_align_beg                  75 
_struct_ref_seq.pdbx_db_align_beg_ins_code    ? 
_struct_ref_seq.db_align_end                  184 
_struct_ref_seq.pdbx_db_align_end_ins_code    ? 
_struct_ref_seq.pdbx_auth_seq_align_beg       27 
_struct_ref_seq.pdbx_auth_seq_align_end       136 
# 
loop_
_struct_ref_seq_dif.align_id 
_struct_ref_seq_dif.pdbx_pdb_id_code 
_struct_ref_seq_dif.mon_id 
_struct_ref_seq_dif.pdbx_pdb_strand_id 
_struct_ref_seq_dif.seq_num 
_struct_ref_seq_dif.pdbx_pdb_ins_code 
_struct_ref_seq_dif.pdbx_seq_db_name 
_struct_ref_seq_dif.pdbx_seq_db_accession_code 
_struct_ref_seq_dif.db_mon_id 
_struct_ref_seq_dif.pdbx_seq_db_seq_num 
_struct_ref_seq_dif.details 
_struct_ref_seq_dif.pdbx_auth_seq_num 
_struct_ref_seq_dif.pdbx_ordinal 
1 4P7U MET A 1  ? UNP P37173 ?   ?   'initiating methionine' 25 1 
1 4P7U ALA A 2  ? UNP P37173 ?   ?   'engineered mutation'   26 2 
1 4P7U THR A 73 ? UNP P37173 LYS 145 'engineered mutation'   97 3 
# 
_pdbx_struct_assembly.id                   1 
_pdbx_struct_assembly.details              author_and_software_defined_assembly 
_pdbx_struct_assembly.method_details       PISA 
_pdbx_struct_assembly.oligomeric_details   monomeric 
_pdbx_struct_assembly.oligomeric_count     1 
# 
loop_
_pdbx_struct_assembly_prop.biol_id 
_pdbx_struct_assembly_prop.type 
_pdbx_struct_assembly_prop.value 
_pdbx_struct_assembly_prop.details 
1 'ABSA (A^2)' 370  ? 
1 MORE         6    ? 
1 'SSA (A^2)'  5880 ? 
# 
_pdbx_struct_assembly_gen.assembly_id       1 
_pdbx_struct_assembly_gen.oper_expression   1 
_pdbx_struct_assembly_gen.asym_id_list      A,B,C 
# 
_pdbx_struct_oper_list.id                   1 
_pdbx_struct_oper_list.type                 'identity operation' 
_pdbx_struct_oper_list.name                 1_555 
_pdbx_struct_oper_list.symmetry_operation   x,y,z 
_pdbx_struct_oper_list.matrix[1][1]         1.0000000000 
_pdbx_struct_oper_list.matrix[1][2]         0.0000000000 
_pdbx_struct_oper_list.matrix[1][3]         0.0000000000 
_pdbx_struct_oper_list.vector[1]            0.0000000000 
_pdbx_struct_oper_list.matrix[2][1]         0.0000000000 
_pdbx_struct_oper_list.matrix[2][2]         1.0000000000 
_pdbx_struct_oper_list.matrix[2][3]         0.0000000000 
_pdbx_struct_oper_list.vector[2]            0.0000000000 
_pdbx_struct_oper_list.matrix[3][1]         0.0000000000 
_pdbx_struct_oper_list.matrix[3][2]         0.0000000000 
_pdbx_struct_oper_list.matrix[3][3]         1.0000000000 
_pdbx_struct_oper_list.vector[3]            0.0000000000 
# 
_struct_biol.details                      'biological unit is the same as asym.' 
_struct_biol.id                           1 
_struct_biol.pdbx_parent_biol_id          . 
_struct_biol.pdbx_formula_weight          . 
_struct_biol.pdbx_formula_weight_method   . 
_struct_biol.pdbx_aggregation_state       . 
_struct_biol.pdbx_assembly_method         . 
# 
_struct_conf.conf_type_id            HELX_P 
_struct_conf.id                      HELX_P1 
_struct_conf.pdbx_PDB_helix_id       AA1 
_struct_conf.beg_label_comp_id       GLU 
_struct_conf.beg_label_asym_id       A 
_struct_conf.beg_label_seq_id        95 
_struct_conf.pdbx_beg_PDB_ins_code   ? 
_struct_conf.end_label_comp_id       ASN 
_struct_conf.end_label_asym_id       A 
_struct_conf.end_label_seq_id        97 
_struct_conf.pdbx_end_PDB_ins_code   ? 
_struct_conf.beg_auth_comp_id        GLU 
_struct_conf.beg_auth_asym_id        A 
_struct_conf.beg_auth_seq_id         119 
_struct_conf.end_auth_comp_id        ASN 
_struct_conf.end_auth_asym_id        A 
_struct_conf.end_auth_seq_id         121 
_struct_conf.pdbx_PDB_helix_class    5 
_struct_conf.details                 ? 
_struct_conf.pdbx_PDB_helix_length   3 
# 
_struct_conf_type.id          HELX_P 
_struct_conf_type.criteria    ? 
_struct_conf_type.reference   ? 
# 
loop_
_struct_conn.id 
_struct_conn.conn_type_id 
_struct_conn.pdbx_leaving_atom_flag 
_struct_conn.pdbx_PDB_id 
_struct_conn.ptnr1_label_asym_id 
_struct_conn.ptnr1_label_comp_id 
_struct_conn.ptnr1_label_seq_id 
_struct_conn.ptnr1_label_atom_id 
_struct_conn.pdbx_ptnr1_label_alt_id 
_struct_conn.pdbx_ptnr1_PDB_ins_code 
_struct_conn.pdbx_ptnr1_standard_comp_id 
_struct_conn.ptnr1_symmetry 
_struct_conn.ptnr2_label_asym_id 
_struct_conn.ptnr2_label_comp_id 
_struct_conn.ptnr2_label_seq_id 
_struct_conn.ptnr2_label_atom_id 
_struct_conn.pdbx_ptnr2_label_alt_id 
_struct_conn.pdbx_ptnr2_PDB_ins_code 
_struct_conn.ptnr1_auth_asym_id 
_struct_conn.ptnr1_auth_comp_id 
_struct_conn.ptnr1_auth_seq_id 
_struct_conn.ptnr2_auth_asym_id 
_struct_conn.ptnr2_auth_comp_id 
_struct_conn.ptnr2_auth_seq_id 
_struct_conn.ptnr2_symmetry 
_struct_conn.pdbx_ptnr3_label_atom_id 
_struct_conn.pdbx_ptnr3_label_seq_id 
_struct_conn.pdbx_ptnr3_label_comp_id 
_struct_conn.pdbx_ptnr3_label_asym_id 
_struct_conn.pdbx_ptnr3_label_alt_id 
_struct_conn.pdbx_ptnr3_PDB_ins_code 
_struct_conn.details 
_struct_conn.pdbx_dist_value 
_struct_conn.pdbx_value_order 
_struct_conn.pdbx_role 
disulf1 disulf ? ? A CYS 4  SG ? ? ? 1_555 A CYS 37 SG ? ? A CYS 28  A CYS 61  1_555 ? ? ? ? ? ? ? 2.032 ? ? 
disulf2 disulf ? ? A CYS 7  SG ? ? ? 1_555 A CYS 24 SG ? ? A CYS 31  A CYS 48  1_555 ? ? ? ? ? ? ? 2.018 ? ? 
disulf3 disulf ? ? A CYS 14 SG ? ? ? 1_555 A CYS 20 SG ? ? A CYS 38  A CYS 44  1_555 ? ? ? ? ? ? ? 2.011 ? ? 
disulf4 disulf ? ? A CYS 30 SG ? ? ? 1_555 A CYS 54 SG ? ? A CYS 54  A CYS 78  1_555 ? ? ? ? ? ? ? 2.063 ? ? 
disulf5 disulf ? ? A CYS 74 SG ? ? ? 1_555 A CYS 89 SG ? ? A CYS 98  A CYS 113 1_555 ? ? ? ? ? ? ? 2.048 ? ? 
disulf6 disulf ? ? A CYS 91 SG ? ? ? 1_555 A CYS 96 SG ? ? A CYS 115 A CYS 120 1_555 ? ? ? ? ? ? ? 2.046 ? ? 
# 
_struct_conn_type.id          disulf 
_struct_conn_type.criteria    ? 
_struct_conn_type.reference   ? 
# 
loop_
_pdbx_modification_feature.ordinal 
_pdbx_modification_feature.label_comp_id 
_pdbx_modification_feature.label_asym_id 
_pdbx_modification_feature.label_seq_id 
_pdbx_modification_feature.label_alt_id 
_pdbx_modification_feature.modified_residue_label_comp_id 
_pdbx_modification_feature.modified_residue_label_asym_id 
_pdbx_modification_feature.modified_residue_label_seq_id 
_pdbx_modification_feature.modified_residue_label_alt_id 
_pdbx_modification_feature.auth_comp_id 
_pdbx_modification_feature.auth_asym_id 
_pdbx_modification_feature.auth_seq_id 
_pdbx_modification_feature.PDB_ins_code 
_pdbx_modification_feature.symmetry 
_pdbx_modification_feature.modified_residue_auth_comp_id 
_pdbx_modification_feature.modified_residue_auth_asym_id 
_pdbx_modification_feature.modified_residue_auth_seq_id 
_pdbx_modification_feature.modified_residue_PDB_ins_code 
_pdbx_modification_feature.modified_residue_symmetry 
_pdbx_modification_feature.comp_id_linking_atom 
_pdbx_modification_feature.modified_residue_id_linking_atom 
_pdbx_modification_feature.modified_residue_id 
_pdbx_modification_feature.ref_pcm_id 
_pdbx_modification_feature.ref_comp_id 
_pdbx_modification_feature.type 
_pdbx_modification_feature.category 
1 CYS A 4  ? CYS A 37 ? CYS A 28  ? 1_555 CYS A 61  ? 1_555 SG SG . . . None 'Disulfide bridge' 
2 CYS A 7  ? CYS A 24 ? CYS A 31  ? 1_555 CYS A 48  ? 1_555 SG SG . . . None 'Disulfide bridge' 
3 CYS A 14 ? CYS A 20 ? CYS A 38  ? 1_555 CYS A 44  ? 1_555 SG SG . . . None 'Disulfide bridge' 
4 CYS A 30 ? CYS A 54 ? CYS A 54  ? 1_555 CYS A 78  ? 1_555 SG SG . . . None 'Disulfide bridge' 
5 CYS A 74 ? CYS A 89 ? CYS A 98  ? 1_555 CYS A 113 ? 1_555 SG SG . . . None 'Disulfide bridge' 
6 CYS A 91 ? CYS A 96 ? CYS A 115 ? 1_555 CYS A 120 ? 1_555 SG SG . . . None 'Disulfide bridge' 
# 
loop_
_struct_sheet.id 
_struct_sheet.type 
_struct_sheet.number_strands 
_struct_sheet.details 
AA1 ? 2 ? 
AA2 ? 5 ? 
AA3 ? 3 ? 
# 
loop_
_struct_sheet_order.sheet_id 
_struct_sheet_order.range_id_1 
_struct_sheet_order.range_id_2 
_struct_sheet_order.offset 
_struct_sheet_order.sense 
AA1 1 2 ? anti-parallel 
AA2 1 2 ? anti-parallel 
AA2 2 3 ? anti-parallel 
AA2 3 4 ? anti-parallel 
AA2 4 5 ? anti-parallel 
AA3 1 2 ? anti-parallel 
AA3 2 3 ? parallel      
# 
loop_
_struct_sheet_range.sheet_id 
_struct_sheet_range.id 
_struct_sheet_range.beg_label_comp_id 
_struct_sheet_range.beg_label_asym_id 
_struct_sheet_range.beg_label_seq_id 
_struct_sheet_range.pdbx_beg_PDB_ins_code 
_struct_sheet_range.end_label_comp_id 
_struct_sheet_range.end_label_asym_id 
_struct_sheet_range.end_label_seq_id 
_struct_sheet_range.pdbx_end_PDB_ins_code 
_struct_sheet_range.beg_auth_comp_id 
_struct_sheet_range.beg_auth_asym_id 
_struct_sheet_range.beg_auth_seq_id 
_struct_sheet_range.end_auth_comp_id 
_struct_sheet_range.end_auth_asym_id 
_struct_sheet_range.end_auth_seq_id 
AA1 1 LEU A 3  ? LYS A 5   ? LEU A 27  LYS A 29  
AA1 2 THR A 27 ? ILE A 29  ? THR A 51  ILE A 53  
AA2 1 ASP A 8  ? PHE A 11  ? ASP A 32  PHE A 35  
AA2 2 ILE A 48 ? HIS A 55  ? ILE A 72  HIS A 79  
AA2 3 VAL A 36 ? LYS A 43  ? VAL A 60  LYS A 67  
AA2 4 THR A 85 ? CYS A 91  ? THR A 109 CYS A 115 
AA2 5 LYS A 77 ? LYS A 79  ? LYS A 101 LYS A 103 
AA3 1 SER A 19 ? MET A 21  ? SER A 43  MET A 45  
AA3 2 ASN A 99 ? ILE A 101 ? ASN A 123 ILE A 125 
AA3 3 CYS A 74 ? ILE A 75  ? CYS A 98  ILE A 99  
# 
loop_
_pdbx_struct_sheet_hbond.sheet_id 
_pdbx_struct_sheet_hbond.range_id_1 
_pdbx_struct_sheet_hbond.range_id_2 
_pdbx_struct_sheet_hbond.range_1_label_atom_id 
_pdbx_struct_sheet_hbond.range_1_label_comp_id 
_pdbx_struct_sheet_hbond.range_1_label_asym_id 
_pdbx_struct_sheet_hbond.range_1_label_seq_id 
_pdbx_struct_sheet_hbond.range_1_PDB_ins_code 
_pdbx_struct_sheet_hbond.range_1_auth_atom_id 
_pdbx_struct_sheet_hbond.range_1_auth_comp_id 
_pdbx_struct_sheet_hbond.range_1_auth_asym_id 
_pdbx_struct_sheet_hbond.range_1_auth_seq_id 
_pdbx_struct_sheet_hbond.range_2_label_atom_id 
_pdbx_struct_sheet_hbond.range_2_label_comp_id 
_pdbx_struct_sheet_hbond.range_2_label_asym_id 
_pdbx_struct_sheet_hbond.range_2_label_seq_id 
_pdbx_struct_sheet_hbond.range_2_PDB_ins_code 
_pdbx_struct_sheet_hbond.range_2_auth_atom_id 
_pdbx_struct_sheet_hbond.range_2_auth_comp_id 
_pdbx_struct_sheet_hbond.range_2_auth_asym_id 
_pdbx_struct_sheet_hbond.range_2_auth_seq_id 
AA1 1 2 N CYS A 4   ? N CYS A 28  O SER A 28  ? O SER A 52  
AA2 1 2 N ARG A 10  ? N ARG A 34  O LEU A 50  ? O LEU A 74  
AA2 2 3 O HIS A 55  ? O HIS A 79  N VAL A 36  ? N VAL A 60  
AA2 3 4 N TRP A 41  ? N TRP A 65  O PHE A 87  ? O PHE A 111 
AA2 4 5 O PHE A 86  ? O PHE A 110 N LYS A 79  ? N LYS A 103 
AA3 1 2 N CYS A 20  ? N CYS A 44  O ILE A 100 ? O ILE A 124 
AA3 2 3 O ILE A 101 ? O ILE A 125 N CYS A 74  ? N CYS A 98  
# 
_struct_site.id                   AC1 
_struct_site.pdbx_evidence_code   Software 
_struct_site.pdbx_auth_asym_id    A 
_struct_site.pdbx_auth_comp_id    1PS 
_struct_site.pdbx_auth_seq_id     201 
_struct_site.pdbx_auth_ins_code   ? 
_struct_site.pdbx_num_residues    5 
_struct_site.details              'binding site for residue 1PS A 201' 
# 
loop_
_struct_site_gen.id 
_struct_site_gen.site_id 
_struct_site_gen.pdbx_num_res 
_struct_site_gen.label_comp_id 
_struct_site_gen.label_asym_id 
_struct_site_gen.label_seq_id 
_struct_site_gen.pdbx_auth_ins_code 
_struct_site_gen.auth_comp_id 
_struct_site_gen.auth_asym_id 
_struct_site_gen.auth_seq_id 
_struct_site_gen.label_atom_id 
_struct_site_gen.label_alt_id 
_struct_site_gen.symmetry 
_struct_site_gen.details 
1 AC1 5 GLN A 17  ? GLN A 41  . ? 1_555 ? 
2 AC1 5 TRP A 41  ? TRP A 65  . ? 1_555 ? 
3 AC1 5 THR A 85  ? THR A 109 . ? 1_555 ? 
4 AC1 5 PHE A 87  ? PHE A 111 . ? 1_555 ? 
5 AC1 5 PHE A 102 ? PHE A 126 . ? 1_555 ? 
# 
_pdbx_entry_details.entry_id                   4P7U 
_pdbx_entry_details.compound_details           ? 
_pdbx_entry_details.source_details             ? 
_pdbx_entry_details.nonpolymer_details         ? 
_pdbx_entry_details.sequence_details           ? 
_pdbx_entry_details.has_ligand_of_interest     ? 
_pdbx_entry_details.has_protein_modification   Y 
# 
_pdbx_validate_close_contact.id               1 
_pdbx_validate_close_contact.PDB_model_num    1 
_pdbx_validate_close_contact.auth_atom_id_1   O 
_pdbx_validate_close_contact.auth_asym_id_1   A 
_pdbx_validate_close_contact.auth_comp_id_1   LYS 
_pdbx_validate_close_contact.auth_seq_id_1    105 
_pdbx_validate_close_contact.PDB_ins_code_1   ? 
_pdbx_validate_close_contact.label_alt_id_1   ? 
_pdbx_validate_close_contact.auth_atom_id_2   O 
_pdbx_validate_close_contact.auth_asym_id_2   A 
_pdbx_validate_close_contact.auth_comp_id_2   HOH 
_pdbx_validate_close_contact.auth_seq_id_2    352 
_pdbx_validate_close_contact.PDB_ins_code_2   ? 
_pdbx_validate_close_contact.label_alt_id_2   ? 
_pdbx_validate_close_contact.dist             2.18 
# 
_pdbx_validate_torsion.id              1 
_pdbx_validate_torsion.PDB_model_num   1 
_pdbx_validate_torsion.auth_comp_id    ASP 
_pdbx_validate_torsion.auth_asym_id    A 
_pdbx_validate_torsion.auth_seq_id     32 
_pdbx_validate_torsion.PDB_ins_code    ? 
_pdbx_validate_torsion.label_alt_id    ? 
_pdbx_validate_torsion.phi             56.41 
_pdbx_validate_torsion.psi             -147.82 
# 
_pdbx_phasing_MR.entry_id                     4P7U 
_pdbx_phasing_MR.method_rotation              ? 
_pdbx_phasing_MR.method_translation           ? 
_pdbx_phasing_MR.model_details                ? 
_pdbx_phasing_MR.R_factor                     ? 
_pdbx_phasing_MR.R_rigid_body                 ? 
_pdbx_phasing_MR.correlation_coeff_Fo_to_Fc   ? 
_pdbx_phasing_MR.correlation_coeff_Io_to_Ic   ? 
_pdbx_phasing_MR.d_res_high_rotation          4.660 
_pdbx_phasing_MR.d_res_low_rotation           21.440 
_pdbx_phasing_MR.d_res_high_translation       4.660 
_pdbx_phasing_MR.d_res_low_translation        21.440 
_pdbx_phasing_MR.packing                      ? 
_pdbx_phasing_MR.reflns_percent_rotation      ? 
_pdbx_phasing_MR.reflns_percent_translation   ? 
_pdbx_phasing_MR.sigma_F_rotation             ? 
_pdbx_phasing_MR.sigma_F_translation          ? 
_pdbx_phasing_MR.sigma_I_rotation             ? 
_pdbx_phasing_MR.sigma_I_translation          ? 
# 
_phasing.method   MR 
# 
loop_
_pdbx_unobs_or_zero_occ_residues.id 
_pdbx_unobs_or_zero_occ_residues.PDB_model_num 
_pdbx_unobs_or_zero_occ_residues.polymer_flag 
_pdbx_unobs_or_zero_occ_residues.occupancy_flag 
_pdbx_unobs_or_zero_occ_residues.auth_asym_id 
_pdbx_unobs_or_zero_occ_residues.auth_comp_id 
_pdbx_unobs_or_zero_occ_residues.auth_seq_id 
_pdbx_unobs_or_zero_occ_residues.PDB_ins_code 
_pdbx_unobs_or_zero_occ_residues.label_asym_id 
_pdbx_unobs_or_zero_occ_residues.label_comp_id 
_pdbx_unobs_or_zero_occ_residues.label_seq_id 
1  1 Y 1 A MET 25  ? A MET 1   
2  1 Y 1 A GLU 128 ? A GLU 104 
3  1 Y 1 A GLU 129 ? A GLU 105 
4  1 Y 1 A TYR 130 ? A TYR 106 
5  1 Y 1 A ASN 131 ? A ASN 107 
6  1 Y 1 A THR 132 ? A THR 108 
7  1 Y 1 A SER 133 ? A SER 109 
8  1 Y 1 A ASN 134 ? A ASN 110 
9  1 Y 1 A PRO 135 ? A PRO 111 
10 1 Y 1 A ASP 136 ? A ASP 112 
# 
loop_
_chem_comp_atom.comp_id 
_chem_comp_atom.atom_id 
_chem_comp_atom.type_symbol 
_chem_comp_atom.pdbx_aromatic_flag 
_chem_comp_atom.pdbx_stereo_config 
_chem_comp_atom.pdbx_ordinal 
1PS N1   N Y N 1   
1PS C1   C Y N 2   
1PS C2   C Y N 3   
1PS C3   C Y N 4   
1PS C4   C Y N 5   
1PS C5   C Y N 6   
1PS C6   C N N 7   
1PS C7   C N N 8   
1PS C8   C N N 9   
1PS S1   S N N 10  
1PS O1   O N N 11  
1PS O2   O N N 12  
1PS O3   O N N 13  
1PS H1   H N N 14  
1PS H2   H N N 15  
1PS H3   H N N 16  
1PS H4   H N N 17  
1PS H5   H N N 18  
1PS H61  H N N 19  
1PS H62  H N N 20  
1PS H71  H N N 21  
1PS H72  H N N 22  
1PS H81  H N N 23  
1PS H82  H N N 24  
ALA N    N N N 25  
ALA CA   C N S 26  
ALA C    C N N 27  
ALA O    O N N 28  
ALA CB   C N N 29  
ALA OXT  O N N 30  
ALA H    H N N 31  
ALA H2   H N N 32  
ALA HA   H N N 33  
ALA HB1  H N N 34  
ALA HB2  H N N 35  
ALA HB3  H N N 36  
ALA HXT  H N N 37  
ARG N    N N N 38  
ARG CA   C N S 39  
ARG C    C N N 40  
ARG O    O N N 41  
ARG CB   C N N 42  
ARG CG   C N N 43  
ARG CD   C N N 44  
ARG NE   N N N 45  
ARG CZ   C N N 46  
ARG NH1  N N N 47  
ARG NH2  N N N 48  
ARG OXT  O N N 49  
ARG H    H N N 50  
ARG H2   H N N 51  
ARG HA   H N N 52  
ARG HB2  H N N 53  
ARG HB3  H N N 54  
ARG HG2  H N N 55  
ARG HG3  H N N 56  
ARG HD2  H N N 57  
ARG HD3  H N N 58  
ARG HE   H N N 59  
ARG HH11 H N N 60  
ARG HH12 H N N 61  
ARG HH21 H N N 62  
ARG HH22 H N N 63  
ARG HXT  H N N 64  
ASN N    N N N 65  
ASN CA   C N S 66  
ASN C    C N N 67  
ASN O    O N N 68  
ASN CB   C N N 69  
ASN CG   C N N 70  
ASN OD1  O N N 71  
ASN ND2  N N N 72  
ASN OXT  O N N 73  
ASN H    H N N 74  
ASN H2   H N N 75  
ASN HA   H N N 76  
ASN HB2  H N N 77  
ASN HB3  H N N 78  
ASN HD21 H N N 79  
ASN HD22 H N N 80  
ASN HXT  H N N 81  
ASP N    N N N 82  
ASP CA   C N S 83  
ASP C    C N N 84  
ASP O    O N N 85  
ASP CB   C N N 86  
ASP CG   C N N 87  
ASP OD1  O N N 88  
ASP OD2  O N N 89  
ASP OXT  O N N 90  
ASP H    H N N 91  
ASP H2   H N N 92  
ASP HA   H N N 93  
ASP HB2  H N N 94  
ASP HB3  H N N 95  
ASP HD2  H N N 96  
ASP HXT  H N N 97  
CYS N    N N N 98  
CYS CA   C N R 99  
CYS C    C N N 100 
CYS O    O N N 101 
CYS CB   C N N 102 
CYS SG   S N N 103 
CYS OXT  O N N 104 
CYS H    H N N 105 
CYS H2   H N N 106 
CYS HA   H N N 107 
CYS HB2  H N N 108 
CYS HB3  H N N 109 
CYS HG   H N N 110 
CYS HXT  H N N 111 
GLN N    N N N 112 
GLN CA   C N S 113 
GLN C    C N N 114 
GLN O    O N N 115 
GLN CB   C N N 116 
GLN CG   C N N 117 
GLN CD   C N N 118 
GLN OE1  O N N 119 
GLN NE2  N N N 120 
GLN OXT  O N N 121 
GLN H    H N N 122 
GLN H2   H N N 123 
GLN HA   H N N 124 
GLN HB2  H N N 125 
GLN HB3  H N N 126 
GLN HG2  H N N 127 
GLN HG3  H N N 128 
GLN HE21 H N N 129 
GLN HE22 H N N 130 
GLN HXT  H N N 131 
GLU N    N N N 132 
GLU CA   C N S 133 
GLU C    C N N 134 
GLU O    O N N 135 
GLU CB   C N N 136 
GLU CG   C N N 137 
GLU CD   C N N 138 
GLU OE1  O N N 139 
GLU OE2  O N N 140 
GLU OXT  O N N 141 
GLU H    H N N 142 
GLU H2   H N N 143 
GLU HA   H N N 144 
GLU HB2  H N N 145 
GLU HB3  H N N 146 
GLU HG2  H N N 147 
GLU HG3  H N N 148 
GLU HE2  H N N 149 
GLU HXT  H N N 150 
GLY N    N N N 151 
GLY CA   C N N 152 
GLY C    C N N 153 
GLY O    O N N 154 
GLY OXT  O N N 155 
GLY H    H N N 156 
GLY H2   H N N 157 
GLY HA2  H N N 158 
GLY HA3  H N N 159 
GLY HXT  H N N 160 
HIS N    N N N 161 
HIS CA   C N S 162 
HIS C    C N N 163 
HIS O    O N N 164 
HIS CB   C N N 165 
HIS CG   C Y N 166 
HIS ND1  N Y N 167 
HIS CD2  C Y N 168 
HIS CE1  C Y N 169 
HIS NE2  N Y N 170 
HIS OXT  O N N 171 
HIS H    H N N 172 
HIS H2   H N N 173 
HIS HA   H N N 174 
HIS HB2  H N N 175 
HIS HB3  H N N 176 
HIS HD1  H N N 177 
HIS HD2  H N N 178 
HIS HE1  H N N 179 
HIS HE2  H N N 180 
HIS HXT  H N N 181 
HOH O    O N N 182 
HOH H1   H N N 183 
HOH H2   H N N 184 
ILE N    N N N 185 
ILE CA   C N S 186 
ILE C    C N N 187 
ILE O    O N N 188 
ILE CB   C N S 189 
ILE CG1  C N N 190 
ILE CG2  C N N 191 
ILE CD1  C N N 192 
ILE OXT  O N N 193 
ILE H    H N N 194 
ILE H2   H N N 195 
ILE HA   H N N 196 
ILE HB   H N N 197 
ILE HG12 H N N 198 
ILE HG13 H N N 199 
ILE HG21 H N N 200 
ILE HG22 H N N 201 
ILE HG23 H N N 202 
ILE HD11 H N N 203 
ILE HD12 H N N 204 
ILE HD13 H N N 205 
ILE HXT  H N N 206 
LEU N    N N N 207 
LEU CA   C N S 208 
LEU C    C N N 209 
LEU O    O N N 210 
LEU CB   C N N 211 
LEU CG   C N N 212 
LEU CD1  C N N 213 
LEU CD2  C N N 214 
LEU OXT  O N N 215 
LEU H    H N N 216 
LEU H2   H N N 217 
LEU HA   H N N 218 
LEU HB2  H N N 219 
LEU HB3  H N N 220 
LEU HG   H N N 221 
LEU HD11 H N N 222 
LEU HD12 H N N 223 
LEU HD13 H N N 224 
LEU HD21 H N N 225 
LEU HD22 H N N 226 
LEU HD23 H N N 227 
LEU HXT  H N N 228 
LYS N    N N N 229 
LYS CA   C N S 230 
LYS C    C N N 231 
LYS O    O N N 232 
LYS CB   C N N 233 
LYS CG   C N N 234 
LYS CD   C N N 235 
LYS CE   C N N 236 
LYS NZ   N N N 237 
LYS OXT  O N N 238 
LYS H    H N N 239 
LYS H2   H N N 240 
LYS HA   H N N 241 
LYS HB2  H N N 242 
LYS HB3  H N N 243 
LYS HG2  H N N 244 
LYS HG3  H N N 245 
LYS HD2  H N N 246 
LYS HD3  H N N 247 
LYS HE2  H N N 248 
LYS HE3  H N N 249 
LYS HZ1  H N N 250 
LYS HZ2  H N N 251 
LYS HZ3  H N N 252 
LYS HXT  H N N 253 
MET N    N N N 254 
MET CA   C N S 255 
MET C    C N N 256 
MET O    O N N 257 
MET CB   C N N 258 
MET CG   C N N 259 
MET SD   S N N 260 
MET CE   C N N 261 
MET OXT  O N N 262 
MET H    H N N 263 
MET H2   H N N 264 
MET HA   H N N 265 
MET HB2  H N N 266 
MET HB3  H N N 267 
MET HG2  H N N 268 
MET HG3  H N N 269 
MET HE1  H N N 270 
MET HE2  H N N 271 
MET HE3  H N N 272 
MET HXT  H N N 273 
PHE N    N N N 274 
PHE CA   C N S 275 
PHE C    C N N 276 
PHE O    O N N 277 
PHE CB   C N N 278 
PHE CG   C Y N 279 
PHE CD1  C Y N 280 
PHE CD2  C Y N 281 
PHE CE1  C Y N 282 
PHE CE2  C Y N 283 
PHE CZ   C Y N 284 
PHE OXT  O N N 285 
PHE H    H N N 286 
PHE H2   H N N 287 
PHE HA   H N N 288 
PHE HB2  H N N 289 
PHE HB3  H N N 290 
PHE HD1  H N N 291 
PHE HD2  H N N 292 
PHE HE1  H N N 293 
PHE HE2  H N N 294 
PHE HZ   H N N 295 
PHE HXT  H N N 296 
PRO N    N N N 297 
PRO CA   C N S 298 
PRO C    C N N 299 
PRO O    O N N 300 
PRO CB   C N N 301 
PRO CG   C N N 302 
PRO CD   C N N 303 
PRO OXT  O N N 304 
PRO H    H N N 305 
PRO HA   H N N 306 
PRO HB2  H N N 307 
PRO HB3  H N N 308 
PRO HG2  H N N 309 
PRO HG3  H N N 310 
PRO HD2  H N N 311 
PRO HD3  H N N 312 
PRO HXT  H N N 313 
SER N    N N N 314 
SER CA   C N S 315 
SER C    C N N 316 
SER O    O N N 317 
SER CB   C N N 318 
SER OG   O N N 319 
SER OXT  O N N 320 
SER H    H N N 321 
SER H2   H N N 322 
SER HA   H N N 323 
SER HB2  H N N 324 
SER HB3  H N N 325 
SER HG   H N N 326 
SER HXT  H N N 327 
THR N    N N N 328 
THR CA   C N S 329 
THR C    C N N 330 
THR O    O N N 331 
THR CB   C N R 332 
THR OG1  O N N 333 
THR CG2  C N N 334 
THR OXT  O N N 335 
THR H    H N N 336 
THR H2   H N N 337 
THR HA   H N N 338 
THR HB   H N N 339 
THR HG1  H N N 340 
THR HG21 H N N 341 
THR HG22 H N N 342 
THR HG23 H N N 343 
THR HXT  H N N 344 
TRP N    N N N 345 
TRP CA   C N S 346 
TRP C    C N N 347 
TRP O    O N N 348 
TRP CB   C N N 349 
TRP CG   C Y N 350 
TRP CD1  C Y N 351 
TRP CD2  C Y N 352 
TRP NE1  N Y N 353 
TRP CE2  C Y N 354 
TRP CE3  C Y N 355 
TRP CZ2  C Y N 356 
TRP CZ3  C Y N 357 
TRP CH2  C Y N 358 
TRP OXT  O N N 359 
TRP H    H N N 360 
TRP H2   H N N 361 
TRP HA   H N N 362 
TRP HB2  H N N 363 
TRP HB3  H N N 364 
TRP HD1  H N N 365 
TRP HE1  H N N 366 
TRP HE3  H N N 367 
TRP HZ2  H N N 368 
TRP HZ3  H N N 369 
TRP HH2  H N N 370 
TRP HXT  H N N 371 
TYR N    N N N 372 
TYR CA   C N S 373 
TYR C    C N N 374 
TYR O    O N N 375 
TYR CB   C N N 376 
TYR CG   C Y N 377 
TYR CD1  C Y N 378 
TYR CD2  C Y N 379 
TYR CE1  C Y N 380 
TYR CE2  C Y N 381 
TYR CZ   C Y N 382 
TYR OH   O N N 383 
TYR OXT  O N N 384 
TYR H    H N N 385 
TYR H2   H N N 386 
TYR HA   H N N 387 
TYR HB2  H N N 388 
TYR HB3  H N N 389 
TYR HD1  H N N 390 
TYR HD2  H N N 391 
TYR HE1  H N N 392 
TYR HE2  H N N 393 
TYR HH   H N N 394 
TYR HXT  H N N 395 
VAL N    N N N 396 
VAL CA   C N S 397 
VAL C    C N N 398 
VAL O    O N N 399 
VAL CB   C N N 400 
VAL CG1  C N N 401 
VAL CG2  C N N 402 
VAL OXT  O N N 403 
VAL H    H N N 404 
VAL H2   H N N 405 
VAL HA   H N N 406 
VAL HB   H N N 407 
VAL HG11 H N N 408 
VAL HG12 H N N 409 
VAL HG13 H N N 410 
VAL HG21 H N N 411 
VAL HG22 H N N 412 
VAL HG23 H N N 413 
VAL HXT  H N N 414 
# 
loop_
_chem_comp_bond.comp_id 
_chem_comp_bond.atom_id_1 
_chem_comp_bond.atom_id_2 
_chem_comp_bond.value_order 
_chem_comp_bond.pdbx_aromatic_flag 
_chem_comp_bond.pdbx_stereo_config 
_chem_comp_bond.pdbx_ordinal 
1PS N1  C1   sing Y N 1   
1PS N1  C3   doub Y N 2   
1PS N1  C6   sing N N 3   
1PS C1  C2   doub Y N 4   
1PS C1  H1   sing N N 5   
1PS C2  C5   sing Y N 6   
1PS C2  H2   sing N N 7   
1PS C3  C4   sing Y N 8   
1PS C3  H3   sing N N 9   
1PS C4  C5   doub Y N 10  
1PS C4  H4   sing N N 11  
1PS C5  H5   sing N N 12  
1PS C6  C7   sing N N 13  
1PS C6  H61  sing N N 14  
1PS C6  H62  sing N N 15  
1PS C7  C8   sing N N 16  
1PS C7  H71  sing N N 17  
1PS C7  H72  sing N N 18  
1PS C8  S1   sing N N 19  
1PS C8  H81  sing N N 20  
1PS C8  H82  sing N N 21  
1PS S1  O1   sing N N 22  
1PS S1  O2   doub N N 23  
1PS S1  O3   doub N N 24  
ALA N   CA   sing N N 25  
ALA N   H    sing N N 26  
ALA N   H2   sing N N 27  
ALA CA  C    sing N N 28  
ALA CA  CB   sing N N 29  
ALA CA  HA   sing N N 30  
ALA C   O    doub N N 31  
ALA C   OXT  sing N N 32  
ALA CB  HB1  sing N N 33  
ALA CB  HB2  sing N N 34  
ALA CB  HB3  sing N N 35  
ALA OXT HXT  sing N N 36  
ARG N   CA   sing N N 37  
ARG N   H    sing N N 38  
ARG N   H2   sing N N 39  
ARG CA  C    sing N N 40  
ARG CA  CB   sing N N 41  
ARG CA  HA   sing N N 42  
ARG C   O    doub N N 43  
ARG C   OXT  sing N N 44  
ARG CB  CG   sing N N 45  
ARG CB  HB2  sing N N 46  
ARG CB  HB3  sing N N 47  
ARG CG  CD   sing N N 48  
ARG CG  HG2  sing N N 49  
ARG CG  HG3  sing N N 50  
ARG CD  NE   sing N N 51  
ARG CD  HD2  sing N N 52  
ARG CD  HD3  sing N N 53  
ARG NE  CZ   sing N N 54  
ARG NE  HE   sing N N 55  
ARG CZ  NH1  sing N N 56  
ARG CZ  NH2  doub N N 57  
ARG NH1 HH11 sing N N 58  
ARG NH1 HH12 sing N N 59  
ARG NH2 HH21 sing N N 60  
ARG NH2 HH22 sing N N 61  
ARG OXT HXT  sing N N 62  
ASN N   CA   sing N N 63  
ASN N   H    sing N N 64  
ASN N   H2   sing N N 65  
ASN CA  C    sing N N 66  
ASN CA  CB   sing N N 67  
ASN CA  HA   sing N N 68  
ASN C   O    doub N N 69  
ASN C   OXT  sing N N 70  
ASN CB  CG   sing N N 71  
ASN CB  HB2  sing N N 72  
ASN CB  HB3  sing N N 73  
ASN CG  OD1  doub N N 74  
ASN CG  ND2  sing N N 75  
ASN ND2 HD21 sing N N 76  
ASN ND2 HD22 sing N N 77  
ASN OXT HXT  sing N N 78  
ASP N   CA   sing N N 79  
ASP N   H    sing N N 80  
ASP N   H2   sing N N 81  
ASP CA  C    sing N N 82  
ASP CA  CB   sing N N 83  
ASP CA  HA   sing N N 84  
ASP C   O    doub N N 85  
ASP C   OXT  sing N N 86  
ASP CB  CG   sing N N 87  
ASP CB  HB2  sing N N 88  
ASP CB  HB3  sing N N 89  
ASP CG  OD1  doub N N 90  
ASP CG  OD2  sing N N 91  
ASP OD2 HD2  sing N N 92  
ASP OXT HXT  sing N N 93  
CYS N   CA   sing N N 94  
CYS N   H    sing N N 95  
CYS N   H2   sing N N 96  
CYS CA  C    sing N N 97  
CYS CA  CB   sing N N 98  
CYS CA  HA   sing N N 99  
CYS C   O    doub N N 100 
CYS C   OXT  sing N N 101 
CYS CB  SG   sing N N 102 
CYS CB  HB2  sing N N 103 
CYS CB  HB3  sing N N 104 
CYS SG  HG   sing N N 105 
CYS OXT HXT  sing N N 106 
GLN N   CA   sing N N 107 
GLN N   H    sing N N 108 
GLN N   H2   sing N N 109 
GLN CA  C    sing N N 110 
GLN CA  CB   sing N N 111 
GLN CA  HA   sing N N 112 
GLN C   O    doub N N 113 
GLN C   OXT  sing N N 114 
GLN CB  CG   sing N N 115 
GLN CB  HB2  sing N N 116 
GLN CB  HB3  sing N N 117 
GLN CG  CD   sing N N 118 
GLN CG  HG2  sing N N 119 
GLN CG  HG3  sing N N 120 
GLN CD  OE1  doub N N 121 
GLN CD  NE2  sing N N 122 
GLN NE2 HE21 sing N N 123 
GLN NE2 HE22 sing N N 124 
GLN OXT HXT  sing N N 125 
GLU N   CA   sing N N 126 
GLU N   H    sing N N 127 
GLU N   H2   sing N N 128 
GLU CA  C    sing N N 129 
GLU CA  CB   sing N N 130 
GLU CA  HA   sing N N 131 
GLU C   O    doub N N 132 
GLU C   OXT  sing N N 133 
GLU CB  CG   sing N N 134 
GLU CB  HB2  sing N N 135 
GLU CB  HB3  sing N N 136 
GLU CG  CD   sing N N 137 
GLU CG  HG2  sing N N 138 
GLU CG  HG3  sing N N 139 
GLU CD  OE1  doub N N 140 
GLU CD  OE2  sing N N 141 
GLU OE2 HE2  sing N N 142 
GLU OXT HXT  sing N N 143 
GLY N   CA   sing N N 144 
GLY N   H    sing N N 145 
GLY N   H2   sing N N 146 
GLY CA  C    sing N N 147 
GLY CA  HA2  sing N N 148 
GLY CA  HA3  sing N N 149 
GLY C   O    doub N N 150 
GLY C   OXT  sing N N 151 
GLY OXT HXT  sing N N 152 
HIS N   CA   sing N N 153 
HIS N   H    sing N N 154 
HIS N   H2   sing N N 155 
HIS CA  C    sing N N 156 
HIS CA  CB   sing N N 157 
HIS CA  HA   sing N N 158 
HIS C   O    doub N N 159 
HIS C   OXT  sing N N 160 
HIS CB  CG   sing N N 161 
HIS CB  HB2  sing N N 162 
HIS CB  HB3  sing N N 163 
HIS CG  ND1  sing Y N 164 
HIS CG  CD2  doub Y N 165 
HIS ND1 CE1  doub Y N 166 
HIS ND1 HD1  sing N N 167 
HIS CD2 NE2  sing Y N 168 
HIS CD2 HD2  sing N N 169 
HIS CE1 NE2  sing Y N 170 
HIS CE1 HE1  sing N N 171 
HIS NE2 HE2  sing N N 172 
HIS OXT HXT  sing N N 173 
HOH O   H1   sing N N 174 
HOH O   H2   sing N N 175 
ILE N   CA   sing N N 176 
ILE N   H    sing N N 177 
ILE N   H2   sing N N 178 
ILE CA  C    sing N N 179 
ILE CA  CB   sing N N 180 
ILE CA  HA   sing N N 181 
ILE C   O    doub N N 182 
ILE C   OXT  sing N N 183 
ILE CB  CG1  sing N N 184 
ILE CB  CG2  sing N N 185 
ILE CB  HB   sing N N 186 
ILE CG1 CD1  sing N N 187 
ILE CG1 HG12 sing N N 188 
ILE CG1 HG13 sing N N 189 
ILE CG2 HG21 sing N N 190 
ILE CG2 HG22 sing N N 191 
ILE CG2 HG23 sing N N 192 
ILE CD1 HD11 sing N N 193 
ILE CD1 HD12 sing N N 194 
ILE CD1 HD13 sing N N 195 
ILE OXT HXT  sing N N 196 
LEU N   CA   sing N N 197 
LEU N   H    sing N N 198 
LEU N   H2   sing N N 199 
LEU CA  C    sing N N 200 
LEU CA  CB   sing N N 201 
LEU CA  HA   sing N N 202 
LEU C   O    doub N N 203 
LEU C   OXT  sing N N 204 
LEU CB  CG   sing N N 205 
LEU CB  HB2  sing N N 206 
LEU CB  HB3  sing N N 207 
LEU CG  CD1  sing N N 208 
LEU CG  CD2  sing N N 209 
LEU CG  HG   sing N N 210 
LEU CD1 HD11 sing N N 211 
LEU CD1 HD12 sing N N 212 
LEU CD1 HD13 sing N N 213 
LEU CD2 HD21 sing N N 214 
LEU CD2 HD22 sing N N 215 
LEU CD2 HD23 sing N N 216 
LEU OXT HXT  sing N N 217 
LYS N   CA   sing N N 218 
LYS N   H    sing N N 219 
LYS N   H2   sing N N 220 
LYS CA  C    sing N N 221 
LYS CA  CB   sing N N 222 
LYS CA  HA   sing N N 223 
LYS C   O    doub N N 224 
LYS C   OXT  sing N N 225 
LYS CB  CG   sing N N 226 
LYS CB  HB2  sing N N 227 
LYS CB  HB3  sing N N 228 
LYS CG  CD   sing N N 229 
LYS CG  HG2  sing N N 230 
LYS CG  HG3  sing N N 231 
LYS CD  CE   sing N N 232 
LYS CD  HD2  sing N N 233 
LYS CD  HD3  sing N N 234 
LYS CE  NZ   sing N N 235 
LYS CE  HE2  sing N N 236 
LYS CE  HE3  sing N N 237 
LYS NZ  HZ1  sing N N 238 
LYS NZ  HZ2  sing N N 239 
LYS NZ  HZ3  sing N N 240 
LYS OXT HXT  sing N N 241 
MET N   CA   sing N N 242 
MET N   H    sing N N 243 
MET N   H2   sing N N 244 
MET CA  C    sing N N 245 
MET CA  CB   sing N N 246 
MET CA  HA   sing N N 247 
MET C   O    doub N N 248 
MET C   OXT  sing N N 249 
MET CB  CG   sing N N 250 
MET CB  HB2  sing N N 251 
MET CB  HB3  sing N N 252 
MET CG  SD   sing N N 253 
MET CG  HG2  sing N N 254 
MET CG  HG3  sing N N 255 
MET SD  CE   sing N N 256 
MET CE  HE1  sing N N 257 
MET CE  HE2  sing N N 258 
MET CE  HE3  sing N N 259 
MET OXT HXT  sing N N 260 
PHE N   CA   sing N N 261 
PHE N   H    sing N N 262 
PHE N   H2   sing N N 263 
PHE CA  C    sing N N 264 
PHE CA  CB   sing N N 265 
PHE CA  HA   sing N N 266 
PHE C   O    doub N N 267 
PHE C   OXT  sing N N 268 
PHE CB  CG   sing N N 269 
PHE CB  HB2  sing N N 270 
PHE CB  HB3  sing N N 271 
PHE CG  CD1  doub Y N 272 
PHE CG  CD2  sing Y N 273 
PHE CD1 CE1  sing Y N 274 
PHE CD1 HD1  sing N N 275 
PHE CD2 CE2  doub Y N 276 
PHE CD2 HD2  sing N N 277 
PHE CE1 CZ   doub Y N 278 
PHE CE1 HE1  sing N N 279 
PHE CE2 CZ   sing Y N 280 
PHE CE2 HE2  sing N N 281 
PHE CZ  HZ   sing N N 282 
PHE OXT HXT  sing N N 283 
PRO N   CA   sing N N 284 
PRO N   CD   sing N N 285 
PRO N   H    sing N N 286 
PRO CA  C    sing N N 287 
PRO CA  CB   sing N N 288 
PRO CA  HA   sing N N 289 
PRO C   O    doub N N 290 
PRO C   OXT  sing N N 291 
PRO CB  CG   sing N N 292 
PRO CB  HB2  sing N N 293 
PRO CB  HB3  sing N N 294 
PRO CG  CD   sing N N 295 
PRO CG  HG2  sing N N 296 
PRO CG  HG3  sing N N 297 
PRO CD  HD2  sing N N 298 
PRO CD  HD3  sing N N 299 
PRO OXT HXT  sing N N 300 
SER N   CA   sing N N 301 
SER N   H    sing N N 302 
SER N   H2   sing N N 303 
SER CA  C    sing N N 304 
SER CA  CB   sing N N 305 
SER CA  HA   sing N N 306 
SER C   O    doub N N 307 
SER C   OXT  sing N N 308 
SER CB  OG   sing N N 309 
SER CB  HB2  sing N N 310 
SER CB  HB3  sing N N 311 
SER OG  HG   sing N N 312 
SER OXT HXT  sing N N 313 
THR N   CA   sing N N 314 
THR N   H    sing N N 315 
THR N   H2   sing N N 316 
THR CA  C    sing N N 317 
THR CA  CB   sing N N 318 
THR CA  HA   sing N N 319 
THR C   O    doub N N 320 
THR C   OXT  sing N N 321 
THR CB  OG1  sing N N 322 
THR CB  CG2  sing N N 323 
THR CB  HB   sing N N 324 
THR OG1 HG1  sing N N 325 
THR CG2 HG21 sing N N 326 
THR CG2 HG22 sing N N 327 
THR CG2 HG23 sing N N 328 
THR OXT HXT  sing N N 329 
TRP N   CA   sing N N 330 
TRP N   H    sing N N 331 
TRP N   H2   sing N N 332 
TRP CA  C    sing N N 333 
TRP CA  CB   sing N N 334 
TRP CA  HA   sing N N 335 
TRP C   O    doub N N 336 
TRP C   OXT  sing N N 337 
TRP CB  CG   sing N N 338 
TRP CB  HB2  sing N N 339 
TRP CB  HB3  sing N N 340 
TRP CG  CD1  doub Y N 341 
TRP CG  CD2  sing Y N 342 
TRP CD1 NE1  sing Y N 343 
TRP CD1 HD1  sing N N 344 
TRP CD2 CE2  doub Y N 345 
TRP CD2 CE3  sing Y N 346 
TRP NE1 CE2  sing Y N 347 
TRP NE1 HE1  sing N N 348 
TRP CE2 CZ2  sing Y N 349 
TRP CE3 CZ3  doub Y N 350 
TRP CE3 HE3  sing N N 351 
TRP CZ2 CH2  doub Y N 352 
TRP CZ2 HZ2  sing N N 353 
TRP CZ3 CH2  sing Y N 354 
TRP CZ3 HZ3  sing N N 355 
TRP CH2 HH2  sing N N 356 
TRP OXT HXT  sing N N 357 
TYR N   CA   sing N N 358 
TYR N   H    sing N N 359 
TYR N   H2   sing N N 360 
TYR CA  C    sing N N 361 
TYR CA  CB   sing N N 362 
TYR CA  HA   sing N N 363 
TYR C   O    doub N N 364 
TYR C   OXT  sing N N 365 
TYR CB  CG   sing N N 366 
TYR CB  HB2  sing N N 367 
TYR CB  HB3  sing N N 368 
TYR CG  CD1  doub Y N 369 
TYR CG  CD2  sing Y N 370 
TYR CD1 CE1  sing Y N 371 
TYR CD1 HD1  sing N N 372 
TYR CD2 CE2  doub Y N 373 
TYR CD2 HD2  sing N N 374 
TYR CE1 CZ   doub Y N 375 
TYR CE1 HE1  sing N N 376 
TYR CE2 CZ   sing Y N 377 
TYR CE2 HE2  sing N N 378 
TYR CZ  OH   sing N N 379 
TYR OH  HH   sing N N 380 
TYR OXT HXT  sing N N 381 
VAL N   CA   sing N N 382 
VAL N   H    sing N N 383 
VAL N   H2   sing N N 384 
VAL CA  C    sing N N 385 
VAL CA  CB   sing N N 386 
VAL CA  HA   sing N N 387 
VAL C   O    doub N N 388 
VAL C   OXT  sing N N 389 
VAL CB  CG1  sing N N 390 
VAL CB  CG2  sing N N 391 
VAL CB  HB   sing N N 392 
VAL CG1 HG11 sing N N 393 
VAL CG1 HG12 sing N N 394 
VAL CG1 HG13 sing N N 395 
VAL CG2 HG21 sing N N 396 
VAL CG2 HG22 sing N N 397 
VAL CG2 HG23 sing N N 398 
VAL OXT HXT  sing N N 399 
# 
_pdbx_audit_support.funding_organization   
'National Institutes of Health/National Institute of General Medical Sciences (NIH/NIGMS)' 
_pdbx_audit_support.country                'United States' 
_pdbx_audit_support.grant_number           GM055984 
_pdbx_audit_support.ordinal                1 
# 
_pdbx_initial_refinement_model.id               1 
_pdbx_initial_refinement_model.entity_id_list   ? 
_pdbx_initial_refinement_model.type             'experimental model' 
_pdbx_initial_refinement_model.source_name      PDB 
_pdbx_initial_refinement_model.accession_code   1M9Z 
_pdbx_initial_refinement_model.details          ? 
# 
_atom_sites.entry_id                    4P7U 
_atom_sites.fract_transf_matrix[1][1]   -0.01388519 
_atom_sites.fract_transf_matrix[1][2]   -0.02347760 
_atom_sites.fract_transf_matrix[1][3]   -0.01196454 
_atom_sites.fract_transf_matrix[2][1]   -0.02116393 
_atom_sites.fract_transf_matrix[2][2]   0.01275359 
_atom_sites.fract_transf_matrix[2][3]   -0.00046458 
_atom_sites.fract_transf_matrix[3][1]   0.00292877 
_atom_sites.fract_transf_matrix[3][2]   0.00442036 
_atom_sites.fract_transf_matrix[3][3]   -0.01207284 
_atom_sites.fract_transf_vector[1]      0.029646 
_atom_sites.fract_transf_vector[2]      0.118714 
_atom_sites.fract_transf_vector[3]      1.110110 
# 
loop_
_atom_type.symbol 
C 
N 
O 
S 
# 
loop_
_atom_site.group_PDB 
_atom_site.id 
_atom_site.type_symbol 
_atom_site.label_atom_id 
_atom_site.label_alt_id 
_atom_site.label_comp_id 
_atom_site.label_asym_id 
_atom_site.label_entity_id 
_atom_site.label_seq_id 
_atom_site.pdbx_PDB_ins_code 
_atom_site.Cartn_x 
_atom_site.Cartn_y 
_atom_site.Cartn_z 
_atom_site.occupancy 
_atom_site.B_iso_or_equiv 
_atom_site.pdbx_formal_charge 
_atom_site.auth_seq_id 
_atom_site.auth_comp_id 
_atom_site.auth_asym_id 
_atom_site.auth_atom_id 
_atom_site.pdbx_PDB_model_num 
ATOM   1    N N   . ALA A 1 2   ? -6.505  9.337   -10.007 1.00 19.00 ?  26  ALA A N   1 
ATOM   2    C CA  . ALA A 1 2   ? -5.378  8.429   -10.146 1.00 15.49 ?  26  ALA A CA  1 
ATOM   3    C C   . ALA A 1 2   ? -5.826  7.052   -10.608 1.00 15.77 ?  26  ALA A C   1 
ATOM   4    O O   . ALA A 1 2   ? -6.976  6.650   -10.396 1.00 15.42 ?  26  ALA A O   1 
ATOM   5    C CB  . ALA A 1 2   ? -4.657  8.310   -8.817  1.00 21.21 ?  26  ALA A CB  1 
ATOM   6    N N   . LEU A 1 3   ? -4.906  6.354   -11.267 1.00 13.50 ?  27  LEU A N   1 
ATOM   7    C CA  . LEU A 1 3   ? -5.041  4.930   -11.535 1.00 12.33 ?  27  LEU A CA  1 
ATOM   8    C C   . LEU A 1 3   ? -4.205  4.227   -10.476 1.00 11.75 ?  27  LEU A C   1 
ATOM   9    O O   . LEU A 1 3   ? -3.085  4.641   -10.188 1.00 12.20 ?  27  LEU A O   1 
ATOM   10   C CB  . LEU A 1 3   ? -4.498  4.590   -12.926 1.00 15.78 ?  27  LEU A CB  1 
ATOM   11   C CG  . LEU A 1 3   ? -5.488  4.732   -14.093 1.00 19.34 ?  27  LEU A CG  1 
ATOM   12   C CD1 . LEU A 1 3   ? -5.837  6.179   -14.351 1.00 25.18 ?  27  LEU A CD1 1 
ATOM   13   C CD2 . LEU A 1 3   ? -4.893  4.100   -15.342 1.00 25.80 ?  27  LEU A CD2 1 
ATOM   14   N N   . CYS A 1 4   ? -4.769  3.193   -9.859  1.00 10.59 ?  28  CYS A N   1 
ATOM   15   C CA  . CYS A 1 4   ? -4.056  2.450   -8.819  1.00 10.88 ?  28  CYS A CA  1 
ATOM   16   C C   . CYS A 1 4   ? -4.241  0.959   -8.984  1.00 11.81 ?  28  CYS A C   1 
ATOM   17   O O   . CYS A 1 4   ? -5.239  0.503   -9.519  1.00 12.13 ?  28  CYS A O   1 
ATOM   18   C CB  . CYS A 1 4   ? -4.624  2.810   -7.442  1.00 12.81 ?  28  CYS A CB  1 
ATOM   19   S SG  . CYS A 1 4   ? -4.506  4.563   -7.016  1.00 12.62 ?  28  CYS A SG  1 
ATOM   20   N N   . LYS A 1 5   ? -3.301  0.183   -8.454  1.00 9.96  ?  29  LYS A N   1 
ATOM   21   C CA  . LYS A 1 5   ? -3.539  -1.244  -8.296  1.00 10.43 ?  29  LYS A CA  1 
ATOM   22   C C   . LYS A 1 5   ? -4.643  -1.420  -7.255  1.00 9.66  ?  29  LYS A C   1 
ATOM   23   O O   . LYS A 1 5   ? -4.694  -0.701  -6.264  1.00 11.75 ?  29  LYS A O   1 
ATOM   24   C CB  . LYS A 1 5   ? -2.259  -1.944  -7.847  1.00 10.96 ?  29  LYS A CB  1 
ATOM   25   C CG  . LYS A 1 5   ? -1.144  -1.905  -8.892  1.00 13.33 ?  29  LYS A CG  1 
ATOM   26   C CD  . LYS A 1 5   ? -1.643  -2.536  -10.196 1.00 17.38 ?  29  LYS A CD  1 
ATOM   27   C CE  . LYS A 1 5   ? -0.551  -2.687  -11.232 1.00 29.05 ?  29  LYS A CE  1 
ATOM   28   N NZ  . LYS A 1 5   ? -1.142  -3.396  -12.394 1.00 25.99 ?  29  LYS A NZ  1 
ATOM   29   N N   . PHE A 1 6   ? -5.554  -2.347  -7.514  1.00 11.95 ?  30  PHE A N   1 
ATOM   30   C CA  . PHE A 1 6   ? -6.725  -2.484  -6.664  1.00 11.71 ?  30  PHE A CA  1 
ATOM   31   C C   . PHE A 1 6   ? -7.127  -3.949  -6.586  1.00 12.74 ?  30  PHE A C   1 
ATOM   32   O O   . PHE A 1 6   ? -8.202  -4.336  -7.038  1.00 15.53 ?  30  PHE A O   1 
ATOM   33   C CB  . PHE A 1 6   ? -7.859  -1.598  -7.196  1.00 12.48 ?  30  PHE A CB  1 
ATOM   34   C CG  . PHE A 1 6   ? -8.868  -1.169  -6.150  1.00 15.09 ?  30  PHE A CG  1 
ATOM   35   C CD1 . PHE A 1 6   ? -9.117  -1.938  -5.017  1.00 16.78 ?  30  PHE A CD1 1 
ATOM   36   C CD2 . PHE A 1 6   ? -9.578  0.010   -6.317  1.00 16.62 ?  30  PHE A CD2 1 
ATOM   37   C CE1 . PHE A 1 6   ? -10.056 -1.517  -4.067  1.00 17.66 ?  30  PHE A CE1 1 
ATOM   38   C CE2 . PHE A 1 6   ? -10.503 0.422   -5.384  1.00 18.73 ?  30  PHE A CE2 1 
ATOM   39   C CZ  . PHE A 1 6   ? -10.742 -0.332  -4.266  1.00 16.42 ?  30  PHE A CZ  1 
ATOM   40   N N   . CYS A 1 7   ? -6.243  -4.751  -6.012  1.00 11.71 ?  31  CYS A N   1 
ATOM   41   C CA  . CYS A 1 7   ? -6.484  -6.180  -5.846  1.00 13.34 ?  31  CYS A CA  1 
ATOM   42   C C   . CYS A 1 7   ? -7.018  -6.522  -4.461  1.00 14.55 ?  31  CYS A C   1 
ATOM   43   O O   . CYS A 1 7   ? -7.278  -7.692  -4.188  1.00 16.35 ?  31  CYS A O   1 
ATOM   44   C CB  . CYS A 1 7   ? -5.207  -6.968  -6.074  1.00 14.60 ?  31  CYS A CB  1 
ATOM   45   S SG  . CYS A 1 7   ? -4.804  -7.210  -7.804  1.00 18.35 ?  31  CYS A SG  1 
ATOM   46   N N   . ASP A 1 8   ? -7.196  -5.525  -3.598  1.00 12.21 ?  32  ASP A N   1 
ATOM   47   C CA  . ASP A 1 8   ? -7.512  -5.787  -2.191  1.00 12.47 ?  32  ASP A CA  1 
ATOM   48   C C   . ASP A 1 8   ? -6.419  -6.679  -1.602  1.00 12.17 ?  32  ASP A C   1 
ATOM   49   O O   . ASP A 1 8   ? -5.265  -6.530  -2.012  1.00 12.12 ?  32  ASP A O   1 
ATOM   50   C CB  . ASP A 1 8   ? -8.939  -6.316  -2.019  1.00 14.79 ?  32  ASP A CB  1 
ATOM   51   C CG  . ASP A 1 8   ? -9.975  -5.253  -2.301  1.00 20.81 ?  32  ASP A CG  1 
ATOM   52   O OD1 . ASP A 1 8   ? -10.022 -4.259  -1.550  1.00 20.02 ?  32  ASP A OD1 1 
ATOM   53   O OD2 . ASP A 1 8   ? -10.733 -5.412  -3.277  1.00 26.06 ?  32  ASP A OD2 1 
ATOM   54   N N   . VAL A 1 9   ? -6.730  -7.563  -0.640  1.00 13.12 ?  33  VAL A N   1 
ATOM   55   C CA  . VAL A 1 9   ? -5.679  -8.315  0.054   1.00 12.70 ?  33  VAL A CA  1 
ATOM   56   C C   . VAL A 1 9   ? -5.348  -9.620  -0.650  1.00 15.47 ?  33  VAL A C   1 
ATOM   57   O O   . VAL A 1 9   ? -6.213  -10.490 -0.827  1.00 17.61 ?  33  VAL A O   1 
ATOM   58   C CB  . VAL A 1 9   ? -6.077  -8.631  1.495   1.00 13.03 ?  33  VAL A CB  1 
ATOM   59   C CG1 . VAL A 1 9   ? -4.896  -9.289  2.199   1.00 14.59 ?  33  VAL A CG1 1 
ATOM   60   C CG2 . VAL A 1 9   ? -6.503  -7.368  2.217   1.00 15.74 ?  33  VAL A CG2 1 
ATOM   61   N N   . ARG A 1 10  ? -4.082  -9.771  -1.023  1.00 13.04 ?  34  ARG A N   1 
ATOM   62   C CA  . ARG A 1 10  ? -3.605  -10.974 -1.688  1.00 15.20 ?  34  ARG A CA  1 
ATOM   63   C C   . ARG A 1 10  ? -2.408  -11.548 -0.939  1.00 15.14 ?  34  ARG A C   1 
ATOM   64   O O   . ARG A 1 10  ? -1.649  -10.817 -0.288  1.00 15.78 ?  34  ARG A O   1 
ATOM   65   C CB  . ARG A 1 10  ? -3.193  -10.661 -3.134  1.00 15.20 ?  34  ARG A CB  1 
ATOM   66   C CG  . ARG A 1 10  ? -4.279  -10.000 -3.963  1.00 15.36 ?  34  ARG A CG  1 
ATOM   67   C CD  . ARG A 1 10  ? -5.522  -10.896 -4.137  1.00 20.52 ?  34  ARG A CD  1 
ATOM   68   N NE  . ARG A 1 10  ? -6.499  -10.303 -5.055  1.00 19.95 ?  34  ARG A NE  1 
ATOM   69   C CZ  . ARG A 1 10  ? -6.474  -10.483 -6.372  1.00 27.20 ?  34  ARG A CZ  1 
ATOM   70   N NH1 . ARG A 1 10  ? -5.532  -11.240 -6.923  1.00 31.21 ?  34  ARG A NH1 1 
ATOM   71   N NH2 . ARG A 1 10  ? -7.383  -9.899  -7.146  1.00 26.76 ?  34  ARG A NH2 1 
ATOM   72   N N   . PHE A 1 11  ? -2.225  -12.860 -1.031  1.00 16.59 ?  35  PHE A N   1 
ATOM   73   C CA  . PHE A 1 11  ? -0.978  -13.450 -0.558  1.00 17.80 ?  35  PHE A CA  1 
ATOM   74   C C   . PHE A 1 11  ? 0.219   -12.889 -1.322  1.00 19.29 ?  35  PHE A C   1 
ATOM   75   O O   . PHE A 1 11  ? 0.127   -12.627 -2.532  1.00 19.90 ?  35  PHE A O   1 
ATOM   76   C CB  . PHE A 1 11  ? -1.029  -14.971 -0.691  1.00 20.79 ?  35  PHE A CB  1 
ATOM   77   C CG  . PHE A 1 11  ? -1.939  -15.627 0.302   1.00 21.92 ?  35  PHE A CG  1 
ATOM   78   C CD1 . PHE A 1 11  ? -1.597  -15.682 1.648   1.00 25.20 ?  35  PHE A CD1 1 
ATOM   79   C CD2 . PHE A 1 11  ? -3.146  -16.175 -0.102  1.00 27.86 ?  35  PHE A CD2 1 
ATOM   80   C CE1 . PHE A 1 11  ? -2.437  -16.286 2.572   1.00 30.15 ?  35  PHE A CE1 1 
ATOM   81   C CE2 . PHE A 1 11  ? -3.995  -16.777 0.817   1.00 35.07 ?  35  PHE A CE2 1 
ATOM   82   C CZ  . PHE A 1 11  ? -3.639  -16.833 2.156   1.00 31.48 ?  35  PHE A CZ  1 
ATOM   83   N N   . SER A 1 12  ? 1.333   -12.695 -0.621  1.00 17.22 ?  36  SER A N   1 
ATOM   84   C CA  . SER A 1 12  ? 2.537   -12.152 -1.230  1.00 18.58 ?  36  SER A CA  1 
ATOM   85   C C   . SER A 1 12  ? 3.778   -12.930 -0.810  1.00 17.56 ?  36  SER A C   1 
ATOM   86   O O   . SER A 1 12  ? 3.825   -13.494 0.288   1.00 21.48 ?  36  SER A O   1 
ATOM   87   C CB  . SER A 1 12  ? 2.711   -10.686 -0.829  1.00 21.06 ?  36  SER A CB  1 
ATOM   88   O OG  . SER A 1 12  ? 3.855   -10.130 -1.452  1.00 21.50 ?  36  SER A OG  1 
ATOM   89   N N   . THR A 1 13  ? 4.779   -12.920 -1.680  1.00 26.95 ?  37  THR A N   1 
ATOM   90   C CA  . THR A 1 13  ? 6.078   -13.491 -1.363  1.00 29.10 ?  37  THR A CA  1 
ATOM   91   C C   . THR A 1 13  ? 7.105   -12.393 -1.065  1.00 31.18 ?  37  THR A C   1 
ATOM   92   O O   . THR A 1 13  ? 8.281   -12.673 -0.834  1.00 31.05 ?  37  THR A O   1 
ATOM   93   C CB  . THR A 1 13  ? 6.583   -14.370 -2.517  1.00 29.97 ?  37  THR A CB  1 
ATOM   94   O OG1 . THR A 1 13  ? 6.661   -13.583 -3.710  1.00 35.50 ?  37  THR A OG1 1 
ATOM   95   C CG2 . THR A 1 13  ? 5.620   -15.517 -2.754  1.00 42.29 ?  37  THR A CG2 1 
ATOM   96   N N   . CYS A 1 14  ? 6.648   -11.143 -1.071  1.00 20.15 ?  38  CYS A N   1 
ATOM   97   C CA  . CYS A 1 14  ? 7.500   -9.999  -0.784  1.00 17.47 ?  38  CYS A CA  1 
ATOM   98   C C   . CYS A 1 14  ? 8.080   -10.048 0.626   1.00 19.19 ?  38  CYS A C   1 
ATOM   99   O O   . CYS A 1 14  ? 7.370   -9.909  1.634   1.00 16.98 ?  38  CYS A O   1 
ATOM   100  C CB  . CYS A 1 14  ? 6.720   -8.696  -0.986  1.00 18.87 ?  38  CYS A CB  1 
ATOM   101  S SG  . CYS A 1 14  ? 7.592   -7.203  -0.491  1.00 21.07 ?  38  CYS A SG  1 
ATOM   102  N N   . ASP A 1 15  ? 9.394   -10.235 0.689   1.00 23.30 ?  39  ASP A N   1 
ATOM   103  C CA  . ASP A 1 15  ? 10.083  -10.319 1.962   1.00 27.19 ?  39  ASP A CA  1 
ATOM   104  C C   . ASP A 1 15  ? 11.570  -10.250 1.673   1.00 23.61 ?  39  ASP A C   1 
ATOM   105  O O   . ASP A 1 15  ? 12.012  -10.713 0.630   1.00 25.57 ?  39  ASP A O   1 
ATOM   106  C CB  . ASP A 1 15  ? 9.739   -11.639 2.654   1.00 25.60 ?  39  ASP A CB  1 
ATOM   107  C CG  . ASP A 1 15  ? 9.984   -11.595 4.145   1.00 28.72 ?  39  ASP A CG  1 
ATOM   108  O OD1 . ASP A 1 15  ? 10.068  -10.481 4.715   1.00 28.32 ?  39  ASP A OD1 1 
ATOM   109  O OD2 . ASP A 1 15  ? 10.096  -12.682 4.754   1.00 40.11 ?  39  ASP A OD2 1 
ATOM   110  N N   . ASN A 1 16  ? 12.319  -9.636  2.580   1.00 25.87 ?  40  ASN A N   1 
ATOM   111  C CA  . ASN A 1 16  ? 13.776  -9.608  2.476   1.00 27.15 ?  40  ASN A CA  1 
ATOM   112  C C   . ASN A 1 16  ? 14.286  -8.949  1.201   1.00 27.70 ?  40  ASN A C   1 
ATOM   113  O O   . ASN A 1 16  ? 15.257  -9.413  0.604   1.00 31.60 ?  40  ASN A O   1 
ATOM   114  C CB  . ASN A 1 16  ? 14.351  -11.022 2.614   1.00 28.09 ?  40  ASN A CB  1 
ATOM   115  C CG  . ASN A 1 16  ? 13.794  -11.763 3.824   1.00 42.61 ?  40  ASN A CG  1 
ATOM   116  O OD1 . ASN A 1 16  ? 13.459  -12.947 3.745   1.00 49.34 ?  40  ASN A OD1 1 
ATOM   117  N ND2 . ASN A 1 16  ? 13.684  -11.061 4.949   1.00 37.36 ?  40  ASN A ND2 1 
ATOM   118  N N   A GLN A 1 17  ? 13.648  -7.863  0.793   0.56 26.04 ?  41  GLN A N   1 
ATOM   119  N N   B GLN A 1 17  ? 13.591  -7.890  0.771   0.44 25.97 ?  41  GLN A N   1 
ATOM   120  C CA  A GLN A 1 17  ? 14.186  -7.076  -0.307  0.56 23.12 ?  41  GLN A CA  1 
ATOM   121  C CA  B GLN A 1 17  ? 13.989  -7.078  -0.388  0.44 22.73 ?  41  GLN A CA  1 
ATOM   122  C C   A GLN A 1 17  ? 13.754  -5.626  -0.207  0.56 20.13 ?  41  GLN A C   1 
ATOM   123  C C   B GLN A 1 17  ? 13.817  -5.594  -0.087  0.44 20.19 ?  41  GLN A C   1 
ATOM   124  O O   A GLN A 1 17  ? 12.732  -5.311  0.397   0.56 22.00 ?  41  GLN A O   1 
ATOM   125  O O   B GLN A 1 17  ? 13.005  -5.218  0.750   0.44 22.17 ?  41  GLN A O   1 
ATOM   126  C CB  A GLN A 1 17  ? 13.833  -7.685  -1.667  0.56 29.08 ?  41  GLN A CB  1 
ATOM   127  C CB  B GLN A 1 17  ? 13.121  -7.390  -1.608  0.44 27.15 ?  41  GLN A CB  1 
ATOM   128  C CG  A GLN A 1 17  ? 12.394  -8.121  -1.827  0.56 29.18 ?  41  GLN A CG  1 
ATOM   129  C CG  B GLN A 1 17  ? 13.140  -8.812  -2.108  0.44 31.99 ?  41  GLN A CG  1 
ATOM   130  C CD  A GLN A 1 17  ? 12.174  -8.896  -3.116  0.56 35.46 ?  41  GLN A CD  1 
ATOM   131  C CD  B GLN A 1 17  ? 11.893  -9.128  -2.911  0.44 35.52 ?  41  GLN A CD  1 
ATOM   132  O OE1 A GLN A 1 17  ? 12.604  -10.044 -3.244  0.56 33.29 ?  41  GLN A OE1 1 
ATOM   133  O OE1 B GLN A 1 17  ? 11.693  -8.601  -4.009  0.44 33.01 ?  41  GLN A OE1 1 
ATOM   134  N NE2 A GLN A 1 17  ? 11.508  -8.265  -4.082  0.56 28.77 ?  41  GLN A NE2 1 
ATOM   135  N NE2 B GLN A 1 17  ? 11.030  -9.969  -2.352  0.44 31.90 ?  41  GLN A NE2 1 
ATOM   136  N N   . LYS A 1 18  ? 14.558  -4.748  -0.794  1.00 21.07 ?  42  LYS A N   1 
ATOM   137  C CA  . LYS A 1 18  ? 14.391  -3.302  -0.655  1.00 21.05 ?  42  LYS A CA  1 
ATOM   138  C C   . LYS A 1 18  ? 13.099  -2.775  -1.286  1.00 16.47 ?  42  LYS A C   1 
ATOM   139  O O   . LYS A 1 18  ? 12.537  -1.796  -0.812  1.00 22.47 ?  42  LYS A O   1 
ATOM   140  C CB  . LYS A 1 18  ? 15.608  -2.571  -1.233  1.00 24.30 ?  42  LYS A CB  1 
ATOM   141  C CG  . LYS A 1 18  ? 16.919  -2.957  -0.546  1.00 38.68 ?  42  LYS A CG  1 
ATOM   142  C CD  . LYS A 1 18  ? 18.108  -2.223  -1.150  1.00 49.35 ?  42  LYS A CD  1 
ATOM   143  C CE  . LYS A 1 18  ? 18.650  -2.961  -2.362  1.00 56.58 ?  42  LYS A CE  1 
ATOM   144  N NZ  . LYS A 1 18  ? 19.142  -4.316  -1.990  1.00 59.49 ?  42  LYS A NZ  1 
ATOM   145  N N   . SER A 1 19  ? 12.652  -3.417  -2.362  1.00 15.58 ?  43  SER A N   1 
ATOM   146  C CA  . SER A 1 19  ? 11.376  -3.070  -2.976  1.00 16.88 ?  43  SER A CA  1 
ATOM   147  C C   . SER A 1 19  ? 10.732  -4.295  -3.575  1.00 17.77 ?  43  SER A C   1 
ATOM   148  O O   . SER A 1 19  ? 11.390  -5.287  -3.872  1.00 17.94 ?  43  SER A O   1 
ATOM   149  C CB  . SER A 1 19  ? 11.530  -1.982  -4.040  1.00 17.05 ?  43  SER A CB  1 
ATOM   150  O OG  . SER A 1 19  ? 12.161  -2.487  -5.208  1.00 19.57 ?  43  SER A OG  1 
ATOM   151  N N   . CYS A 1 20  ? 9.418   -4.222  -3.742  1.00 15.83 ?  44  CYS A N   1 
ATOM   152  C CA  . CYS A 1 20  ? 8.648   -5.339  -4.266  1.00 17.27 ?  44  CYS A CA  1 
ATOM   153  C C   . CYS A 1 20  ? 7.613   -4.844  -5.238  1.00 17.25 ?  44  CYS A C   1 
ATOM   154  O O   . CYS A 1 20  ? 7.020   -3.774  -5.047  1.00 16.40 ?  44  CYS A O   1 
ATOM   155  C CB  . CYS A 1 20  ? 7.880   -6.039  -3.149  1.00 19.23 ?  44  CYS A CB  1 
ATOM   156  S SG  . CYS A 1 20  ? 8.908   -6.900  -1.981  1.00 22.52 ?  44  CYS A SG  1 
ATOM   157  N N   A MET A 1 21  ? 7.388   -5.619  -6.296  0.74 18.30 ?  45  MET A N   1 
ATOM   158  N N   B MET A 1 21  ? 7.375   -5.626  -6.282  0.26 18.41 ?  45  MET A N   1 
ATOM   159  C CA  A MET A 1 21  ? 6.279   -5.364  -7.200  0.74 18.62 ?  45  MET A CA  1 
ATOM   160  C CA  B MET A 1 21  ? 6.273   -5.335  -7.174  0.26 18.75 ?  45  MET A CA  1 
ATOM   161  C C   A MET A 1 21  ? 5.035   -5.963  -6.584  0.74 17.75 ?  45  MET A C   1 
ATOM   162  C C   B MET A 1 21  ? 5.032   -5.963  -6.582  0.26 17.85 ?  45  MET A C   1 
ATOM   163  O O   A MET A 1 21  ? 5.108   -6.982  -5.897  0.74 19.75 ?  45  MET A O   1 
ATOM   164  O O   B MET A 1 21  ? 5.106   -6.992  -5.909  0.26 19.72 ?  45  MET A O   1 
ATOM   165  C CB  A MET A 1 21  ? 6.539   -5.984  -8.569  0.74 24.23 ?  45  MET A CB  1 
ATOM   166  C CB  B MET A 1 21  ? 6.549   -5.873  -8.575  0.26 24.36 ?  45  MET A CB  1 
ATOM   167  C CG  A MET A 1 21  ? 7.613   -5.267  -9.365  0.74 30.07 ?  45  MET A CG  1 
ATOM   168  C CG  B MET A 1 21  ? 7.797   -5.276  -9.201  0.26 31.53 ?  45  MET A CG  1 
ATOM   169  S SD  A MET A 1 21  ? 7.838   -6.037  -10.973 0.74 49.67 ?  45  MET A SD  1 
ATOM   170  S SD  B MET A 1 21  ? 7.797   -5.435  -10.992 0.26 45.25 ?  45  MET A SD  1 
ATOM   171  C CE  A MET A 1 21  ? 8.050   -7.731  -10.454 0.74 28.33 ?  45  MET A CE  1 
ATOM   172  C CE  B MET A 1 21  ? 7.702   -7.220  -11.124 0.26 30.94 ?  45  MET A CE  1 
ATOM   173  N N   . SER A 1 22  ? 3.891   -5.329  -6.808  1.00 15.88 ?  46  SER A N   1 
ATOM   174  C CA  . SER A 1 22  ? 2.655   -5.803  -6.215  1.00 14.48 ?  46  SER A CA  1 
ATOM   175  C C   . SER A 1 22  ? 2.187   -7.141  -6.770  1.00 14.45 ?  46  SER A C   1 
ATOM   176  O O   . SER A 1 22  ? 1.478   -7.871  -6.069  1.00 17.16 ?  46  SER A O   1 
ATOM   177  C CB  . SER A 1 22  ? 1.539   -4.759  -6.385  1.00 14.36 ?  46  SER A CB  1 
ATOM   178  O OG  . SER A 1 22  ? 1.004   -4.770  -7.705  1.00 14.66 ?  46  SER A OG  1 
ATOM   179  N N   . ASN A 1 23  ? 2.529   -7.437  -8.021  1.00 16.32 ?  47  ASN A N   1 
ATOM   180  C CA  . ASN A 1 23  ? 2.016   -8.620  -8.720  1.00 18.84 ?  47  ASN A CA  1 
ATOM   181  C C   . ASN A 1 23  ? 0.493   -8.619  -8.791  1.00 21.43 ?  47  ASN A C   1 
ATOM   182  O O   . ASN A 1 23  ? -0.147  -9.665  -8.890  1.00 23.90 ?  47  ASN A O   1 
ATOM   183  C CB  . ASN A 1 23  ? 2.557   -9.908  -8.094  1.00 22.87 ?  47  ASN A CB  1 
ATOM   184  C CG  . ASN A 1 23  ? 4.061   -10.038 -8.265  1.00 28.15 ?  47  ASN A CG  1 
ATOM   185  O OD1 . ASN A 1 23  ? 4.612   -9.699  -9.317  1.00 34.22 ?  47  ASN A OD1 1 
ATOM   186  N ND2 . ASN A 1 23  ? 4.736   -10.501 -7.223  1.00 34.59 ?  47  ASN A ND2 1 
ATOM   187  N N   . CYS A 1 24  ? -0.084  -7.422  -8.738  1.00 16.05 ?  48  CYS A N   1 
ATOM   188  C CA  . CYS A 1 24  ? -1.524  -7.251  -8.868  1.00 19.03 ?  48  CYS A CA  1 
ATOM   189  C C   . CYS A 1 24  ? -1.855  -6.939  -10.323 1.00 17.75 ?  48  CYS A C   1 
ATOM   190  O O   . CYS A 1 24  ? -1.293  -6.015  -10.910 1.00 21.27 ?  48  CYS A O   1 
ATOM   191  C CB  . CYS A 1 24  ? -2.006  -6.122  -7.944  1.00 18.64 ?  48  CYS A CB  1 
ATOM   192  S SG  . CYS A 1 24  ? -3.701  -5.577  -8.236  1.00 17.98 ?  48  CYS A SG  1 
ATOM   193  N N   . SER A 1 25  ? -2.775  -7.703  -10.905 1.00 20.50 ?  49  SER A N   1 
ATOM   194  C CA  . SER A 1 25  ? -3.107  -7.529  -12.317 1.00 20.44 ?  49  SER A CA  1 
ATOM   195  C C   . SER A 1 25  ? -4.321  -6.632  -12.543 1.00 23.98 ?  49  SER A C   1 
ATOM   196  O O   . SER A 1 25  ? -4.804  -6.510  -13.669 1.00 26.98 ?  49  SER A O   1 
ATOM   197  C CB  . SER A 1 25  ? -3.316  -8.890  -12.981 1.00 29.51 ?  49  SER A CB  1 
ATOM   198  O OG  . SER A 1 25  ? -4.366  -9.597  -12.356 1.00 42.76 ?  49  SER A OG  1 
ATOM   199  N N   . ILE A 1 26  ? -4.801  -5.991  -11.482 1.00 17.14 ?  50  ILE A N   1 
ATOM   200  C CA  . ILE A 1 26  ? -5.960  -5.105  -11.588 1.00 17.39 ?  50  ILE A CA  1 
ATOM   201  C C   . ILE A 1 26  ? -5.531  -3.667  -11.389 1.00 16.74 ?  50  ILE A C   1 
ATOM   202  O O   . ILE A 1 26  ? -5.124  -3.278  -10.288 1.00 17.29 ?  50  ILE A O   1 
ATOM   203  C CB  . ILE A 1 26  ? -7.042  -5.429  -10.527 1.00 17.32 ?  50  ILE A CB  1 
ATOM   204  C CG1 . ILE A 1 26  ? -7.522  -6.886  -10.660 1.00 21.72 ?  50  ILE A CG1 1 
ATOM   205  C CG2 . ILE A 1 26  ? -8.202  -4.437  -10.599 1.00 20.46 ?  50  ILE A CG2 1 
ATOM   206  C CD1 . ILE A 1 26  ? -8.497  -7.312  -9.592  1.00 24.93 ?  50  ILE A CD1 1 
ATOM   207  N N   . THR A 1 27  ? -5.621  -2.872  -12.453 1.00 16.51 ?  51  THR A N   1 
ATOM   208  C CA  . THR A 1 27  ? -5.416  -1.434  -12.344 1.00 16.51 ?  51  THR A CA  1 
ATOM   209  C C   . THR A 1 27  ? -6.773  -0.788  -12.535 1.00 18.38 ?  51  THR A C   1 
ATOM   210  O O   . THR A 1 27  ? -7.460  -1.051  -13.526 1.00 20.59 ?  51  THR A O   1 
ATOM   211  C CB  . THR A 1 27  ? -4.461  -0.907  -13.411 1.00 17.27 ?  51  THR A CB  1 
ATOM   212  O OG1 . THR A 1 27  ? -3.144  -1.392  -13.134 1.00 20.10 ?  51  THR A OG1 1 
ATOM   213  C CG2 . THR A 1 27  ? -4.431  0.625   -13.377 1.00 19.32 ?  51  THR A CG2 1 
ATOM   214  N N   A SER A 1 28  ? -7.171  0.042   -11.581 0.55 14.50 ?  52  SER A N   1 
ATOM   215  N N   B SER A 1 28  ? -7.156  0.059   -11.586 0.45 14.53 ?  52  SER A N   1 
ATOM   216  C CA  A SER A 1 28  ? -8.471  0.690   -11.633 0.55 14.16 ?  52  SER A CA  1 
ATOM   217  C CA  B SER A 1 28  ? -8.472  0.687   -11.593 0.45 14.23 ?  52  SER A CA  1 
ATOM   218  C C   A SER A 1 28  ? -8.322  2.198   -11.650 0.55 13.34 ?  52  SER A C   1 
ATOM   219  C C   B SER A 1 28  ? -8.383  2.206   -11.553 0.45 13.62 ?  52  SER A C   1 
ATOM   220  O O   A SER A 1 28  ? -7.353  2.745   -11.116 0.55 13.97 ?  52  SER A O   1 
ATOM   221  O O   B SER A 1 28  ? -7.525  2.774   -10.866 0.45 13.31 ?  52  SER A O   1 
ATOM   222  C CB  A SER A 1 28  ? -9.305  0.271   -10.423 0.55 18.42 ?  52  SER A CB  1 
ATOM   223  C CB  B SER A 1 28  ? -9.273  0.213   -10.382 0.45 18.39 ?  52  SER A CB  1 
ATOM   224  O OG  A SER A 1 28  ? -9.455  -1.136  -10.387 0.55 20.78 ?  52  SER A OG  1 
ATOM   225  O OG  B SER A 1 28  ? -10.539 0.849   -10.321 0.45 27.19 ?  52  SER A OG  1 
ATOM   226  N N   . ILE A 1 29  ? -9.284  2.871   -12.271 1.00 15.21 ?  53  ILE A N   1 
ATOM   227  C CA  . ILE A 1 29  ? -9.414  4.312   -12.138 1.00 15.62 ?  53  ILE A CA  1 
ATOM   228  C C   . ILE A 1 29  ? -10.162 4.530   -10.828 1.00 16.14 ?  53  ILE A C   1 
ATOM   229  O O   . ILE A 1 29  ? -11.256 4.000   -10.633 1.00 18.31 ?  53  ILE A O   1 
ATOM   230  C CB  . ILE A 1 29  ? -10.259 4.917   -13.277 1.00 18.41 ?  53  ILE A CB  1 
ATOM   231  C CG1 . ILE A 1 29  ? -9.603  4.660   -14.637 1.00 19.21 ?  53  ILE A CG1 1 
ATOM   232  C CG2 . ILE A 1 29  ? -10.484 6.406   -13.015 1.00 19.66 ?  53  ILE A CG2 1 
ATOM   233  C CD1 . ILE A 1 29  ? -10.508 5.022   -15.824 1.00 22.85 ?  53  ILE A CD1 1 
ATOM   234  N N   . CYS A 1 30  ? -9.567  5.273   -9.903  1.00 15.17 ?  54  CYS A N   1 
ATOM   235  C CA  . CYS A 1 30  ? -10.240 5.539   -8.644  1.00 16.61 ?  54  CYS A CA  1 
ATOM   236  C C   . CYS A 1 30  ? -11.512 6.341   -8.885  1.00 22.58 ?  54  CYS A C   1 
ATOM   237  O O   . CYS A 1 30  ? -11.549 7.235   -9.736  1.00 23.02 ?  54  CYS A O   1 
ATOM   238  C CB  . CYS A 1 30  ? -9.305  6.258   -7.663  1.00 17.21 ?  54  CYS A CB  1 
ATOM   239  S SG  . CYS A 1 30  ? -7.817  5.309   -7.259  1.00 18.28 ?  54  CYS A SG  1 
ATOM   240  N N   . GLU A 1 31  ? -12.547 5.993   -8.129  1.00 20.39 ?  55  GLU A N   1 
ATOM   241  C CA  . GLU A 1 31  ? -13.903 6.504   -8.322  1.00 25.85 ?  55  GLU A CA  1 
ATOM   242  C C   . GLU A 1 31  ? -14.007 8.015   -8.099  1.00 28.92 ?  55  GLU A C   1 
ATOM   243  O O   . GLU A 1 31  ? -14.729 8.710   -8.822  1.00 29.02 ?  55  GLU A O   1 
ATOM   244  C CB  . GLU A 1 31  ? -14.802 5.735   -7.354  1.00 32.06 ?  55  GLU A CB  1 
ATOM   245  C CG  . GLU A 1 31  ? -16.255 6.115   -7.298  1.00 47.06 ?  55  GLU A CG  1 
ATOM   246  C CD  . GLU A 1 31  ? -17.001 5.214   -6.328  1.00 54.81 ?  55  GLU A CD  1 
ATOM   247  O OE1 . GLU A 1 31  ? -17.558 5.731   -5.335  1.00 66.19 ?  55  GLU A OE1 1 
ATOM   248  O OE2 . GLU A 1 31  ? -17.011 3.982   -6.550  1.00 69.73 ?  55  GLU A OE2 1 
ATOM   249  N N   . LYS A 1 32  ? -13.283 8.524   -7.104  1.00 17.95 ?  56  LYS A N   1 
ATOM   250  C CA  . LYS A 1 32  ? -13.295 9.945   -6.780  1.00 16.10 ?  56  LYS A CA  1 
ATOM   251  C C   . LYS A 1 32  ? -11.924 10.568  -7.010  1.00 18.94 ?  56  LYS A C   1 
ATOM   252  O O   . LYS A 1 32  ? -10.900 9.914   -6.784  1.00 15.84 ?  56  LYS A O   1 
ATOM   253  C CB  . LYS A 1 32  ? -13.700 10.152  -5.316  1.00 22.59 ?  56  LYS A CB  1 
ATOM   254  C CG  . LYS A 1 32  ? -15.063 9.593   -4.977  1.00 23.71 ?  56  LYS A CG  1 
ATOM   255  C CD  . LYS A 1 32  ? -15.376 9.795   -3.501  1.00 35.82 ?  56  LYS A CD  1 
ATOM   256  C CE  . LYS A 1 32  ? -16.593 8.984   -3.087  1.00 51.07 ?  56  LYS A CE  1 
ATOM   257  N NZ  . LYS A 1 32  ? -17.804 9.327   -3.886  1.00 58.25 ?  56  LYS A NZ  1 
ATOM   258  N N   . PRO A 1 33  ? -11.888 11.835  -7.452  1.00 15.32 ?  57  PRO A N   1 
ATOM   259  C CA  . PRO A 1 33  ? -10.632 12.458  -7.874  1.00 16.61 ?  57  PRO A CA  1 
ATOM   260  C C   . PRO A 1 33  ? -9.624  12.652  -6.752  1.00 18.10 ?  57  PRO A C   1 
ATOM   261  O O   . PRO A 1 33  ? -8.416  12.719  -7.003  1.00 21.92 ?  57  PRO A O   1 
ATOM   262  C CB  . PRO A 1 33  ? -11.098 13.818  -8.444  1.00 16.47 ?  57  PRO A CB  1 
ATOM   263  C CG  . PRO A 1 33  ? -12.374 14.101  -7.680  1.00 15.20 ?  57  PRO A CG  1 
ATOM   264  C CD  . PRO A 1 33  ? -13.035 12.754  -7.620  1.00 18.02 ?  57  PRO A CD  1 
ATOM   265  N N   . GLN A 1 34  ? -10.112 12.713  -5.517  1.00 16.42 ?  58  GLN A N   1 
ATOM   266  C CA  . GLN A 1 34  ? -9.242  12.925  -4.371  1.00 17.21 ?  58  GLN A CA  1 
ATOM   267  C C   . GLN A 1 34  ? -8.597  11.630  -3.889  1.00 17.20 ?  58  GLN A C   1 
ATOM   268  O O   . GLN A 1 34  ? -7.676  11.668  -3.076  1.00 18.48 ?  58  GLN A O   1 
ATOM   269  C CB  . GLN A 1 34  ? -10.026 13.561  -3.220  1.00 19.37 ?  58  GLN A CB  1 
ATOM   270  C CG  . GLN A 1 34  ? -11.075 12.650  -2.608  1.00 19.43 ?  58  GLN A CG  1 
ATOM   271  C CD  . GLN A 1 34  ? -12.471 12.899  -3.151  1.00 28.11 ?  58  GLN A CD  1 
ATOM   272  O OE1 . GLN A 1 34  ? -12.662 13.102  -4.355  1.00 21.27 ?  58  GLN A OE1 1 
ATOM   273  N NE2 . GLN A 1 34  ? -13.461 12.888  -2.261  1.00 26.25 ?  58  GLN A NE2 1 
ATOM   274  N N   . GLU A 1 35  ? -9.052  10.489  -4.397  1.00 14.57 ?  59  GLU A N   1 
ATOM   275  C CA  . GLU A 1 35  ? -8.472  9.217   -3.934  1.00 13.65 ?  59  GLU A CA  1 
ATOM   276  C C   . GLU A 1 35  ? -7.028  9.047   -4.378  1.00 13.61 ?  59  GLU A C   1 
ATOM   277  O O   . GLU A 1 35  ? -6.611  9.529   -5.436  1.00 15.17 ?  59  GLU A O   1 
ATOM   278  C CB  . GLU A 1 35  ? -9.326  8.028   -4.388  1.00 12.28 ?  59  GLU A CB  1 
ATOM   279  C CG  . GLU A 1 35  ? -10.653 7.991   -3.650  1.00 14.63 ?  59  GLU A CG  1 
ATOM   280  C CD  . GLU A 1 35  ? -11.660 6.997   -4.201  1.00 22.74 ?  59  GLU A CD  1 
ATOM   281  O OE1 . GLU A 1 35  ? -11.420 6.389   -5.263  1.00 35.37 ?  59  GLU A OE1 1 
ATOM   282  O OE2 . GLU A 1 35  ? -12.713 6.821   -3.550  1.00 48.34 ?  59  GLU A OE2 1 
ATOM   283  N N   . VAL A 1 36  ? -6.267  8.359   -3.538  1.00 11.53 ?  60  VAL A N   1 
ATOM   284  C CA  . VAL A 1 36  ? -4.869  8.047   -3.788  1.00 12.18 ?  60  VAL A CA  1 
ATOM   285  C C   . VAL A 1 36  ? -4.667  6.541   -3.731  1.00 12.56 ?  60  VAL A C   1 
ATOM   286  O O   . VAL A 1 36  ? -5.559  5.791   -3.326  1.00 12.11 ?  60  VAL A O   1 
ATOM   287  C CB  . VAL A 1 36  ? -3.919  8.744   -2.778  1.00 13.22 ?  60  VAL A CB  1 
ATOM   288  C CG1 . VAL A 1 36  ? -4.173  10.266  -2.784  1.00 14.93 ?  60  VAL A CG1 1 
ATOM   289  C CG2 . VAL A 1 36  ? -4.114  8.207   -1.379  1.00 15.09 ?  60  VAL A CG2 1 
ATOM   290  N N   . CYS A 1 37  ? -3.503  6.093   -4.180  1.00 10.32 ?  61  CYS A N   1 
ATOM   291  C CA  . CYS A 1 37  ? -3.171  4.656   -4.117  1.00 9.85  ?  61  CYS A CA  1 
ATOM   292  C C   . CYS A 1 37  ? -2.590  4.280   -2.765  1.00 10.76 ?  61  CYS A C   1 
ATOM   293  O O   . CYS A 1 37  ? -1.833  5.052   -2.161  1.00 11.43 ?  61  CYS A O   1 
ATOM   294  C CB  . CYS A 1 37  ? -2.142  4.293   -5.184  1.00 11.70 ?  61  CYS A CB  1 
ATOM   295  S SG  . CYS A 1 37  ? -2.507  4.876   -6.842  1.00 12.62 ?  61  CYS A SG  1 
ATOM   296  N N   . VAL A 1 38  ? -2.930  3.080   -2.284  1.00 10.37 ?  62  VAL A N   1 
ATOM   297  C CA  . VAL A 1 38  ? -2.468  2.608   -0.991  1.00 9.14  ?  62  VAL A CA  1 
ATOM   298  C C   . VAL A 1 38  ? -1.966  1.177   -1.115  1.00 9.21  ?  62  VAL A C   1 
ATOM   299  O O   . VAL A 1 38  ? -2.493  0.391   -1.893  1.00 9.41  ?  62  VAL A O   1 
ATOM   300  C CB  . VAL A 1 38  ? -3.601  2.625   0.045   1.00 11.31 ?  62  VAL A CB  1 
ATOM   301  C CG1 . VAL A 1 38  ? -3.090  2.215   1.425   1.00 17.42 ?  62  VAL A CG1 1 
ATOM   302  C CG2 . VAL A 1 38  ? -4.248  4.004   0.113   1.00 15.66 ?  62  VAL A CG2 1 
ATOM   303  N N   . ALA A 1 39  ? -0.921  0.847   -0.361  1.00 10.00 ?  63  ALA A N   1 
ATOM   304  C CA  . ALA A 1 39  ? -0.476  -0.536  -0.189  1.00 10.19 ?  63  ALA A CA  1 
ATOM   305  C C   . ALA A 1 39  ? -0.263  -0.828  1.284   1.00 12.14 ?  63  ALA A C   1 
ATOM   306  O O   . ALA A 1 39  ? 0.234   0.016   2.020   1.00 11.07 ?  63  ALA A O   1 
ATOM   307  C CB  . ALA A 1 39  ? 0.798   -0.778  -0.945  1.00 10.59 ?  63  ALA A CB  1 
ATOM   308  N N   . VAL A 1 40  ? -0.625  -2.039  1.703   1.00 10.48 ?  64  VAL A N   1 
ATOM   309  C CA  . VAL A 1 40  ? -0.431  -2.488  3.081   1.00 9.97  ?  64  VAL A CA  1 
ATOM   310  C C   . VAL A 1 40  ? 0.214   -3.860  3.039   1.00 10.49 ?  64  VAL A C   1 
ATOM   311  O O   . VAL A 1 40  ? -0.330  -4.791  2.456   1.00 11.65 ?  64  VAL A O   1 
ATOM   312  C CB  . VAL A 1 40  ? -1.773  -2.583  3.838   1.00 10.81 ?  64  VAL A CB  1 
ATOM   313  C CG1 . VAL A 1 40  ? -1.521  -2.962  5.288   1.00 14.10 ?  64  VAL A CG1 1 
ATOM   314  C CG2 . VAL A 1 40  ? -2.527  -1.272  3.765   1.00 14.70 ?  64  VAL A CG2 1 
ATOM   315  N N   . TRP A 1 41  ? 1.405   -3.970  3.614   1.00 10.99 ?  65  TRP A N   1 
ATOM   316  C CA  . TRP A 1 41  ? 2.125   -5.224  3.703   1.00 11.23 ?  65  TRP A CA  1 
ATOM   317  C C   . TRP A 1 41  ? 2.018   -5.731  5.141   1.00 13.69 ?  65  TRP A C   1 
ATOM   318  O O   . TRP A 1 41  ? 2.308   -4.996  6.080   1.00 13.38 ?  65  TRP A O   1 
ATOM   319  C CB  . TRP A 1 41  ? 3.591   -4.999  3.279   1.00 11.45 ?  65  TRP A CB  1 
ATOM   320  C CG  . TRP A 1 41  ? 4.497   -6.197  3.307   1.00 12.14 ?  65  TRP A CG  1 
ATOM   321  C CD1 . TRP A 1 41  ? 4.808   -7.005  2.257   1.00 13.18 ?  65  TRP A CD1 1 
ATOM   322  C CD2 . TRP A 1 41  ? 5.257   -6.687  4.430   1.00 14.24 ?  65  TRP A CD2 1 
ATOM   323  N NE1 . TRP A 1 41  ? 5.712   -7.977  2.652   1.00 16.09 ?  65  TRP A NE1 1 
ATOM   324  C CE2 . TRP A 1 41  ? 5.991   -7.803  3.980   1.00 15.03 ?  65  TRP A CE2 1 
ATOM   325  C CE3 . TRP A 1 41  ? 5.379   -6.292  5.767   1.00 15.63 ?  65  TRP A CE3 1 
ATOM   326  C CZ2 . TRP A 1 41  ? 6.837   -8.536  4.822   1.00 16.82 ?  65  TRP A CZ2 1 
ATOM   327  C CZ3 . TRP A 1 41  ? 6.220   -7.028  6.609   1.00 17.64 ?  65  TRP A CZ3 1 
ATOM   328  C CH2 . TRP A 1 41  ? 6.933   -8.131  6.125   1.00 16.86 ?  65  TRP A CH2 1 
ATOM   329  N N   A ARG A 1 42  ? 1.622   -6.991  5.290   0.63 12.29 ?  66  ARG A N   1 
ATOM   330  N N   B ARG A 1 42  ? 1.561   -6.972  5.291   0.37 12.37 ?  66  ARG A N   1 
ATOM   331  C CA  A ARG A 1 42  ? 1.407   -7.583  6.613   0.63 13.46 ?  66  ARG A CA  1 
ATOM   332  C CA  B ARG A 1 42  ? 1.414   -7.598  6.603   0.37 13.55 ?  66  ARG A CA  1 
ATOM   333  C C   A ARG A 1 42  ? 2.043   -8.955  6.704   0.63 12.87 ?  66  ARG A C   1 
ATOM   334  C C   B ARG A 1 42  ? 2.145   -8.925  6.646   0.37 13.07 ?  66  ARG A C   1 
ATOM   335  O O   A ARG A 1 42  ? 1.809   -9.813  5.855   0.63 15.72 ?  66  ARG A O   1 
ATOM   336  O O   B ARG A 1 42  ? 2.069   -9.727  5.714   0.37 15.01 ?  66  ARG A O   1 
ATOM   337  C CB  A ARG A 1 42  ? -0.096  -7.696  6.900   0.63 15.55 ?  66  ARG A CB  1 
ATOM   338  C CB  B ARG A 1 42  ? -0.054  -7.880  6.915   0.37 15.93 ?  66  ARG A CB  1 
ATOM   339  C CG  A ARG A 1 42  ? -0.811  -6.365  6.959   0.63 21.05 ?  66  ARG A CG  1 
ATOM   340  C CG  B ARG A 1 42  ? -0.986  -6.697  6.956   0.37 19.48 ?  66  ARG A CG  1 
ATOM   341  C CD  A ARG A 1 42  ? -2.312  -6.544  7.038   0.63 21.02 ?  66  ARG A CD  1 
ATOM   342  C CD  B ARG A 1 42  ? -2.400  -7.242  7.031   0.37 17.60 ?  66  ARG A CD  1 
ATOM   343  N NE  A ARG A 1 42  ? -2.820  -6.528  8.406   0.63 18.17 ?  66  ARG A NE  1 
ATOM   344  N NE  B ARG A 1 42  ? -3.435  -6.211  7.043   0.37 19.14 ?  66  ARG A NE  1 
ATOM   345  C CZ  A ARG A 1 42  ? -4.032  -6.090  8.736   0.63 26.27 ?  66  ARG A CZ  1 
ATOM   346  C CZ  B ARG A 1 42  ? -4.141  -5.865  8.118   0.37 22.78 ?  66  ARG A CZ  1 
ATOM   347  N NH1 A ARG A 1 42  ? -4.848  -5.621  7.802   0.63 24.23 ?  66  ARG A NH1 1 
ATOM   348  N NH1 B ARG A 1 42  ? -3.926  -6.453  9.291   0.37 28.71 ?  66  ARG A NH1 1 
ATOM   349  N NH2 A ARG A 1 42  ? -4.426  -6.111  10.000  0.63 17.46 ?  66  ARG A NH2 1 
ATOM   350  N NH2 B ARG A 1 42  ? -5.066  -4.924  8.019   0.37 29.57 ?  66  ARG A NH2 1 
ATOM   351  N N   . LYS A 1 43  ? 2.841   -9.159  7.751   1.00 16.31 ?  67  LYS A N   1 
ATOM   352  C CA  . LYS A 1 43  ? 3.428   -10.458 8.036   1.00 17.12 ?  67  LYS A CA  1 
ATOM   353  C C   . LYS A 1 43  ? 2.985   -10.903 9.423   1.00 17.38 ?  67  LYS A C   1 
ATOM   354  O O   . LYS A 1 43  ? 3.200   -10.202 10.419  1.00 20.35 ?  67  LYS A O   1 
ATOM   355  C CB  . LYS A 1 43  ? 4.952   -10.382 7.967   1.00 19.80 ?  67  LYS A CB  1 
ATOM   356  C CG  . LYS A 1 43  ? 5.645   -11.738 8.155   1.00 21.09 ?  67  LYS A CG  1 
ATOM   357  C CD  . LYS A 1 43  ? 7.131   -11.664 7.827   1.00 28.95 ?  67  LYS A CD  1 
ATOM   358  C CE  . LYS A 1 43  ? 7.677   -13.053 7.542   1.00 35.93 ?  67  LYS A CE  1 
ATOM   359  N NZ  . LYS A 1 43  ? 9.148   -13.024 7.338   1.00 38.98 ?  67  LYS A NZ  1 
ATOM   360  N N   . ASN A 1 44  ? 2.348   -12.064 9.474   1.00 17.75 ?  68  ASN A N   1 
ATOM   361  C CA  . ASN A 1 44  ? 2.072   -12.694 10.762  1.00 20.04 ?  68  ASN A CA  1 
ATOM   362  C C   . ASN A 1 44  ? 2.769   -14.045 10.774  1.00 23.18 ?  68  ASN A C   1 
ATOM   363  O O   . ASN A 1 44  ? 3.501   -14.364 9.838   1.00 22.11 ?  68  ASN A O   1 
ATOM   364  C CB  . ASN A 1 44  ? 0.565   -12.786 11.019  1.00 23.29 ?  68  ASN A CB  1 
ATOM   365  C CG  . ASN A 1 44  ? -0.173  -13.539 9.933   1.00 20.92 ?  68  ASN A CG  1 
ATOM   366  O OD1 . ASN A 1 44  ? 0.219   -14.638 9.543   1.00 20.22 ?  68  ASN A OD1 1 
ATOM   367  N ND2 . ASN A 1 44  ? -1.271  -12.948 9.443   1.00 20.59 ?  68  ASN A ND2 1 
ATOM   368  N N   . ASP A 1 45  ? 2.565   -14.855 11.808  1.00 25.38 ?  69  ASP A N   1 
ATOM   369  C CA  . ASP A 1 45  ? 3.312   -16.114 11.864  1.00 26.73 ?  69  ASP A CA  1 
ATOM   370  C C   . ASP A 1 45  ? 2.840   -17.165 10.852  1.00 33.36 ?  69  ASP A C   1 
ATOM   371  O O   . ASP A 1 45  ? 3.436   -18.237 10.739  1.00 36.33 ?  69  ASP A O   1 
ATOM   372  C CB  . ASP A 1 45  ? 3.336   -16.692 13.286  1.00 27.32 ?  69  ASP A CB  1 
ATOM   373  C CG  . ASP A 1 45  ? 1.949   -16.915 13.859  1.00 39.85 ?  69  ASP A CG  1 
ATOM   374  O OD1 . ASP A 1 45  ? 0.962   -16.835 13.102  1.00 37.61 ?  69  ASP A OD1 1 
ATOM   375  O OD2 . ASP A 1 45  ? 1.845   -17.195 15.074  1.00 50.94 ?  69  ASP A OD2 1 
ATOM   376  N N   . GLU A 1 46  ? 1.773   -16.862 10.118  1.00 22.68 ?  70  GLU A N   1 
ATOM   377  C CA  . GLU A 1 46  ? 1.254   -17.811 9.142   1.00 20.47 ?  70  GLU A CA  1 
ATOM   378  C C   . GLU A 1 46  ? 1.483   -17.417 7.679   1.00 23.46 ?  70  GLU A C   1 
ATOM   379  O O   . GLU A 1 46  ? 1.614   -18.280 6.806   1.00 23.05 ?  70  GLU A O   1 
ATOM   380  C CB  . GLU A 1 46  ? -0.237  -18.056 9.392   1.00 20.95 ?  70  GLU A CB  1 
ATOM   381  C CG  . GLU A 1 46  ? -0.489  -18.776 10.703  1.00 19.32 ?  70  GLU A CG  1 
ATOM   382  C CD  . GLU A 1 46  ? -1.939  -19.146 10.916  1.00 31.74 ?  70  GLU A CD  1 
ATOM   383  O OE1 . GLU A 1 46  ? -2.745  -18.944 9.996   1.00 29.08 ?  70  GLU A OE1 1 
ATOM   384  O OE2 . GLU A 1 46  ? -2.274  -19.650 12.009  1.00 35.03 ?  70  GLU A OE2 1 
ATOM   385  N N   . ASN A 1 47  ? 1.513   -16.119 7.394   1.00 24.27 ?  71  ASN A N   1 
ATOM   386  C CA  . ASN A 1 47  ? 1.657   -15.686 6.007   1.00 25.84 ?  71  ASN A CA  1 
ATOM   387  C C   . ASN A 1 47  ? 2.024   -14.227 5.853   1.00 14.32 ?  71  ASN A C   1 
ATOM   388  O O   . ASN A 1 47  ? 1.993   -13.458 6.817   1.00 18.70 ?  71  ASN A O   1 
ATOM   389  C CB  . ASN A 1 47  ? 0.369   -15.925 5.213   1.00 27.67 ?  71  ASN A CB  1 
ATOM   390  C CG  . ASN A 1 47  ? -0.812  -15.198 5.804   1.00 33.06 ?  71  ASN A CG  1 
ATOM   391  O OD1 . ASN A 1 47  ? -0.818  -13.963 5.910   1.00 27.90 ?  71  ASN A OD1 1 
ATOM   392  N ND2 . ASN A 1 47  ? -1.827  -15.957 6.203   1.00 27.79 ?  71  ASN A ND2 1 
ATOM   393  N N   . ILE A 1 48  ? 2.390   -13.886 4.621   1.00 16.88 ?  72  ILE A N   1 
ATOM   394  C CA  . ILE A 1 48  ? 2.588   -12.498 4.203   1.00 17.40 ?  72  ILE A CA  1 
ATOM   395  C C   . ILE A 1 48  ? 1.484   -12.125 3.221   1.00 14.57 ?  72  ILE A C   1 
ATOM   396  O O   . ILE A 1 48  ? 1.186   -12.878 2.296   1.00 16.89 ?  72  ILE A O   1 
ATOM   397  C CB  . ILE A 1 48  ? 3.944   -12.321 3.515   1.00 17.95 ?  72  ILE A CB  1 
ATOM   398  C CG1 . ILE A 1 48  ? 5.063   -12.577 4.523   1.00 20.57 ?  72  ILE A CG1 1 
ATOM   399  C CG2 . ILE A 1 48  ? 4.068   -10.915 2.936   1.00 18.88 ?  72  ILE A CG2 1 
ATOM   400  C CD1 . ILE A 1 48  ? 6.442   -12.657 3.891   1.00 22.38 ?  72  ILE A CD1 1 
ATOM   401  N N   . THR A 1 49  ? 0.853   -10.972 3.436   1.00 14.19 ?  73  THR A N   1 
ATOM   402  C CA  . THR A 1 49  ? -0.109  -10.456 2.469   1.00 13.05 ?  73  THR A CA  1 
ATOM   403  C C   . THR A 1 49  ? 0.254   -9.044  2.013   1.00 12.66 ?  73  THR A C   1 
ATOM   404  O O   . THR A 1 49  ? 0.912   -8.284  2.728   1.00 12.54 ?  73  THR A O   1 
ATOM   405  C CB  . THR A 1 49  ? -1.536  -10.440 3.021   1.00 15.77 ?  73  THR A CB  1 
ATOM   406  O OG1 . THR A 1 49  ? -1.595  -9.644  4.211   1.00 15.58 ?  73  THR A OG1 1 
ATOM   407  C CG2 . THR A 1 49  ? -2.009  -11.853 3.322   1.00 19.00 ?  73  THR A CG2 1 
ATOM   408  N N   . LEU A 1 50  ? -0.217  -8.686  0.824   1.00 13.19 ?  74  LEU A N   1 
ATOM   409  C CA  . LEU A 1 50  ? -0.097  -7.324  0.319   1.00 12.38 ?  74  LEU A CA  1 
ATOM   410  C C   . LEU A 1 50  ? -1.478  -6.870  -0.128  1.00 12.32 ?  74  LEU A C   1 
ATOM   411  O O   . LEU A 1 50  ? -2.149  -7.554  -0.900  1.00 12.59 ?  74  LEU A O   1 
ATOM   412  C CB  . LEU A 1 50  ? 0.857   -7.261  -0.866  1.00 13.33 ?  74  LEU A CB  1 
ATOM   413  C CG  . LEU A 1 50  ? 0.958   -5.848  -1.434  1.00 13.49 ?  74  LEU A CG  1 
ATOM   414  C CD1 . LEU A 1 50  ? 1.656   -4.918  -0.468  1.00 17.54 ?  74  LEU A CD1 1 
ATOM   415  C CD2 . LEU A 1 50  ? 1.686   -5.867  -2.768  1.00 17.40 ?  74  LEU A CD2 1 
ATOM   416  N N   . GLU A 1 51  ? -1.914  -5.725  0.377   1.00 9.51  ?  75  GLU A N   1 
ATOM   417  C CA  . GLU A 1 51  ? -3.227  -5.173  0.058   1.00 10.26 ?  75  GLU A CA  1 
ATOM   418  C C   . GLU A 1 51  ? -3.009  -3.953  -0.830  1.00 12.24 ?  75  GLU A C   1 
ATOM   419  O O   . GLU A 1 51  ? -2.187  -3.104  -0.504  1.00 12.06 ?  75  GLU A O   1 
ATOM   420  C CB  . GLU A 1 51  ? -3.968  -4.775  1.345   1.00 12.35 ?  75  GLU A CB  1 
ATOM   421  C CG  . GLU A 1 51  ? -5.314  -4.091  1.091   1.00 13.16 ?  75  GLU A CG  1 
ATOM   422  C CD  . GLU A 1 51  ? -5.959  -3.536  2.347   1.00 17.67 ?  75  GLU A CD  1 
ATOM   423  O OE1 . GLU A 1 51  ? -7.093  -3.014  2.251   1.00 25.39 ?  75  GLU A OE1 1 
ATOM   424  O OE2 . GLU A 1 51  ? -5.350  -3.612  3.437   1.00 23.33 ?  75  GLU A OE2 1 
ATOM   425  N N   . THR A 1 52  ? -3.735  -3.865  -1.938  1.00 11.37 ?  76  THR A N   1 
ATOM   426  C CA  . THR A 1 52  ? -3.640  -2.695  -2.819  1.00 9.75  ?  76  THR A CA  1 
ATOM   427  C C   . THR A 1 52  ? -5.037  -2.150  -3.063  1.00 10.82 ?  76  THR A C   1 
ATOM   428  O O   . THR A 1 52  ? -5.940  -2.890  -3.455  1.00 10.87 ?  76  THR A O   1 
ATOM   429  C CB  . THR A 1 52  ? -2.992  -3.022  -4.193  1.00 12.17 ?  76  THR A CB  1 
ATOM   430  O OG1 . THR A 1 52  ? -3.604  -4.196  -4.752  1.00 11.14 ?  76  THR A OG1 1 
ATOM   431  C CG2 . THR A 1 52  ? -1.500  -3.249  -4.052  1.00 10.58 ?  76  THR A CG2 1 
ATOM   432  N N   . VAL A 1 53  ? -5.228  -0.857  -2.823  1.00 9.89  ?  77  VAL A N   1 
ATOM   433  C CA  . VAL A 1 53  ? -6.539  -0.218  -3.021  1.00 9.71  ?  77  VAL A CA  1 
ATOM   434  C C   . VAL A 1 53  ? -6.397  1.244   -3.428  1.00 11.78 ?  77  VAL A C   1 
ATOM   435  O O   . VAL A 1 53  ? -5.306  1.820   -3.379  1.00 11.76 ?  77  VAL A O   1 
ATOM   436  C CB  . VAL A 1 53  ? -7.424  -0.252  -1.739  1.00 13.01 ?  77  VAL A CB  1 
ATOM   437  C CG1 . VAL A 1 53  ? -7.671  -1.679  -1.268  1.00 13.13 ?  77  VAL A CG1 1 
ATOM   438  C CG2 . VAL A 1 53  ? -6.786  0.592   -0.638  1.00 11.92 ?  77  VAL A CG2 1 
ATOM   439  N N   . CYS A 1 54  ? -7.515  1.818   -3.860  1.00 10.94 ?  78  CYS A N   1 
ATOM   440  C CA  . CYS A 1 54  ? -7.747  3.260   -3.900  1.00 13.56 ?  78  CYS A CA  1 
ATOM   441  C C   . CYS A 1 54  ? -8.344  3.679   -2.558  1.00 11.83 ?  78  CYS A C   1 
ATOM   442  O O   . CYS A 1 54  ? -9.164  2.960   -1.983  1.00 15.24 ?  78  CYS A O   1 
ATOM   443  C CB  . CYS A 1 54  ? -8.810  3.620   -4.966  1.00 11.73 ?  78  CYS A CB  1 
ATOM   444  S SG  . CYS A 1 54  ? -8.334  3.399   -6.676  1.00 15.83 ?  78  CYS A SG  1 
ATOM   445  N N   . HIS A 1 55  ? -7.983  4.863   -2.080  1.00 12.12 ?  79  HIS A N   1 
ATOM   446  C CA  . HIS A 1 55  ? -8.586  5.368   -0.851  1.00 11.42 ?  79  HIS A CA  1 
ATOM   447  C C   . HIS A 1 55  ? -8.518  6.893   -0.742  1.00 12.30 ?  79  HIS A C   1 
ATOM   448  O O   . HIS A 1 55  ? -7.530  7.502   -1.124  1.00 12.50 ?  79  HIS A O   1 
ATOM   449  C CB  . HIS A 1 55  ? -7.897  4.705   0.356   1.00 12.53 ?  79  HIS A CB  1 
ATOM   450  C CG  . HIS A 1 55  ? -8.483  5.100   1.673   1.00 15.96 ?  79  HIS A CG  1 
ATOM   451  N ND1 . HIS A 1 55  ? -9.664  4.579   2.133   1.00 20.14 ?  79  HIS A ND1 1 
ATOM   452  C CD2 . HIS A 1 55  ? -8.071  6.004   2.590   1.00 15.46 ?  79  HIS A CD2 1 
ATOM   453  C CE1 . HIS A 1 55  ? -9.955  5.131   3.307   1.00 18.48 ?  79  HIS A CE1 1 
ATOM   454  N NE2 . HIS A 1 55  ? -9.002  5.991   3.604   1.00 16.84 ?  79  HIS A NE2 1 
ATOM   455  N N   . ASP A 1 56  ? -9.579  7.487   -0.200  1.00 12.95 ?  80  ASP A N   1 
ATOM   456  C CA  . ASP A 1 56  ? -9.642  8.930   0.043   1.00 12.18 ?  80  ASP A CA  1 
ATOM   457  C C   . ASP A 1 56  ? -8.836  9.259   1.295   1.00 15.06 ?  80  ASP A C   1 
ATOM   458  O O   . ASP A 1 56  ? -9.178  8.803   2.388   1.00 15.08 ?  80  ASP A O   1 
ATOM   459  C CB  . ASP A 1 56  ? -11.111 9.308   0.254   1.00 13.73 ?  80  ASP A CB  1 
ATOM   460  C CG  . ASP A 1 56  ? -11.321 10.781  0.491   1.00 14.85 ?  80  ASP A CG  1 
ATOM   461  O OD1 . ASP A 1 56  ? -10.355 11.535  0.763   1.00 15.59 ?  80  ASP A OD1 1 
ATOM   462  O OD2 . ASP A 1 56  ? -12.514 11.173  0.410   1.00 18.80 ?  80  ASP A OD2 1 
ATOM   463  N N   . PRO A 1 57  ? -7.772  10.060  1.153   1.00 15.05 ?  81  PRO A N   1 
ATOM   464  C CA  . PRO A 1 57  ? -6.863  10.321  2.274   1.00 15.60 ?  81  PRO A CA  1 
ATOM   465  C C   . PRO A 1 57  ? -7.457  11.238  3.342   1.00 16.09 ?  81  PRO A C   1 
ATOM   466  O O   . PRO A 1 57  ? -6.811  11.435  4.377   1.00 19.69 ?  81  PRO A O   1 
ATOM   467  C CB  . PRO A 1 57  ? -5.650  10.977  1.595   1.00 21.32 ?  81  PRO A CB  1 
ATOM   468  C CG  . PRO A 1 57  ? -6.220  11.625  0.373   1.00 22.37 ?  81  PRO A CG  1 
ATOM   469  C CD  . PRO A 1 57  ? -7.320  10.719  -0.087  1.00 15.20 ?  81  PRO A CD  1 
ATOM   470  N N   . LYS A 1 58  ? -8.650  11.777  3.107   1.00 16.34 ?  82  LYS A N   1 
ATOM   471  C CA  . LYS A 1 58  ? -9.341  12.498  4.174   1.00 17.77 ?  82  LYS A CA  1 
ATOM   472  C C   . LYS A 1 58  ? -10.055 11.549  5.142   1.00 20.02 ?  82  LYS A C   1 
ATOM   473  O O   . LYS A 1 58  ? -10.602 11.988  6.159   1.00 22.42 ?  82  LYS A O   1 
ATOM   474  C CB  . LYS A 1 58  ? -10.320 13.515  3.588   1.00 18.43 ?  82  LYS A CB  1 
ATOM   475  C CG  . LYS A 1 58  ? -9.632  14.737  3.018   1.00 25.90 ?  82  LYS A CG  1 
ATOM   476  C CD  . LYS A 1 58  ? -10.638 15.743  2.472   1.00 26.71 ?  82  LYS A CD  1 
ATOM   477  C CE  . LYS A 1 58  ? -9.937  17.021  2.027   1.00 35.10 ?  82  LYS A CE  1 
ATOM   478  N NZ  . LYS A 1 58  ? -10.818 17.883  1.197   1.00 39.43 ?  82  LYS A NZ  1 
ATOM   479  N N   . LEU A 1 59  ? -10.063 10.252  4.824   1.00 16.75 ?  83  LEU A N   1 
ATOM   480  C CA  . LEU A 1 59  ? -10.702 9.231   5.654   1.00 16.35 ?  83  LEU A CA  1 
ATOM   481  C C   . LEU A 1 59  ? -9.634  8.304   6.227   1.00 15.77 ?  83  LEU A C   1 
ATOM   482  O O   . LEU A 1 59  ? -8.656  7.990   5.553   1.00 16.36 ?  83  LEU A O   1 
ATOM   483  C CB  . LEU A 1 59  ? -11.684 8.377   4.846   1.00 17.42 ?  83  LEU A CB  1 
ATOM   484  C CG  . LEU A 1 59  ? -13.078 8.904   4.469   1.00 27.42 ?  83  LEU A CG  1 
ATOM   485  C CD1 . LEU A 1 59  ? -13.022 10.281  3.879   1.00 25.81 ?  83  LEU A CD1 1 
ATOM   486  C CD2 . LEU A 1 59  ? -13.756 7.970   3.485   1.00 30.54 ?  83  LEU A CD2 1 
ATOM   487  N N   . PRO A 1 60  ? -9.810  7.863   7.472   1.00 15.86 ?  84  PRO A N   1 
ATOM   488  C CA  . PRO A 1 60  ? -8.807  6.918   7.969   1.00 17.56 ?  84  PRO A CA  1 
ATOM   489  C C   . PRO A 1 60  ? -8.856  5.595   7.200   1.00 15.99 ?  84  PRO A C   1 
ATOM   490  O O   . PRO A 1 60  ? -9.893  5.226   6.601   1.00 15.30 ?  84  PRO A O   1 
ATOM   491  C CB  . PRO A 1 60  ? -9.189  6.722   9.445   1.00 21.17 ?  84  PRO A CB  1 
ATOM   492  C CG  . PRO A 1 60  ? -10.606 7.193   9.566   1.00 21.01 ?  84  PRO A CG  1 
ATOM   493  C CD  . PRO A 1 60  ? -10.850 8.192   8.464   1.00 18.90 ?  84  PRO A CD  1 
ATOM   494  N N   A TYR A 1 61  ? -7.733  4.889   7.211   0.99 15.39 ?  85  TYR A N   1 
ATOM   495  N N   B TYR A 1 61  ? -7.727  4.897   7.206   0.01 15.53 ?  85  TYR A N   1 
ATOM   496  C CA  A TYR A 1 61  ? -7.652  3.557   6.627   0.99 13.79 ?  85  TYR A CA  1 
ATOM   497  C CA  B TYR A 1 61  ? -7.660  3.558   6.646   0.01 14.07 ?  85  TYR A CA  1 
ATOM   498  C C   A TYR A 1 61  ? -6.951  2.625   7.617   0.99 12.64 ?  85  TYR A C   1 
ATOM   499  C C   B TYR A 1 61  ? -6.948  2.622   7.610   0.01 13.09 ?  85  TYR A C   1 
ATOM   500  O O   A TYR A 1 61  ? -5.844  2.904   8.055   0.99 14.16 ?  85  TYR A O   1 
ATOM   501  O O   B TYR A 1 61  ? -5.806  2.876   8.005   0.01 14.35 ?  85  TYR A O   1 
ATOM   502  C CB  A TYR A 1 61  ? -6.931  3.586   5.265   0.99 16.82 ?  85  TYR A CB  1 
ATOM   503  C CB  B TYR A 1 61  ? -6.959  3.563   5.291   0.01 16.90 ?  85  TYR A CB  1 
ATOM   504  C CG  A TYR A 1 61  ? -7.260  2.362   4.444   0.99 17.04 ?  85  TYR A CG  1 
ATOM   505  C CG  B TYR A 1 61  ? -7.276  2.337   4.471   0.01 17.30 ?  85  TYR A CG  1 
ATOM   506  C CD1 A TYR A 1 61  ? -8.574  2.077   4.132   0.99 20.16 ?  85  TYR A CD1 1 
ATOM   507  C CD1 B TYR A 1 61  ? -8.585  2.031   4.137   0.01 20.14 ?  85  TYR A CD1 1 
ATOM   508  C CD2 A TYR A 1 61  ? -6.282  1.482   4.020   0.99 21.59 ?  85  TYR A CD2 1 
ATOM   509  C CD2 B TYR A 1 61  ? -6.273  1.483   4.036   0.01 21.25 ?  85  TYR A CD2 1 
ATOM   510  C CE1 A TYR A 1 61  ? -8.920  0.967   3.406   0.99 28.93 ?  85  TYR A CE1 1 
ATOM   511  C CE1 B TYR A 1 61  ? -8.890  0.912   3.392   0.01 28.14 ?  85  TYR A CE1 1 
ATOM   512  C CE2 A TYR A 1 61  ? -6.623  0.346   3.275   0.99 18.62 ?  85  TYR A CE2 1 
ATOM   513  C CE2 B TYR A 1 61  ? -6.568  0.362   3.286   0.01 18.87 ?  85  TYR A CE2 1 
ATOM   514  C CZ  A TYR A 1 61  ? -7.948  0.106   2.979   0.99 19.65 ?  85  TYR A CZ  1 
ATOM   515  C CZ  B TYR A 1 61  ? -7.879  0.081   2.969   0.01 20.07 ?  85  TYR A CZ  1 
ATOM   516  O OH  A TYR A 1 61  ? -8.335  -0.998  2.254   0.99 29.26 ?  85  TYR A OH  1 
ATOM   517  O OH  B TYR A 1 61  ? -8.187  -1.032  2.225   0.01 28.00 ?  85  TYR A OH  1 
ATOM   518  N N   . HIS A 1 62  ? -7.633  1.541   7.978   1.00 13.38 ?  86  HIS A N   1 
ATOM   519  C CA  . HIS A 1 62  ? -7.142  0.618   9.013   1.00 15.19 ?  86  HIS A CA  1 
ATOM   520  C C   . HIS A 1 62  ? -6.830  1.368   10.302  1.00 14.02 ?  86  HIS A C   1 
ATOM   521  O O   . HIS A 1 62  ? -5.865  1.050   10.985  1.00 15.47 ?  86  HIS A O   1 
ATOM   522  C CB  . HIS A 1 62  ? -5.925  -0.182  8.545   1.00 15.55 ?  86  HIS A CB  1 
ATOM   523  C CG  . HIS A 1 62  ? -6.218  -1.078  7.386   1.00 19.86 ?  86  HIS A CG  1 
ATOM   524  N ND1 . HIS A 1 62  ? -7.289  -1.951  7.375   1.00 27.14 ?  86  HIS A ND1 1 
ATOM   525  C CD2 . HIS A 1 62  ? -5.601  -1.228  6.190   1.00 20.30 ?  86  HIS A CD2 1 
ATOM   526  C CE1 . HIS A 1 62  ? -7.317  -2.595  6.224   1.00 30.88 ?  86  HIS A CE1 1 
ATOM   527  N NE2 . HIS A 1 62  ? -6.296  -2.183  5.490   1.00 23.82 ?  86  HIS A NE2 1 
ATOM   528  N N   . ASP A 1 63  ? -7.651  2.378   10.578  1.00 15.79 ?  87  ASP A N   1 
ATOM   529  C CA  . ASP A 1 63  ? -7.510  3.243   11.754  1.00 15.19 ?  87  ASP A CA  1 
ATOM   530  C C   . ASP A 1 63  ? -6.267  4.127   11.751  1.00 15.36 ?  87  ASP A C   1 
ATOM   531  O O   . ASP A 1 63  ? -5.821  4.584   12.802  1.00 14.60 ?  87  ASP A O   1 
ATOM   532  C CB  . ASP A 1 63  ? -7.615  2.449   13.072  1.00 16.37 ?  87  ASP A CB  1 
ATOM   533  C CG  . ASP A 1 63  ? -8.820  1.528   13.111  1.00 20.87 ?  87  ASP A CG  1 
ATOM   534  O OD1 . ASP A 1 63  ? -9.913  1.937   12.671  1.00 24.16 ?  87  ASP A OD1 1 
ATOM   535  O OD2 . ASP A 1 63  ? -8.665  0.383   13.586  1.00 31.32 ?  87  ASP A OD2 1 
ATOM   536  N N   . PHE A 1 64  ? -5.718  4.400   10.569  1.00 15.10 ?  88  PHE A N   1 
ATOM   537  C CA  . PHE A 1 64  ? -4.611  5.337   10.436  1.00 13.27 ?  88  PHE A CA  1 
ATOM   538  C C   . PHE A 1 64  ? -4.924  6.410   9.398   1.00 16.31 ?  88  PHE A C   1 
ATOM   539  O O   . PHE A 1 64  ? -5.715  6.180   8.470   1.00 19.29 ?  88  PHE A O   1 
ATOM   540  C CB  . PHE A 1 64  ? -3.335  4.608   10.003  1.00 14.44 ?  88  PHE A CB  1 
ATOM   541  C CG  . PHE A 1 64  ? -2.904  3.524   10.944  1.00 15.53 ?  88  PHE A CG  1 
ATOM   542  C CD1 . PHE A 1 64  ? -2.434  3.834   12.215  1.00 22.73 ?  88  PHE A CD1 1 
ATOM   543  C CD2 . PHE A 1 64  ? -2.966  2.191   10.565  1.00 16.76 ?  88  PHE A CD2 1 
ATOM   544  C CE1 . PHE A 1 64  ? -2.023  2.816   13.096  1.00 19.20 ?  88  PHE A CE1 1 
ATOM   545  C CE2 . PHE A 1 64  ? -2.556  1.171   11.436  1.00 21.57 ?  88  PHE A CE2 1 
ATOM   546  C CZ  . PHE A 1 64  ? -2.093  1.489   12.702  1.00 20.06 ?  88  PHE A CZ  1 
ATOM   547  N N   . ILE A 1 65  ? -4.325  7.588   9.553   1.00 17.22 ?  89  ILE A N   1 
ATOM   548  C CA  . ILE A 1 65  ? -4.412  8.616   8.511   1.00 15.97 ?  89  ILE A CA  1 
ATOM   549  C C   . ILE A 1 65  ? -3.233  8.446   7.538   1.00 19.18 ?  89  ILE A C   1 
ATOM   550  O O   . ILE A 1 65  ? -2.111  8.162   7.959   1.00 20.90 ?  89  ILE A O   1 
ATOM   551  C CB  . ILE A 1 65  ? -4.441  10.058  9.108   1.00 20.51 ?  89  ILE A CB  1 
ATOM   552  C CG1 . ILE A 1 65  ? -5.755  10.322  9.859   1.00 21.53 ?  89  ILE A CG1 1 
ATOM   553  C CG2 . ILE A 1 65  ? -4.261  11.114  8.010   1.00 21.71 ?  89  ILE A CG2 1 
ATOM   554  C CD1 . ILE A 1 65  ? -6.997  10.154  9.019   1.00 24.54 ?  89  ILE A CD1 1 
ATOM   555  N N   . LEU A 1 66  ? -3.505  8.587   6.242   1.00 16.14 ?  90  LEU A N   1 
ATOM   556  C CA  . LEU A 1 66  ? -2.491  8.450   5.183   1.00 18.00 ?  90  LEU A CA  1 
ATOM   557  C C   . LEU A 1 66  ? -1.691  9.743   5.018   1.00 21.61 ?  90  LEU A C   1 
ATOM   558  O O   . LEU A 1 66  ? -1.917  10.510  4.069   1.00 22.79 ?  90  LEU A O   1 
ATOM   559  C CB  . LEU A 1 66  ? -3.177  8.132   3.859   1.00 18.62 ?  90  LEU A CB  1 
ATOM   560  C CG  . LEU A 1 66  ? -4.032  6.873   3.746   1.00 20.95 ?  90  LEU A CG  1 
ATOM   561  C CD1 . LEU A 1 66  ? -4.655  6.794   2.363   1.00 24.23 ?  90  LEU A CD1 1 
ATOM   562  C CD2 . LEU A 1 66  ? -3.169  5.656   4.007   1.00 22.84 ?  90  LEU A CD2 1 
ATOM   563  N N   A GLU A 1 67  ? -0.740  9.964   5.919   0.67 21.85 ?  91  GLU A N   1 
ATOM   564  N N   B GLU A 1 67  ? -0.749  9.972   5.928   0.33 21.92 ?  91  GLU A N   1 
ATOM   565  C CA  A GLU A 1 67  ? 0.002   11.217  5.978   0.67 24.14 ?  91  GLU A CA  1 
ATOM   566  C CA  B GLU A 1 67  ? -0.007  11.228  5.981   0.33 24.17 ?  91  GLU A CA  1 
ATOM   567  C C   A GLU A 1 67  ? 0.887   11.472  4.770   0.67 25.60 ?  91  GLU A C   1 
ATOM   568  C C   B GLU A 1 67  ? 0.897   11.473  4.773   0.33 25.55 ?  91  GLU A C   1 
ATOM   569  O O   A GLU A 1 67  ? 1.272   12.610  4.515   0.67 26.20 ?  91  GLU A O   1 
ATOM   570  O O   B GLU A 1 67  ? 1.294   12.608  4.514   0.33 26.21 ?  91  GLU A O   1 
ATOM   571  C CB  A GLU A 1 67  ? 0.861   11.264  7.245   0.67 30.71 ?  91  GLU A CB  1 
ATOM   572  C CB  B GLU A 1 67  ? 0.813   11.294  7.274   0.33 30.60 ?  91  GLU A CB  1 
ATOM   573  C CG  A GLU A 1 67  ? 0.133   10.864  8.518   0.67 28.90 ?  91  GLU A CG  1 
ATOM   574  C CG  B GLU A 1 67  ? -0.028  11.197  8.541   0.33 29.42 ?  91  GLU A CG  1 
ATOM   575  C CD  A GLU A 1 67  ? -0.867  11.902  9.002   0.67 25.44 ?  91  GLU A CD  1 
ATOM   576  C CD  B GLU A 1 67  ? 0.461   10.115  9.486   0.33 26.87 ?  91  GLU A CD  1 
ATOM   577  O OE1 A GLU A 1 67  ? -0.960  13.004  8.414   0.67 26.82 ?  91  GLU A OE1 1 
ATOM   578  O OE1 B GLU A 1 67  ? -0.383  9.430   10.101  0.33 39.30 ?  91  GLU A OE1 1 
ATOM   579  O OE2 A GLU A 1 67  ? -1.569  11.602  9.992   0.67 28.48 ?  91  GLU A OE2 1 
ATOM   580  O OE2 B GLU A 1 67  ? 1.692   9.951   9.613   0.33 37.84 ?  91  GLU A OE2 1 
ATOM   581  N N   . ASP A 1 68  ? 1.208   10.416  4.030   1.00 21.18 ?  92  ASP A N   1 
ATOM   582  C CA  . ASP A 1 68  ? 2.169   10.506  2.927   1.00 22.99 ?  92  ASP A CA  1 
ATOM   583  C C   . ASP A 1 68  ? 1.524   10.566  1.546   1.00 19.65 ?  92  ASP A C   1 
ATOM   584  O O   . ASP A 1 68  ? 2.196   10.374  0.536   1.00 21.59 ?  92  ASP A O   1 
ATOM   585  C CB  . ASP A 1 68  ? 3.126   9.311   2.994   1.00 23.02 ?  92  ASP A CB  1 
ATOM   586  C CG  . ASP A 1 68  ? 2.399   7.970   2.924   1.00 26.13 ?  92  ASP A CG  1 
ATOM   587  O OD1 . ASP A 1 68  ? 1.169   7.937   3.169   1.00 24.58 ?  92  ASP A OD1 1 
ATOM   588  O OD2 . ASP A 1 68  ? 3.062   6.947   2.634   1.00 20.62 ?  92  ASP A OD2 1 
ATOM   589  N N   . ALA A 1 69  ? 0.227   10.855  1.514   1.00 20.52 ?  93  ALA A N   1 
ATOM   590  C CA  . ALA A 1 69  ? -0.588  10.735  0.303   1.00 18.48 ?  93  ALA A CA  1 
ATOM   591  C C   . ALA A 1 69  ? -0.128  11.571  -0.889  1.00 22.20 ?  93  ALA A C   1 
ATOM   592  O O   . ALA A 1 69  ? -0.439  11.234  -2.032  1.00 23.67 ?  93  ALA A O   1 
ATOM   593  C CB  . ALA A 1 69  ? -2.035  11.042  0.628   1.00 19.21 ?  93  ALA A CB  1 
ATOM   594  N N   . ALA A 1 70  ? 0.604   12.653  -0.634  1.00 20.65 ?  94  ALA A N   1 
ATOM   595  C CA  . ALA A 1 70  ? 1.065   13.515  -1.721  1.00 20.42 ?  94  ALA A CA  1 
ATOM   596  C C   . ALA A 1 70  ? 2.345   13.018  -2.389  1.00 25.14 ?  94  ALA A C   1 
ATOM   597  O O   . ALA A 1 70  ? 2.747   13.544  -3.427  1.00 29.69 ?  94  ALA A O   1 
ATOM   598  C CB  . ALA A 1 70  ? 1.254   14.940  -1.224  1.00 27.45 ?  94  ALA A CB  1 
ATOM   599  N N   . SER A 1 71  ? 2.984   12.015  -1.798  1.00 21.76 ?  95  SER A N   1 
ATOM   600  C CA  . SER A 1 71  ? 4.220   11.463  -2.341  1.00 20.88 ?  95  SER A CA  1 
ATOM   601  C C   . SER A 1 71  ? 3.965   10.770  -3.688  1.00 24.64 ?  95  SER A C   1 
ATOM   602  O O   . SER A 1 71  ? 2.914   10.163  -3.894  1.00 19.77 ?  95  SER A O   1 
ATOM   603  C CB  . SER A 1 71  ? 4.803   10.454  -1.351  1.00 24.56 ?  95  SER A CB  1 
ATOM   604  O OG  . SER A 1 71  ? 5.997   9.885   -1.860  1.00 31.88 ?  95  SER A OG  1 
ATOM   605  N N   . PRO A 1 72  ? 4.927   10.840  -4.617  1.00 20.90 ?  96  PRO A N   1 
ATOM   606  C CA  . PRO A 1 72  ? 4.711   10.115  -5.870  1.00 20.32 ?  96  PRO A CA  1 
ATOM   607  C C   . PRO A 1 72  ? 5.110   8.644   -5.747  1.00 18.93 ?  96  PRO A C   1 
ATOM   608  O O   . PRO A 1 72  ? 4.767   7.827   -6.611  1.00 22.41 ?  96  PRO A O   1 
ATOM   609  C CB  . PRO A 1 72  ? 5.645   10.837  -6.849  1.00 25.53 ?  96  PRO A CB  1 
ATOM   610  C CG  . PRO A 1 72  ? 6.755   11.325  -5.988  1.00 26.14 ?  96  PRO A CG  1 
ATOM   611  C CD  . PRO A 1 72  ? 6.154   11.657  -4.648  1.00 26.82 ?  96  PRO A CD  1 
ATOM   612  N N   A THR A 1 73  ? 5.883   8.293   -4.722  0.64 15.99 ?  97  THR A N   1 
ATOM   613  N N   B THR A 1 73  ? 5.755   8.330   -4.629  0.36 16.09 ?  97  THR A N   1 
ATOM   614  C CA  A THR A 1 73  ? 6.274   6.899   -4.547  0.64 15.96 ?  97  THR A CA  1 
ATOM   615  C CA  B THR A 1 73  ? 6.336   7.025   -4.395  0.36 16.07 ?  97  THR A CA  1 
ATOM   616  C C   A THR A 1 73  ? 5.748   6.340   -3.233  0.64 15.63 ?  97  THR A C   1 
ATOM   617  C C   B THR A 1 73  ? 5.705   6.355   -3.177  0.36 15.62 ?  97  THR A C   1 
ATOM   618  O O   A THR A 1 73  ? 5.523   7.069   -2.271  0.64 16.59 ?  97  THR A O   1 
ATOM   619  O O   B THR A 1 73  ? 5.354   7.032   -2.207  0.36 16.75 ?  97  THR A O   1 
ATOM   620  C CB  A THR A 1 73  ? 7.812   6.677   -4.630  0.64 18.55 ?  97  THR A CB  1 
ATOM   621  C CB  B THR A 1 73  ? 7.832   7.167   -4.141  0.36 17.99 ?  97  THR A CB  1 
ATOM   622  O OG1 A THR A 1 73  ? 8.461   7.448   -3.617  0.64 21.80 ?  97  THR A OG1 1 
ATOM   623  O OG1 B THR A 1 73  ? 8.330   8.322   -4.834  0.36 20.87 ?  97  THR A OG1 1 
ATOM   624  C CG2 A THR A 1 73  ? 8.353   7.074   -5.997  0.64 14.69 ?  97  THR A CG2 1 
ATOM   625  C CG2 B THR A 1 73  ? 8.542   5.946   -4.640  0.36 20.80 ?  97  THR A CG2 1 
ATOM   626  N N   . CYS A 1 74  ? 5.573   5.028   -3.202  1.00 14.61 ?  98  CYS A N   1 
ATOM   627  C CA  . CYS A 1 74  ? 5.004   4.344   -2.048  1.00 12.85 ?  98  CYS A CA  1 
ATOM   628  C C   . CYS A 1 74  ? 6.117   3.868   -1.128  1.00 13.10 ?  98  CYS A C   1 
ATOM   629  O O   . CYS A 1 74  ? 6.685   2.789   -1.334  1.00 15.32 ?  98  CYS A O   1 
ATOM   630  C CB  . CYS A 1 74  ? 4.137   3.181   -2.531  1.00 12.22 ?  98  CYS A CB  1 
ATOM   631  S SG  . CYS A 1 74  ? 2.629   2.869   -1.502  1.00 16.61 ?  98  CYS A SG  1 
ATOM   632  N N   . ILE A 1 75  ? 6.427   4.695   -0.130  1.00 15.15 ?  99  ILE A N   1 
ATOM   633  C CA  . ILE A 1 75  ? 7.472   4.393   0.842   1.00 16.08 ?  99  ILE A CA  1 
ATOM   634  C C   . ILE A 1 75  ? 6.866   3.778   2.100   1.00 16.43 ?  99  ILE A C   1 
ATOM   635  O O   . ILE A 1 75  ? 6.166   4.452   2.864   1.00 18.73 ?  99  ILE A O   1 
ATOM   636  C CB  . ILE A 1 75  ? 8.257   5.652   1.254   1.00 18.27 ?  99  ILE A CB  1 
ATOM   637  C CG1 . ILE A 1 75  ? 8.785   6.391   0.024   1.00 21.91 ?  99  ILE A CG1 1 
ATOM   638  C CG2 . ILE A 1 75  ? 9.410   5.270   2.176   1.00 21.36 ?  99  ILE A CG2 1 
ATOM   639  C CD1 . ILE A 1 75  ? 9.741   5.580   -0.799  1.00 20.55 ?  99  ILE A CD1 1 
ATOM   640  N N   . MET A 1 76  ? 7.139   2.499   2.316   1.00 13.96 ?  100 MET A N   1 
ATOM   641  C CA  . MET A 1 76  ? 6.509   1.767   3.402   1.00 14.22 ?  100 MET A CA  1 
ATOM   642  C C   . MET A 1 76  ? 7.014   2.220   4.767   1.00 19.83 ?  100 MET A C   1 
ATOM   643  O O   . MET A 1 76  ? 8.223   2.345   4.984   1.00 22.50 ?  100 MET A O   1 
ATOM   644  C CB  . MET A 1 76  ? 6.791   0.282   3.222   1.00 15.22 ?  100 MET A CB  1 
ATOM   645  C CG  . MET A 1 76  ? 5.944   -0.389  2.161   1.00 15.18 ?  100 MET A CG  1 
ATOM   646  S SD  . MET A 1 76  ? 4.252   -0.518  2.801   1.00 18.25 ?  100 MET A SD  1 
ATOM   647  C CE  . MET A 1 76  ? 3.440   -1.550  1.584   1.00 15.04 ?  100 MET A CE  1 
ATOM   648  N N   . LYS A 1 77  ? 6.079   2.437   5.685   1.00 16.96 ?  101 LYS A N   1 
ATOM   649  C CA  . LYS A 1 77  ? 6.428   2.785   7.053   1.00 19.23 ?  101 LYS A CA  1 
ATOM   650  C C   . LYS A 1 77  ? 5.684   1.865   7.994   1.00 15.89 ?  101 LYS A C   1 
ATOM   651  O O   . LYS A 1 77  ? 4.513   1.537   7.765   1.00 16.26 ?  101 LYS A O   1 
ATOM   652  C CB  . LYS A 1 77  ? 6.061   4.237   7.339   1.00 21.89 ?  101 LYS A CB  1 
ATOM   653  C CG  . LYS A 1 77  ? 6.767   5.228   6.416   1.00 38.66 ?  101 LYS A CG  1 
ATOM   654  C CD  . LYS A 1 77  ? 6.088   6.586   6.432   1.00 42.70 ?  101 LYS A CD  1 
ATOM   655  C CE  . LYS A 1 77  ? 6.309   7.336   5.120   1.00 55.94 ?  101 LYS A CE  1 
ATOM   656  N NZ  . LYS A 1 77  ? 5.551   6.710   3.994   1.00 31.08 ?  101 LYS A NZ  1 
ATOM   657  N N   . GLU A 1 78  ? 6.355   1.459   9.066   1.00 19.44 ?  102 GLU A N   1 
ATOM   658  C CA  . GLU A 1 78  ? 5.757   0.523   10.010  1.00 16.81 ?  102 GLU A CA  1 
ATOM   659  C C   . GLU A 1 78  ? 4.735   1.199   10.910  1.00 18.06 ?  102 GLU A C   1 
ATOM   660  O O   . GLU A 1 78  ? 4.917   2.343   11.335  1.00 22.77 ?  102 GLU A O   1 
ATOM   661  C CB  . GLU A 1 78  ? 6.832   -0.152  10.871  1.00 21.76 ?  102 GLU A CB  1 
ATOM   662  C CG  . GLU A 1 78  ? 6.288   -1.336  11.665  1.00 24.88 ?  102 GLU A CG  1 
ATOM   663  C CD  . GLU A 1 78  ? 7.361   -2.145  12.351  1.00 34.39 ?  102 GLU A CD  1 
ATOM   664  O OE1 . GLU A 1 78  ? 8.541   -1.742  12.299  1.00 36.38 ?  102 GLU A OE1 1 
ATOM   665  O OE2 . GLU A 1 78  ? 7.017   -3.191  12.941  1.00 34.04 ?  102 GLU A OE2 1 
ATOM   666  N N   A LYS A 1 79  ? 3.643   0.496   11.181  0.43 17.40 ?  103 LYS A N   1 
ATOM   667  N N   B LYS A 1 79  ? 3.651   0.482   11.186  0.57 17.30 ?  103 LYS A N   1 
ATOM   668  C CA  A LYS A 1 79  ? 2.633   0.991   12.101  0.43 22.66 ?  103 LYS A CA  1 
ATOM   669  C CA  B LYS A 1 79  ? 2.603   0.947   12.084  0.57 22.67 ?  103 LYS A CA  1 
ATOM   670  C C   A LYS A 1 79  ? 2.579   0.036   13.281  0.43 27.32 ?  103 LYS A C   1 
ATOM   671  C C   B LYS A 1 79  ? 2.555   0.016   13.281  0.57 27.34 ?  103 LYS A C   1 
ATOM   672  O O   A LYS A 1 79  ? 2.890   -1.149  13.146  0.43 26.19 ?  103 LYS A O   1 
ATOM   673  O O   B LYS A 1 79  ? 2.839   -1.176  13.157  0.57 26.25 ?  103 LYS A O   1 
ATOM   674  C CB  A LYS A 1 79  ? 1.263   1.073   11.420  0.43 21.02 ?  103 LYS A CB  1 
ATOM   675  C CB  B LYS A 1 79  ? 1.248   0.940   11.372  0.57 20.93 ?  103 LYS A CB  1 
ATOM   676  C CG  A LYS A 1 79  ? 1.294   1.547   9.962   0.43 21.14 ?  103 LYS A CG  1 
ATOM   677  C CG  B LYS A 1 79  ? 1.147   1.916   10.201  0.57 22.45 ?  103 LYS A CG  1 
ATOM   678  C CD  A LYS A 1 79  ? 2.002   2.882   9.792   0.43 24.61 ?  103 LYS A CD  1 
ATOM   679  C CD  B LYS A 1 79  ? 1.211   3.347   10.692  0.57 25.79 ?  103 LYS A CD  1 
ATOM   680  C CE  A LYS A 1 79  ? 1.083   4.063   10.033  0.43 32.61 ?  103 LYS A CE  1 
ATOM   681  C CE  B LYS A 1 79  ? 1.456   4.321   9.558   0.57 36.64 ?  103 LYS A CE  1 
ATOM   682  N NZ  A LYS A 1 79  ? 0.672   4.247   11.448  0.43 27.52 ?  103 LYS A NZ  1 
ATOM   683  N NZ  B LYS A 1 79  ? 1.593   5.702   10.092  0.57 38.01 ?  103 LYS A NZ  1 
ATOM   684  N N   . LYS A 1 80  ? 2.210   0.559   14.444  1.00 29.48 ?  104 LYS A N   1 
ATOM   685  C CA  . LYS A 1 80  ? 2.097   -0.257  15.647  1.00 30.93 ?  104 LYS A CA  1 
ATOM   686  C C   . LYS A 1 80  ? 0.824   -1.081  15.557  1.00 31.42 ?  104 LYS A C   1 
ATOM   687  O O   . LYS A 1 80  ? -0.278  -0.551  15.716  1.00 32.59 ?  104 LYS A O   1 
ATOM   688  C CB  . LYS A 1 80  ? 2.055   0.624   16.898  1.00 42.89 ?  104 LYS A CB  1 
ATOM   689  C CG  . LYS A 1 80  ? 3.380   1.273   17.283  1.00 48.02 ?  104 LYS A CG  1 
ATOM   690  C CD  . LYS A 1 80  ? 3.186   2.204   18.480  1.00 50.06 ?  104 LYS A CD  1 
ATOM   691  C CE  . LYS A 1 80  ? 4.507   2.768   18.979  1.00 48.30 ?  104 LYS A CE  1 
ATOM   692  N NZ  . LYS A 1 80  ? 4.286   3.806   20.027  1.00 59.80 ?  104 LYS A NZ  1 
ATOM   693  N N   . LYS A 1 81  ? 0.972   -2.370  15.274  1.00 34.29 ?  105 LYS A N   1 
ATOM   694  C CA  . LYS A 1 81  ? -0.149  -3.301  15.308  1.00 26.71 ?  105 LYS A CA  1 
ATOM   695  C C   . LYS A 1 81  ? 0.287   -4.573  16.014  1.00 42.05 ?  105 LYS A C   1 
ATOM   696  O O   . LYS A 1 81  ? 1.348   -5.115  15.715  1.00 39.56 ?  105 LYS A O   1 
ATOM   697  C CB  . LYS A 1 81  ? -0.660  -3.620  13.900  1.00 37.72 ?  105 LYS A CB  1 
ATOM   698  C CG  . LYS A 1 81  ? -1.812  -2.732  13.450  1.00 44.82 ?  105 LYS A CG  1 
ATOM   699  C CD  . LYS A 1 81  ? -3.039  -3.576  13.162  1.00 49.33 ?  105 LYS A CD  1 
ATOM   700  C CE  . LYS A 1 81  ? -4.326  -2.859  13.535  1.00 56.92 ?  105 LYS A CE  1 
ATOM   701  N NZ  . LYS A 1 81  ? -4.635  -1.713  12.632  1.00 51.20 ?  105 LYS A NZ  1 
ATOM   702  N N   . PRO A 1 82  ? -0.520  -5.036  16.978  1.00 38.39 ?  106 PRO A N   1 
ATOM   703  C CA  . PRO A 1 82  ? -0.175  -6.240  17.737  1.00 37.82 ?  106 PRO A CA  1 
ATOM   704  C C   . PRO A 1 82  ? -0.531  -7.510  16.973  1.00 30.49 ?  106 PRO A C   1 
ATOM   705  O O   . PRO A 1 82  ? -1.561  -7.558  16.294  1.00 35.56 ?  106 PRO A O   1 
ATOM   706  C CB  . PRO A 1 82  ? -1.048  -6.127  19.000  1.00 48.70 ?  106 PRO A CB  1 
ATOM   707  C CG  . PRO A 1 82  ? -1.591  -4.720  19.002  1.00 41.09 ?  106 PRO A CG  1 
ATOM   708  C CD  . PRO A 1 82  ? -1.674  -4.332  17.557  1.00 44.47 ?  106 PRO A CD  1 
ATOM   709  N N   . GLY A 1 83  ? 0.322   -8.523  17.081  1.00 31.20 ?  107 GLY A N   1 
ATOM   710  C CA  . GLY A 1 83  ? 0.054   -9.807  16.464  1.00 34.55 ?  107 GLY A CA  1 
ATOM   711  C C   . GLY A 1 83  ? 0.643   -9.944  15.076  1.00 32.76 ?  107 GLY A C   1 
ATOM   712  O O   . GLY A 1 83  ? 0.565   -11.014 14.465  1.00 33.68 ?  107 GLY A O   1 
ATOM   713  N N   . GLU A 1 84  ? 1.234   -8.862  14.572  1.00 31.29 ?  108 GLU A N   1 
ATOM   714  C CA  . GLU A 1 84  ? 1.739   -8.849  13.206  1.00 27.45 ?  108 GLU A CA  1 
ATOM   715  C C   . GLU A 1 84  ? 2.692   -7.692  12.996  1.00 20.93 ?  108 GLU A C   1 
ATOM   716  O O   . GLU A 1 84  ? 2.756   -6.757  13.805  1.00 28.25 ?  108 GLU A O   1 
ATOM   717  C CB  . GLU A 1 84  ? 0.582   -8.705  12.220  1.00 27.65 ?  108 GLU A CB  1 
ATOM   718  C CG  . GLU A 1 84  ? -0.242  -7.446  12.443  1.00 26.28 ?  108 GLU A CG  1 
ATOM   719  C CD  . GLU A 1 84  ? -1.365  -7.293  11.437  1.00 31.82 ?  108 GLU A CD  1 
ATOM   720  O OE1 . GLU A 1 84  ? -1.262  -7.873  10.334  1.00 27.62 ?  108 GLU A OE1 1 
ATOM   721  O OE2 . GLU A 1 84  ? -2.359  -6.595  11.749  1.00 28.65 ?  108 GLU A OE2 1 
ATOM   722  N N   . THR A 1 85  ? 3.421   -7.751  11.888  1.00 21.64 ?  109 THR A N   1 
ATOM   723  C CA  . THR A 1 85  ? 4.253   -6.646  11.452  1.00 21.86 ?  109 THR A CA  1 
ATOM   724  C C   . THR A 1 85  ? 3.490   -5.980  10.308  1.00 22.86 ?  109 THR A C   1 
ATOM   725  O O   . THR A 1 85  ? 3.159   -6.646  9.329   1.00 22.00 ?  109 THR A O   1 
ATOM   726  C CB  . THR A 1 85  ? 5.608   -7.163  10.945  1.00 24.27 ?  109 THR A CB  1 
ATOM   727  O OG1 . THR A 1 85  ? 6.280   -7.848  12.013  1.00 27.90 ?  109 THR A OG1 1 
ATOM   728  C CG2 . THR A 1 85  ? 6.469   -6.034  10.500  1.00 23.73 ?  109 THR A CG2 1 
ATOM   729  N N   . PHE A 1 86  ? 3.208   -4.685  10.451  1.00 20.34 ?  110 PHE A N   1 
ATOM   730  C CA  . PHE A 1 86  ? 2.274   -3.963  9.574   1.00 17.13 ?  110 PHE A CA  1 
ATOM   731  C C   . PHE A 1 86  ? 2.984   -2.750  8.987   1.00 15.95 ?  110 PHE A C   1 
ATOM   732  O O   . PHE A 1 86  ? 3.441   -1.862  9.714   1.00 16.96 ?  110 PHE A O   1 
ATOM   733  C CB  . PHE A 1 86  ? 1.072   -3.524  10.418  1.00 19.90 ?  110 PHE A CB  1 
ATOM   734  C CG  . PHE A 1 86  ? -0.051  -2.826  9.656   1.00 18.00 ?  110 PHE A CG  1 
ATOM   735  C CD1 . PHE A 1 86  ? 0.108   -1.552  9.143   1.00 17.79 ?  110 PHE A CD1 1 
ATOM   736  C CD2 . PHE A 1 86  ? -1.294  -3.428  9.526   1.00 18.15 ?  110 PHE A CD2 1 
ATOM   737  C CE1 . PHE A 1 86  ? -0.941  -0.904  8.497   1.00 17.19 ?  110 PHE A CE1 1 
ATOM   738  C CE2 . PHE A 1 86  ? -2.339  -2.777  8.869   1.00 18.01 ?  110 PHE A CE2 1 
ATOM   739  C CZ  . PHE A 1 86  ? -2.154  -1.524  8.359   1.00 18.82 ?  110 PHE A CZ  1 
ATOM   740  N N   . PHE A 1 87  ? 3.064   -2.701  7.659   1.00 12.78 ?  111 PHE A N   1 
ATOM   741  C CA  . PHE A 1 87  ? 3.672   -1.573  6.947   1.00 15.68 ?  111 PHE A CA  1 
ATOM   742  C C   . PHE A 1 87  ? 2.637   -1.026  5.979   1.00 11.22 ?  111 PHE A C   1 
ATOM   743  O O   . PHE A 1 87  ? 1.881   -1.784  5.377   1.00 13.23 ?  111 PHE A O   1 
ATOM   744  C CB  . PHE A 1 87  ? 4.931   -2.005  6.173   1.00 14.17 ?  111 PHE A CB  1 
ATOM   745  C CG  . PHE A 1 87  ? 6.165   -2.153  7.028   1.00 20.13 ?  111 PHE A CG  1 
ATOM   746  C CD1 . PHE A 1 87  ? 6.321   -3.237  7.882   1.00 22.65 ?  111 PHE A CD1 1 
ATOM   747  C CD2 . PHE A 1 87  ? 7.177   -1.212  6.952   1.00 21.25 ?  111 PHE A CD2 1 
ATOM   748  C CE1 . PHE A 1 87  ? 7.478   -3.368  8.658   1.00 25.94 ?  111 PHE A CE1 1 
ATOM   749  C CE2 . PHE A 1 87  ? 8.330   -1.340  7.720   1.00 24.90 ?  111 PHE A CE2 1 
ATOM   750  C CZ  . PHE A 1 87  ? 8.476   -2.412  8.573   1.00 24.22 ?  111 PHE A CZ  1 
ATOM   751  N N   A MET A 1 88  ? 2.574   0.293   5.856   0.52 13.33 ?  112 MET A N   1 
ATOM   752  N N   B MET A 1 88  ? 2.649   0.285   5.790   0.48 13.30 ?  112 MET A N   1 
ATOM   753  C CA  A MET A 1 88  ? 1.643   0.909   4.916   0.52 11.67 ?  112 MET A CA  1 
ATOM   754  C CA  B MET A 1 88  ? 1.664   0.923   4.933   0.48 11.66 ?  112 MET A CA  1 
ATOM   755  C C   A MET A 1 88  ? 2.308   2.075   4.204   0.52 14.65 ?  112 MET A C   1 
ATOM   756  C C   B MET A 1 88  ? 2.279   2.121   4.223   0.48 14.70 ?  112 MET A C   1 
ATOM   757  O O   A MET A 1 88  ? 3.251   2.678   4.717   0.52 14.79 ?  112 MET A O   1 
ATOM   758  O O   B MET A 1 88  ? 3.178   2.777   4.745   0.48 14.99 ?  112 MET A O   1 
ATOM   759  C CB  A MET A 1 88  ? 0.345   1.341   5.626   0.52 13.86 ?  112 MET A CB  1 
ATOM   760  C CB  B MET A 1 88  ? 0.410   1.268   5.760   0.48 13.82 ?  112 MET A CB  1 
ATOM   761  C CG  A MET A 1 88  ? -0.790  1.819   4.692   0.52 11.12 ?  112 MET A CG  1 
ATOM   762  C CG  B MET A 1 88  ? -0.362  2.522   5.368   0.48 22.17 ?  112 MET A CG  1 
ATOM   763  S SD  A MET A 1 88  ? -2.390  1.906   5.524   0.52 17.00 ?  112 MET A SD  1 
ATOM   764  S SD  B MET A 1 88  ? -1.708  2.826   6.528   0.48 27.32 ?  112 MET A SD  1 
ATOM   765  C CE  A MET A 1 88  ? -1.929  2.913   6.926   0.52 30.35 ?  112 MET A CE  1 
ATOM   766  C CE  B MET A 1 88  ? -2.998  1.803   5.803   0.48 29.01 ?  112 MET A CE  1 
ATOM   767  N N   . CYS A 1 89  ? 1.835   2.353   2.994   1.00 12.34 ?  113 CYS A N   1 
ATOM   768  C CA  . CYS A 1 89  ? 2.262   3.527   2.252   1.00 12.12 ?  113 CYS A CA  1 
ATOM   769  C C   . CYS A 1 89  ? 1.114   3.992   1.376   1.00 13.53 ?  113 CYS A C   1 
ATOM   770  O O   . CYS A 1 89  ? 0.217   3.214   1.022   1.00 13.94 ?  113 CYS A O   1 
ATOM   771  C CB  . CYS A 1 89  ? 3.509   3.247   1.396   1.00 14.96 ?  113 CYS A CB  1 
ATOM   772  S SG  . CYS A 1 89  ? 3.324   1.931   0.181   1.00 16.81 ?  113 CYS A SG  1 
ATOM   773  N N   . SER A 1 90  ? 1.126   5.272   1.047   1.00 12.89 ?  114 SER A N   1 
ATOM   774  C CA  . SER A 1 90  ? 0.220   5.810   0.061   1.00 13.56 ?  114 SER A CA  1 
ATOM   775  C C   . SER A 1 90  ? 0.967   6.754   -0.865  1.00 13.63 ?  114 SER A C   1 
ATOM   776  O O   . SER A 1 90  ? 2.087   7.191   -0.563  1.00 13.94 ?  114 SER A O   1 
ATOM   777  C CB  . SER A 1 90  ? -0.993  6.482   0.712   1.00 14.88 ?  114 SER A CB  1 
ATOM   778  O OG  . SER A 1 90  ? -0.660  7.700   1.360   1.00 18.40 ?  114 SER A OG  1 
ATOM   779  N N   . CYS A 1 91  ? 0.365   7.047   -2.011  1.00 12.66 ?  115 CYS A N   1 
ATOM   780  C CA  . CYS A 1 91  ? 1.053   7.810   -3.040  1.00 11.91 ?  115 CYS A CA  1 
ATOM   781  C C   . CYS A 1 91  ? 0.051   8.236   -4.090  1.00 14.99 ?  115 CYS A C   1 
ATOM   782  O O   . CYS A 1 91  ? -1.011  7.634   -4.203  1.00 12.98 ?  115 CYS A O   1 
ATOM   783  C CB  . CYS A 1 91  ? 2.176   6.968   -3.648  1.00 14.74 ?  115 CYS A CB  1 
ATOM   784  S SG  . CYS A 1 91  ? 1.645   5.344   -4.231  1.00 15.03 ?  115 CYS A SG  1 
ATOM   785  N N   . SER A 1 92  ? 0.389   9.254   -4.884  1.00 15.11 ?  116 SER A N   1 
ATOM   786  C CA  . SER A 1 92  ? -0.597  9.874   -5.759  1.00 16.76 ?  116 SER A CA  1 
ATOM   787  C C   . SER A 1 92  ? -0.181  9.942   -7.226  1.00 22.64 ?  116 SER A C   1 
ATOM   788  O O   . SER A 1 92  ? -0.645  10.814  -7.962  1.00 28.77 ?  116 SER A O   1 
ATOM   789  C CB  . SER A 1 92  ? -0.969  11.269  -5.245  1.00 23.59 ?  116 SER A CB  1 
ATOM   790  O OG  . SER A 1 92  ? 0.178   11.954  -4.789  1.00 29.54 ?  116 SER A OG  1 
ATOM   791  N N   A SER A 1 93  ? 0.700   9.039   -7.644  0.68 16.66 ?  117 SER A N   1 
ATOM   792  N N   B SER A 1 93  ? 0.678   9.014   -7.639  0.32 16.74 ?  117 SER A N   1 
ATOM   793  C CA  A SER A 1 93  ? 1.037   8.907   -9.066  0.68 14.70 ?  117 SER A CA  1 
ATOM   794  C CA  B SER A 1 93  ? 1.060   8.868   -9.042  0.32 14.88 ?  117 SER A CA  1 
ATOM   795  C C   A SER A 1 93  ? 0.544   7.557   -9.603  0.68 16.28 ?  117 SER A C   1 
ATOM   796  C C   B SER A 1 93  ? 0.461   7.573   -9.586  0.32 16.41 ?  117 SER A C   1 
ATOM   797  O O   A SER A 1 93  ? 0.377   6.603   -8.846  0.68 14.98 ?  117 SER A O   1 
ATOM   798  O O   B SER A 1 93  ? 0.150   6.663   -8.819  0.32 15.64 ?  117 SER A O   1 
ATOM   799  C CB  A SER A 1 93  ? 2.537   9.092   -9.306  0.68 18.72 ?  117 SER A CB  1 
ATOM   800  C CB  B SER A 1 93  ? 2.580   8.852   -9.179  0.32 18.75 ?  117 SER A CB  1 
ATOM   801  O OG  A SER A 1 93  ? 3.301   8.043   -8.736  0.68 21.22 ?  117 SER A OG  1 
ATOM   802  O OG  B SER A 1 93  ? 3.134   10.076  -8.735  0.32 22.99 ?  117 SER A OG  1 
ATOM   803  N N   . ASP A 1 94  ? 0.287   7.479   -10.898 1.00 16.61 ?  118 ASP A N   1 
ATOM   804  C CA  . ASP A 1 94  ? -0.359  6.304   -11.485 1.00 14.04 ?  118 ASP A CA  1 
ATOM   805  C C   . ASP A 1 94  ? 0.338   5.002   -11.155 1.00 13.75 ?  118 ASP A C   1 
ATOM   806  O O   . ASP A 1 94  ? 1.546   4.859   -11.348 1.00 14.62 ?  118 ASP A O   1 
ATOM   807  C CB  . ASP A 1 94  ? -0.461  6.427   -13.001 1.00 14.09 ?  118 ASP A CB  1 
ATOM   808  C CG  . ASP A 1 94  ? -1.336  7.580   -13.433 1.00 18.87 ?  118 ASP A CG  1 
ATOM   809  O OD1 . ASP A 1 94  ? -2.480  7.677   -12.933 1.00 19.35 ?  118 ASP A OD1 1 
ATOM   810  O OD2 . ASP A 1 94  ? -0.876  8.375   -14.280 1.00 25.46 ?  118 ASP A OD2 1 
ATOM   811  N N   . GLU A 1 95  ? -0.452  4.066   -10.635 1.00 13.70 ?  119 GLU A N   1 
ATOM   812  C CA  . GLU A 1 95  ? 0.009   2.730   -10.298 1.00 13.19 ?  119 GLU A CA  1 
ATOM   813  C C   . GLU A 1 95  ? 1.172   2.754   -9.324  1.00 11.56 ?  119 GLU A C   1 
ATOM   814  O O   . GLU A 1 95  ? 1.930   1.791   -9.234  1.00 12.15 ?  119 GLU A O   1 
ATOM   815  C CB  . GLU A 1 95  ? 0.375   1.938   -11.563 1.00 14.04 ?  119 GLU A CB  1 
ATOM   816  C CG  . GLU A 1 95  ? -0.815  1.678   -12.455 1.00 21.94 ?  119 GLU A CG  1 
ATOM   817  C CD  . GLU A 1 95  ? -0.446  0.937   -13.722 1.00 31.15 ?  119 GLU A CD  1 
ATOM   818  O OE1 . GLU A 1 95  ? 0.466   1.393   -14.441 1.00 44.05 ?  119 GLU A OE1 1 
ATOM   819  O OE2 . GLU A 1 95  ? -1.059  -0.111  -13.997 1.00 31.71 ?  119 GLU A OE2 1 
ATOM   820  N N   . CYS A 1 96  ? 1.294   3.821   -8.541  1.00 12.68 ?  120 CYS A N   1 
ATOM   821  C CA  . CYS A 1 96  ? 2.447   3.923   -7.645  1.00 13.52 ?  120 CYS A CA  1 
ATOM   822  C C   . CYS A 1 96  ? 2.473   2.850   -6.547  1.00 11.58 ?  120 CYS A C   1 
ATOM   823  O O   . CYS A 1 96  ? 3.532   2.511   -6.034  1.00 13.57 ?  120 CYS A O   1 
ATOM   824  C CB  . CYS A 1 96  ? 2.573   5.337   -7.070  1.00 14.16 ?  120 CYS A CB  1 
ATOM   825  S SG  . CYS A 1 96  ? 1.117   5.862   -6.139  1.00 15.54 ?  120 CYS A SG  1 
ATOM   826  N N   . ASN A 1 97  ? 1.303   2.311   -6.202  1.00 9.49  ?  121 ASN A N   1 
ATOM   827  C CA  . ASN A 1 97  ? 1.253   1.200   -5.254  1.00 9.52  ?  121 ASN A CA  1 
ATOM   828  C C   . ASN A 1 97  ? 1.618   -0.152  -5.859  1.00 11.07 ?  121 ASN A C   1 
ATOM   829  O O   . ASN A 1 97  ? 1.515   -1.181  -5.205  1.00 13.37 ?  121 ASN A O   1 
ATOM   830  C CB  . ASN A 1 97  ? -0.105  1.156   -4.531  1.00 8.33  ?  121 ASN A CB  1 
ATOM   831  C CG  . ASN A 1 97  ? -1.278  0.888   -5.461  1.00 9.64  ?  121 ASN A CG  1 
ATOM   832  O OD1 . ASN A 1 97  ? -1.192  1.048   -6.679  1.00 9.93  ?  121 ASN A OD1 1 
ATOM   833  N ND2 . ASN A 1 97  ? -2.413  0.524   -4.876  1.00 10.38 ?  121 ASN A ND2 1 
ATOM   834  N N   . ASP A 1 98  ? 2.093   -0.139  -7.097  1.00 10.86 ?  122 ASP A N   1 
ATOM   835  C CA  . ASP A 1 98  ? 2.626   -1.345  -7.748  1.00 13.99 ?  122 ASP A CA  1 
ATOM   836  C C   . ASP A 1 98  ? 4.091   -1.551  -7.389  1.00 15.14 ?  122 ASP A C   1 
ATOM   837  O O   . ASP A 1 98  ? 4.625   -2.637  -7.614  1.00 18.21 ?  122 ASP A O   1 
ATOM   838  C CB  . ASP A 1 98  ? 2.505   -1.217  -9.271  1.00 11.79 ?  122 ASP A CB  1 
ATOM   839  C CG  . ASP A 1 98  ? 2.836   -2.509  -10.011 1.00 21.45 ?  122 ASP A CG  1 
ATOM   840  O OD1 . ASP A 1 98  ? 2.466   -3.608  -9.535  1.00 17.09 ?  122 ASP A OD1 1 
ATOM   841  O OD2 . ASP A 1 98  ? 3.452   -2.428  -11.103 1.00 25.33 ?  122 ASP A OD2 1 
ATOM   842  N N   . ASN A 1 99  ? 4.751   -0.520  -6.861  1.00 12.73 ?  123 ASN A N   1 
ATOM   843  C CA  . ASN A 1 99  ? 6.158   -0.650  -6.468  1.00 14.00 ?  123 ASN A CA  1 
ATOM   844  C C   . ASN A 1 99  ? 6.335   -0.182  -5.033  1.00 13.57 ?  123 ASN A C   1 
ATOM   845  O O   . ASN A 1 99  ? 6.358   1.021   -4.752  1.00 16.31 ?  123 ASN A O   1 
ATOM   846  C CB  . ASN A 1 99  ? 7.055   0.160   -7.397  1.00 12.50 ?  123 ASN A CB  1 
ATOM   847  C CG  . ASN A 1 99  ? 8.528   -0.076  -7.115  1.00 15.59 ?  123 ASN A CG  1 
ATOM   848  O OD1 . ASN A 1 99  ? 8.917   -1.141  -6.598  1.00 18.85 ?  123 ASN A OD1 1 
ATOM   849  N ND2 . ASN A 1 99  ? 9.340   0.934   -7.399  1.00 16.78 ?  123 ASN A ND2 1 
ATOM   850  N N   . ILE A 1 100 ? 6.428   -1.128  -4.113  1.00 12.22 ?  124 ILE A N   1 
ATOM   851  C CA  . ILE A 1 100 ? 6.467   -0.745  -2.702  1.00 14.79 ?  124 ILE A CA  1 
ATOM   852  C C   . ILE A 1 100 ? 7.918   -0.745  -2.242  1.00 14.39 ?  124 ILE A C   1 
ATOM   853  O O   . ILE A 1 100 ? 8.654   -1.694  -2.484  1.00 16.29 ?  124 ILE A O   1 
ATOM   854  C CB  . ILE A 1 100 ? 5.553   -1.611  -1.827  1.00 18.01 ?  124 ILE A CB  1 
ATOM   855  C CG1 . ILE A 1 100 ? 5.972   -3.079  -1.882  1.00 18.85 ?  124 ILE A CG1 1 
ATOM   856  C CG2 . ILE A 1 100 ? 4.089   -1.440  -2.283  1.00 17.30 ?  124 ILE A CG2 1 
ATOM   857  C CD1 . ILE A 1 100 ? 5.176   -3.976  -0.942  1.00 21.40 ?  124 ILE A CD1 1 
ATOM   858  N N   A ILE A 1 101 ? 8.320   0.348   -1.597  0.45 14.36 ?  125 ILE A N   1 
ATOM   859  N N   B ILE A 1 101 ? 8.340   0.337   -1.606  0.55 14.39 ?  125 ILE A N   1 
ATOM   860  C CA  A ILE A 1 101 ? 9.714   0.552   -1.202  0.45 13.65 ?  125 ILE A CA  1 
ATOM   861  C CA  B ILE A 1 101 ? 9.744   0.488   -1.247  0.55 13.48 ?  125 ILE A CA  1 
ATOM   862  C C   A ILE A 1 101 ? 9.872   0.433   0.303   0.45 14.94 ?  125 ILE A C   1 
ATOM   863  C C   B ILE A 1 101 ? 9.921   0.472   0.267   0.55 15.00 ?  125 ILE A C   1 
ATOM   864  O O   A ILE A 1 101 ? 9.169   1.098   1.060   0.45 16.15 ?  125 ILE A O   1 
ATOM   865  O O   B ILE A 1 101 ? 9.269   1.232   0.988   0.55 16.11 ?  125 ILE A O   1 
ATOM   866  C CB  A ILE A 1 101 ? 10.219  1.952   -1.617  0.45 17.66 ?  125 ILE A CB  1 
ATOM   867  C CB  B ILE A 1 101 ? 10.320  1.790   -1.839  0.55 19.02 ?  125 ILE A CB  1 
ATOM   868  C CG1 A ILE A 1 101 ? 9.725   2.314   -3.018  0.45 17.73 ?  125 ILE A CG1 1 
ATOM   869  C CG1 B ILE A 1 101 ? 10.279  1.737   -3.371  0.55 18.17 ?  125 ILE A CG1 1 
ATOM   870  C CG2 A ILE A 1 101 ? 11.741  2.019   -1.527  0.45 18.00 ?  125 ILE A CG2 1 
ATOM   871  C CG2 B ILE A 1 101 ? 11.740  2.016   -1.354  0.55 17.92 ?  125 ILE A CG2 1 
ATOM   872  C CD1 A ILE A 1 101 ? 10.269  1.425   -4.106  0.45 16.16 ?  125 ILE A CD1 1 
ATOM   873  C CD1 B ILE A 1 101 ? 9.179   2.558   -3.985  0.55 16.96 ?  125 ILE A CD1 1 
ATOM   874  N N   . PHE A 1 102 ? 10.811  -0.395  0.741   1.00 15.24 ?  126 PHE A N   1 
ATOM   875  C CA  . PHE A 1 102 ? 11.067  -0.538  2.172   1.00 20.78 ?  126 PHE A CA  1 
ATOM   876  C C   . PHE A 1 102 ? 12.334  0.200   2.620   1.00 24.22 ?  126 PHE A C   1 
ATOM   877  O O   . PHE A 1 102 ? 12.438  0.595   3.776   1.00 35.63 ?  126 PHE A O   1 
ATOM   878  C CB  . PHE A 1 102 ? 11.117  -2.018  2.557   1.00 17.44 ?  126 PHE A CB  1 
ATOM   879  C CG  . PHE A 1 102 ? 9.784   -2.703  2.465   1.00 16.39 ?  126 PHE A CG  1 
ATOM   880  C CD1 . PHE A 1 102 ? 8.898   -2.663  3.534   1.00 18.31 ?  126 PHE A CD1 1 
ATOM   881  C CD2 . PHE A 1 102 ? 9.397   -3.347  1.304   1.00 20.92 ?  126 PHE A CD2 1 
ATOM   882  C CE1 . PHE A 1 102 ? 7.653   -3.275  3.442   1.00 18.77 ?  126 PHE A CE1 1 
ATOM   883  C CE2 . PHE A 1 102 ? 8.151   -3.964  1.212   1.00 21.01 ?  126 PHE A CE2 1 
ATOM   884  C CZ  . PHE A 1 102 ? 7.284   -3.924  2.286   1.00 17.21 ?  126 PHE A CZ  1 
ATOM   885  N N   . SER A 1 103 ? 13.280  0.393   1.706   1.00 31.06 ?  127 SER A N   1 
ATOM   886  C CA  . SER A 1 103 ? 14.469  1.201   1.991   1.00 40.00 ?  127 SER A CA  1 
ATOM   887  C C   . SER A 1 103 ? 14.210  2.693   1.778   1.00 49.24 ?  127 SER A C   1 
ATOM   888  O O   . SER A 1 103 ? 13.800  3.406   2.699   1.00 56.56 ?  127 SER A O   1 
ATOM   889  C CB  . SER A 1 103 ? 15.638  0.754   1.113   1.00 50.53 ?  127 SER A CB  1 
ATOM   890  O OG  . SER A 1 103 ? 15.967  -0.597  1.358   1.00 60.12 ?  127 SER A OG  1 
HETATM 891  N N1  A 1PS B 2 .   ? 10.140  -5.501  4.990   0.30 31.69 1  201 1PS A N1  1 
HETATM 892  N N1  B 1PS B 2 .   ? 10.108  -5.407  5.054   0.48 31.76 1  201 1PS A N1  1 
HETATM 893  C C1  A 1PS B 2 .   ? 9.175   -6.133  4.307   0.30 26.88 ?  201 1PS A C1  1 
HETATM 894  C C1  B 1PS B 2 .   ? 9.154   -6.054  4.366   0.48 26.92 ?  201 1PS A C1  1 
HETATM 895  C C2  A 1PS B 2 .   ? 9.387   -6.558  2.979   0.30 27.09 ?  201 1PS A C2  1 
HETATM 896  C C2  B 1PS B 2 .   ? 9.393   -6.534  3.064   0.48 27.14 ?  201 1PS A C2  1 
HETATM 897  C C3  A 1PS B 2 .   ? 11.344  -5.254  4.456   0.30 26.72 ?  201 1PS A C3  1 
HETATM 898  C C3  B 1PS B 2 .   ? 11.330  -5.189  4.545   0.48 26.72 ?  201 1PS A C3  1 
HETATM 899  C C4  A 1PS B 2 .   ? 11.632  -5.651  3.135   0.30 28.50 ?  201 1PS A C4  1 
HETATM 900  C C4  B 1PS B 2 .   ? 11.645  -5.645  3.252   0.48 28.41 ?  201 1PS A C4  1 
HETATM 901  C C5  A 1PS B 2 .   ? 10.641  -6.311  2.380   0.30 24.30 ?  201 1PS A C5  1 
HETATM 902  C C5  B 1PS B 2 .   ? 10.668  -6.321  2.494   0.48 24.33 ?  201 1PS A C5  1 
HETATM 903  C C6  A 1PS B 2 .   ? 9.882   -5.083  6.361   0.30 32.02 ?  201 1PS A C6  1 
HETATM 904  C C6  B 1PS B 2 .   ? 9.818   -4.928  6.397   0.48 32.00 ?  201 1PS A C6  1 
HETATM 905  C C7  A 1PS B 2 .   ? 10.400  -6.180  7.260   0.30 37.63 ?  201 1PS A C7  1 
HETATM 906  C C7  B 1PS B 2 .   ? 10.638  -5.720  7.384   0.48 39.24 ?  201 1PS A C7  1 
HETATM 907  C C8  A 1PS B 2 .   ? 10.391  -5.742  8.699   0.30 39.68 ?  201 1PS A C8  1 
HETATM 908  C C8  B 1PS B 2 .   ? 10.131  -7.137  7.433   0.48 37.70 ?  201 1PS A C8  1 
HETATM 909  S S1  A 1PS B 2 .   ? 10.371  -7.198  9.702   0.30 52.35 ?  201 1PS A S1  1 
HETATM 910  S S1  B 1PS B 2 .   ? 10.275  -7.736  9.087   0.48 41.12 ?  201 1PS A S1  1 
HETATM 911  O O1  A 1PS B 2 .   ? 11.657  -7.872  9.703   0.30 55.43 ?  201 1PS A O1  1 
HETATM 912  O O1  B 1PS B 2 .   ? 11.495  -8.498  9.283   0.48 53.31 ?  201 1PS A O1  1 
HETATM 913  O O2  A 1PS B 2 .   ? 9.543   -8.223  9.107   0.30 42.04 ?  201 1PS A O2  1 
HETATM 914  O O2  B 1PS B 2 .   ? 9.272   -8.736  9.380   0.48 44.18 ?  201 1PS A O2  1 
HETATM 915  O O3  A 1PS B 2 .   ? 9.928   -6.887  11.055  0.30 54.31 -1 201 1PS A O3  1 
HETATM 916  O O3  B 1PS B 2 .   ? 10.184  -6.613  10.014  0.48 51.84 -1 201 1PS A O3  1 
HETATM 917  O O   . HOH C 3 .   ? 2.096   7.873   10.503  1.00 44.06 ?  301 HOH A O   1 
HETATM 918  O O   . HOH C 3 .   ? -4.147  -5.499  4.860   1.00 20.98 ?  302 HOH A O   1 
HETATM 919  O O   . HOH C 3 .   ? -5.172  0.245   14.069  1.00 40.94 ?  303 HOH A O   1 
HETATM 920  O O   . HOH C 3 .   ? -11.821 -2.472  -1.133  1.00 28.80 ?  304 HOH A O   1 
HETATM 921  O O   . HOH C 3 .   ? 10.913  8.104   -4.092  1.00 41.41 ?  305 HOH A O   1 
HETATM 922  O O   . HOH C 3 .   ? -0.641  15.360  7.366   1.00 45.48 ?  306 HOH A O   1 
HETATM 923  O O   . HOH C 3 .   ? -1.935  -10.129 9.194   1.00 29.76 ?  307 HOH A O   1 
HETATM 924  O O   . HOH C 3 .   ? -15.008 5.562   -3.412  1.00 51.94 ?  308 HOH A O   1 
HETATM 925  O O   . HOH C 3 .   ? -14.775 9.893   0.057   1.00 29.85 ?  309 HOH A O   1 
HETATM 926  O O   . HOH C 3 .   ? 20.293  -5.559  -3.997  1.00 37.69 ?  310 HOH A O   1 
HETATM 927  O O   . HOH C 3 .   ? 5.598   6.615   -8.802  1.00 36.81 ?  311 HOH A O   1 
HETATM 928  O O   . HOH C 3 .   ? 1.297   -13.545 14.254  1.00 32.93 ?  312 HOH A O   1 
HETATM 929  O O   . HOH C 3 .   ? -6.673  -13.082 -1.077  1.00 26.08 ?  313 HOH A O   1 
HETATM 930  O O   . HOH C 3 .   ? -6.911  13.996  -8.819  1.00 31.51 ?  314 HOH A O   1 
HETATM 931  O O   . HOH C 3 .   ? -10.122 -6.045  -5.814  1.00 26.27 ?  315 HOH A O   1 
HETATM 932  O O   . HOH C 3 .   ? 3.925   -0.700  -13.111 1.00 35.15 ?  316 HOH A O   1 
HETATM 933  O O   . HOH C 3 .   ? -9.766  14.029  -0.072  1.00 37.87 ?  317 HOH A O   1 
HETATM 934  O O   . HOH C 3 .   ? 17.790  -9.275  -0.342  1.00 41.51 ?  318 HOH A O   1 
HETATM 935  O O   . HOH C 3 .   ? -9.210  -4.396  1.058   1.00 28.60 ?  319 HOH A O   1 
HETATM 936  O O   . HOH C 3 .   ? 0.297   5.775   13.703  1.00 41.59 ?  320 HOH A O   1 
HETATM 937  O O   . HOH C 3 .   ? -5.776  11.766  -8.935  1.00 35.79 ?  321 HOH A O   1 
HETATM 938  O O   . HOH C 3 .   ? 8.866   3.370   -8.620  1.00 25.20 ?  322 HOH A O   1 
HETATM 939  O O   . HOH C 3 .   ? -8.204  9.358   -7.814  1.00 19.98 ?  323 HOH A O   1 
HETATM 940  O O   . HOH C 3 .   ? -0.785  -11.113 6.422   1.00 23.47 ?  324 HOH A O   1 
HETATM 941  O O   . HOH C 3 .   ? -10.424 2.308   0.405   1.00 33.36 ?  325 HOH A O   1 
HETATM 942  O O   . HOH C 3 .   ? 1.792   3.297   14.781  1.00 41.79 ?  326 HOH A O   1 
HETATM 943  O O   . HOH C 3 .   ? -12.297 3.854   -6.044  1.00 29.92 ?  327 HOH A O   1 
HETATM 944  O O   . HOH C 3 .   ? 3.509   6.705   -12.127 1.00 27.24 ?  328 HOH A O   1 
HETATM 945  O O   . HOH C 3 .   ? 16.666  -5.811  -2.310  1.00 30.37 ?  329 HOH A O   1 
HETATM 946  O O   . HOH C 3 .   ? 10.423  -3.673  -7.065  1.00 24.84 ?  330 HOH A O   1 
HETATM 947  O O   . HOH C 3 .   ? -0.234  10.322  -12.331 1.00 32.00 ?  331 HOH A O   1 
HETATM 948  O O   . HOH C 3 .   ? -12.004 5.990   0.196   1.00 25.12 ?  332 HOH A O   1 
HETATM 949  O O   . HOH C 3 .   ? -10.156 3.180   9.319   1.00 22.31 ?  333 HOH A O   1 
HETATM 950  O O   . HOH C 3 .   ? -10.239 0.709   6.954   1.00 32.95 ?  334 HOH A O   1 
HETATM 951  O O   . HOH C 3 .   ? -10.766 -0.308  0.747   1.00 36.94 ?  335 HOH A O   1 
HETATM 952  O O   . HOH C 3 .   ? -3.958  -14.159 -3.052  1.00 36.67 ?  336 HOH A O   1 
HETATM 953  O O   . HOH C 3 .   ? -9.857  -8.763  -5.966  1.00 31.75 ?  337 HOH A O   1 
HETATM 954  O O   . HOH C 3 .   ? -2.597  7.637   12.039  1.00 28.67 ?  338 HOH A O   1 
HETATM 955  O O   . HOH C 3 .   ? -1.103  11.977  -10.868 1.00 38.65 ?  339 HOH A O   1 
HETATM 956  O O   . HOH C 3 .   ? 2.596   12.558  -10.965 1.00 44.45 ?  340 HOH A O   1 
HETATM 957  O O   . HOH C 3 .   ? 16.594  -8.148  3.510   1.00 44.62 ?  341 HOH A O   1 
HETATM 958  O O   . HOH C 3 .   ? -12.735 11.555  -10.797 1.00 26.68 ?  342 HOH A O   1 
HETATM 959  O O   . HOH C 3 .   ? -3.248  -10.918 13.114  1.00 41.60 ?  343 HOH A O   1 
HETATM 960  O O   . HOH C 3 .   ? -4.845  -9.433  15.117  1.00 50.62 ?  344 HOH A O   1 
HETATM 961  O O   . HOH C 3 .   ? 6.024   3.534   -5.613  1.00 16.02 ?  345 HOH A O   1 
HETATM 962  O O   . HOH C 3 .   ? -1.964  -6.968  3.699   1.00 16.41 ?  346 HOH A O   1 
HETATM 963  O O   . HOH C 3 .   ? -6.169  9.044   5.553   1.00 20.09 ?  347 HOH A O   1 
HETATM 964  O O   . HOH C 3 .   ? -2.534  -6.628  -3.718  1.00 15.47 ?  348 HOH A O   1 
HETATM 965  O O   . HOH C 3 .   ? 4.804   7.015   0.571   1.00 19.80 ?  349 HOH A O   1 
HETATM 966  O O   . HOH C 3 .   ? -1.061  -8.439  -5.203  1.00 19.75 ?  350 HOH A O   1 
HETATM 967  O O   . HOH C 3 .   ? 3.458   -6.046  -10.322 1.00 21.59 ?  351 HOH A O   1 
HETATM 968  O O   . HOH C 3 .   ? 3.452   -4.978  15.158  1.00 28.18 ?  352 HOH A O   1 
HETATM 969  O O   . HOH C 3 .   ? 1.589   13.844  2.068   1.00 28.01 ?  353 HOH A O   1 
HETATM 970  O O   . HOH C 3 .   ? 4.006   -3.594  12.929  1.00 25.17 ?  354 HOH A O   1 
HETATM 971  O O   . HOH C 3 .   ? 0.614   5.853   4.747   1.00 29.99 ?  355 HOH A O   1 
HETATM 972  O O   . HOH C 3 .   ? 9.074   -8.073  -6.348  1.00 30.20 ?  356 HOH A O   1 
HETATM 973  O O   . HOH C 3 .   ? 6.630   9.025   1.544   1.00 32.58 ?  357 HOH A O   1 
HETATM 974  O O   . HOH C 3 .   ? 9.114   1.911   9.427   1.00 34.16 ?  358 HOH A O   1 
HETATM 975  O O   . HOH C 3 .   ? -3.057  -12.864 -6.129  1.00 37.22 ?  359 HOH A O   1 
HETATM 976  O O   . HOH C 3 .   ? 3.325   -9.192  -3.864  1.00 29.73 ?  360 HOH A O   1 
HETATM 977  O O   . HOH C 3 .   ? -3.618  -10.216 -9.553  1.00 34.55 ?  361 HOH A O   1 
HETATM 978  O O   . HOH C 3 .   ? -4.977  11.351  -6.367  1.00 32.57 ?  362 HOH A O   1 
HETATM 979  O O   . HOH C 3 .   ? -1.598  -10.740 -6.517  1.00 32.89 ?  363 HOH A O   1 
HETATM 980  O O   . HOH C 3 .   ? 2.577   -15.743 2.418   1.00 36.30 ?  364 HOH A O   1 
HETATM 981  O O   . HOH C 3 .   ? 4.504   -11.626 -4.257  1.00 39.64 ?  365 HOH A O   1 
HETATM 982  O O   . HOH C 3 .   ? -5.974  13.688  -2.612  1.00 34.03 ?  366 HOH A O   1 
HETATM 983  O O   . HOH C 3 .   ? -12.696 4.955   6.570   1.00 39.83 ?  367 HOH A O   1 
HETATM 984  O O   . HOH C 3 .   ? 1.836   -3.736  -13.226 1.00 43.43 ?  368 HOH A O   1 
HETATM 985  O O   . HOH C 3 .   ? 5.846   -9.035  -4.529  1.00 35.97 ?  369 HOH A O   1 
HETATM 986  O O   . HOH C 3 .   ? 3.786   -3.033  16.385  1.00 38.91 ?  370 HOH A O   1 
HETATM 987  O O   . HOH C 3 .   ? 3.119   5.294   5.662   1.00 34.87 ?  371 HOH A O   1 
HETATM 988  O O   . HOH C 3 .   ? -2.529  14.027  -2.524  1.00 50.26 ?  372 HOH A O   1 
HETATM 989  O O   . HOH C 3 .   ? -1.497  16.010  -3.759  1.00 49.92 ?  373 HOH A O   1 
HETATM 990  O O   . HOH C 3 .   ? -6.536  -3.842  -15.043 1.00 39.60 ?  374 HOH A O   1 
HETATM 991  O O   . HOH C 3 .   ? -12.049 2.278   -8.491  1.00 36.56 ?  375 HOH A O   1 
HETATM 992  O O   . HOH C 3 .   ? -7.197  15.235  -0.312  1.00 42.38 ?  376 HOH A O   1 
HETATM 993  O O   . HOH C 3 .   ? -11.204 1.194   -13.957 1.00 27.06 ?  377 HOH A O   1 
HETATM 994  O O   . HOH C 3 .   ? 0.655   -10.609 -4.198  1.00 33.54 ?  378 HOH A O   1 
HETATM 995  O O   . HOH C 3 .   ? 10.518  -0.224  11.137  1.00 43.32 ?  379 HOH A O   1 
HETATM 996  O O   . HOH C 3 .   ? 4.243   13.907  1.219   1.00 44.47 ?  380 HOH A O   1 
HETATM 997  O O   . HOH C 3 .   ? 1.222   -6.826  -12.107 1.00 36.69 ?  381 HOH A O   1 
HETATM 998  O O   . HOH C 3 .   ? -11.374 -1.318  -12.411 1.00 43.55 ?  382 HOH A O   1 
HETATM 999  O O   . HOH C 3 .   ? -5.095  15.052  1.764   1.00 43.31 ?  383 HOH A O   1 
HETATM 1000 O O   . HOH C 3 .   ? -6.497  -10.680 -10.068 1.00 42.51 ?  384 HOH A O   1 
HETATM 1001 O O   . HOH C 3 .   ? 0.725   -9.149  -12.551 1.00 50.01 ?  385 HOH A O   1 
HETATM 1002 O O   . HOH C 3 .   ? 1.694   16.578  2.662   1.00 42.79 ?  386 HOH A O   1 
HETATM 1003 O O   . HOH C 3 .   ? 0.132   -10.896 -11.321 1.00 49.24 ?  387 HOH A O   1 
HETATM 1004 O O   . HOH C 3 .   ? -7.528  0.963   -16.725 1.00 46.27 ?  388 HOH A O   1 
HETATM 1005 O O   . HOH C 3 .   ? -9.769  0.850   -16.892 1.00 46.31 ?  389 HOH A O   1 
HETATM 1006 O O   . HOH C 3 .   ? 12.987  6.927   1.316   1.00 45.69 ?  390 HOH A O   1 
# 
